data_1JWF
# 
_entry.id   1JWF 
# 
_audit_conform.dict_name       mmcif_pdbx.dic 
_audit_conform.dict_version    5.397 
_audit_conform.dict_location   http://mmcif.pdb.org/dictionaries/ascii/mmcif_pdbx.dic 
# 
loop_
_database_2.database_id 
_database_2.database_code 
_database_2.pdbx_database_accession 
_database_2.pdbx_DOI 
PDB   1JWF         pdb_00001jwf 10.2210/pdb1jwf/pdb 
RCSB  RCSB014262   ?            ?                   
WWPDB D_1000014262 ?            ?                   
# 
loop_
_pdbx_audit_revision_history.ordinal 
_pdbx_audit_revision_history.data_content_type 
_pdbx_audit_revision_history.major_revision 
_pdbx_audit_revision_history.minor_revision 
_pdbx_audit_revision_history.revision_date 
1 'Structure model' 1 0 2002-03-06 
2 'Structure model' 1 1 2008-04-27 
3 'Structure model' 1 2 2011-07-13 
4 'Structure model' 1 3 2018-06-20 
5 'Structure model' 1 4 2024-10-23 
# 
_pdbx_audit_revision_details.ordinal             1 
_pdbx_audit_revision_details.revision_ordinal    1 
_pdbx_audit_revision_details.data_content_type   'Structure model' 
_pdbx_audit_revision_details.provider            repository 
_pdbx_audit_revision_details.type                'Initial release' 
_pdbx_audit_revision_details.description         ? 
_pdbx_audit_revision_details.details             ? 
# 
loop_
_pdbx_audit_revision_group.ordinal 
_pdbx_audit_revision_group.revision_ordinal 
_pdbx_audit_revision_group.data_content_type 
_pdbx_audit_revision_group.group 
1 2 'Structure model' 'Version format compliance' 
2 3 'Structure model' 'Version format compliance' 
3 4 'Structure model' 'Data collection'           
4 4 'Structure model' 'Structure summary'         
5 5 'Structure model' 'Data collection'           
6 5 'Structure model' 'Database references'       
7 5 'Structure model' 'Structure summary'         
# 
loop_
_pdbx_audit_revision_category.ordinal 
_pdbx_audit_revision_category.revision_ordinal 
_pdbx_audit_revision_category.data_content_type 
_pdbx_audit_revision_category.category 
1 4 'Structure model' audit_author              
2 5 'Structure model' chem_comp_atom            
3 5 'Structure model' chem_comp_bond            
4 5 'Structure model' database_2                
5 5 'Structure model' pdbx_entry_details        
6 5 'Structure model' pdbx_modification_feature 
# 
loop_
_pdbx_audit_revision_item.ordinal 
_pdbx_audit_revision_item.revision_ordinal 
_pdbx_audit_revision_item.data_content_type 
_pdbx_audit_revision_item.item 
1 4 'Structure model' '_audit_author.name'                  
2 5 'Structure model' '_database_2.pdbx_DOI'                
3 5 'Structure model' '_database_2.pdbx_database_accession' 
# 
_pdbx_database_status.status_code                     REL 
_pdbx_database_status.entry_id                        1JWF 
_pdbx_database_status.recvd_initial_deposition_date   2001-09-04 
_pdbx_database_status.deposit_site                    RCSB 
_pdbx_database_status.process_site                    PDBJ 
_pdbx_database_status.SG_entry                        . 
_pdbx_database_status.pdb_format_compatible           Y 
_pdbx_database_status.status_code_mr                  ? 
_pdbx_database_status.status_code_sf                  ? 
_pdbx_database_status.status_code_cs                  ? 
_pdbx_database_status.methods_development_category    ? 
_pdbx_database_status.status_code_nmr_data            ? 
# 
_pdbx_database_related.db_name        PDB 
_pdbx_database_related.db_id          1JWG 
_pdbx_database_related.details        '1JWG contains the same protein complexed with M6PR C-terminal Peptide.' 
_pdbx_database_related.content_type   unspecified 
# 
loop_
_audit_author.name 
_audit_author.pdbx_ordinal 
_audit_author.identifier_ORCID 
'Shiba, T.'     1  ? 
'Takatsu, H.'   2  ? 
'Nogi, T.'      3  ? 
'Matsugaki, N.' 4  ? 
'Kawasaki, M.'  5  ? 
'Igarashi, N.'  6  ? 
'Suzuki, M.'    7  ? 
'Kato, R.'      8  ? 
'Earnest, T.'   9  ? 
'Nakayama, K.'  10 ? 
'Wakatsuki, S.' 11 ? 
# 
_citation.id                        primary 
_citation.title                     'Structural basis for recognition of acidic-cluster dileucine sequence by GGA1.' 
_citation.journal_abbrev            Nature 
_citation.journal_volume            415 
_citation.page_first                937 
_citation.page_last                 941 
_citation.year                      2002 
_citation.journal_id_ASTM           NATUAS 
_citation.country                   UK 
_citation.journal_id_ISSN           0028-0836 
_citation.journal_id_CSD            0006 
_citation.book_publisher            ? 
_citation.pdbx_database_id_PubMed   11859376 
_citation.pdbx_database_id_DOI      10.1038/415937a 
# 
loop_
_citation_author.citation_id 
_citation_author.name 
_citation_author.ordinal 
_citation_author.identifier_ORCID 
primary 'Shiba, T.'     1  ? 
primary 'Takatsu, H.'   2  ? 
primary 'Nogi, T.'      3  ? 
primary 'Matsugaki, N.' 4  ? 
primary 'Kawasaki, M.'  5  ? 
primary 'Igarashi, N.'  6  ? 
primary 'Suzuki, M.'    7  ? 
primary 'Kato, R.'      8  ? 
primary 'Earnest, T.'   9  ? 
primary 'Nakayama, K.'  10 ? 
primary 'Wakatsuki, S.' 11 ? 
# 
loop_
_entity.id 
_entity.type 
_entity.src_method 
_entity.pdbx_description 
_entity.formula_weight 
_entity.pdbx_number_of_molecules 
_entity.pdbx_ec 
_entity.pdbx_mutation 
_entity.pdbx_fragment 
_entity.details 
1 polymer man 'ADP-ribosylation factor binding protein GGA1' 16814.436 1  ? ? 'VHS DOMAIN(N-terminal domain)' ? 
2 water   nat water                                          18.015    34 ? ? ?                               ? 
# 
_entity_poly.entity_id                      1 
_entity_poly.type                           'polypeptide(L)' 
_entity_poly.nstd_linkage                   no 
_entity_poly.nstd_monomer                   no 
_entity_poly.pdbx_seq_one_letter_code       
;MEPAMEPETLEARINRATNPLNKELDWASINGFCEQLNEDFEGPPLATRLLAHKIQSPQEWEAIQALTVLETCMKSCGKR
FHDEVGKFRFLNELIKVVSPKYLGSRTSEKVKNKILELLYSWTVGLPEEVKIAEAYQMLKKQGIVKS
;
_entity_poly.pdbx_seq_one_letter_code_can   
;MEPAMEPETLEARINRATNPLNKELDWASINGFCEQLNEDFEGPPLATRLLAHKIQSPQEWEAIQALTVLETCMKSCGKR
FHDEVGKFRFLNELIKVVSPKYLGSRTSEKVKNKILELLYSWTVGLPEEVKIAEAYQMLKKQGIVKS
;
_entity_poly.pdbx_strand_id                 A 
_entity_poly.pdbx_target_identifier         ? 
# 
_pdbx_entity_nonpoly.entity_id   2 
_pdbx_entity_nonpoly.name        water 
_pdbx_entity_nonpoly.comp_id     HOH 
# 
loop_
_entity_poly_seq.entity_id 
_entity_poly_seq.num 
_entity_poly_seq.mon_id 
_entity_poly_seq.hetero 
1 1   MET n 
1 2   GLU n 
1 3   PRO n 
1 4   ALA n 
1 5   MET n 
1 6   GLU n 
1 7   PRO n 
1 8   GLU n 
1 9   THR n 
1 10  LEU n 
1 11  GLU n 
1 12  ALA n 
1 13  ARG n 
1 14  ILE n 
1 15  ASN n 
1 16  ARG n 
1 17  ALA n 
1 18  THR n 
1 19  ASN n 
1 20  PRO n 
1 21  LEU n 
1 22  ASN n 
1 23  LYS n 
1 24  GLU n 
1 25  LEU n 
1 26  ASP n 
1 27  TRP n 
1 28  ALA n 
1 29  SER n 
1 30  ILE n 
1 31  ASN n 
1 32  GLY n 
1 33  PHE n 
1 34  CYS n 
1 35  GLU n 
1 36  GLN n 
1 37  LEU n 
1 38  ASN n 
1 39  GLU n 
1 40  ASP n 
1 41  PHE n 
1 42  GLU n 
1 43  GLY n 
1 44  PRO n 
1 45  PRO n 
1 46  LEU n 
1 47  ALA n 
1 48  THR n 
1 49  ARG n 
1 50  LEU n 
1 51  LEU n 
1 52  ALA n 
1 53  HIS n 
1 54  LYS n 
1 55  ILE n 
1 56  GLN n 
1 57  SER n 
1 58  PRO n 
1 59  GLN n 
1 60  GLU n 
1 61  TRP n 
1 62  GLU n 
1 63  ALA n 
1 64  ILE n 
1 65  GLN n 
1 66  ALA n 
1 67  LEU n 
1 68  THR n 
1 69  VAL n 
1 70  LEU n 
1 71  GLU n 
1 72  THR n 
1 73  CYS n 
1 74  MET n 
1 75  LYS n 
1 76  SER n 
1 77  CYS n 
1 78  GLY n 
1 79  LYS n 
1 80  ARG n 
1 81  PHE n 
1 82  HIS n 
1 83  ASP n 
1 84  GLU n 
1 85  VAL n 
1 86  GLY n 
1 87  LYS n 
1 88  PHE n 
1 89  ARG n 
1 90  PHE n 
1 91  LEU n 
1 92  ASN n 
1 93  GLU n 
1 94  LEU n 
1 95  ILE n 
1 96  LYS n 
1 97  VAL n 
1 98  VAL n 
1 99  SER n 
1 100 PRO n 
1 101 LYS n 
1 102 TYR n 
1 103 LEU n 
1 104 GLY n 
1 105 SER n 
1 106 ARG n 
1 107 THR n 
1 108 SER n 
1 109 GLU n 
1 110 LYS n 
1 111 VAL n 
1 112 LYS n 
1 113 ASN n 
1 114 LYS n 
1 115 ILE n 
1 116 LEU n 
1 117 GLU n 
1 118 LEU n 
1 119 LEU n 
1 120 TYR n 
1 121 SER n 
1 122 TRP n 
1 123 THR n 
1 124 VAL n 
1 125 GLY n 
1 126 LEU n 
1 127 PRO n 
1 128 GLU n 
1 129 GLU n 
1 130 VAL n 
1 131 LYS n 
1 132 ILE n 
1 133 ALA n 
1 134 GLU n 
1 135 ALA n 
1 136 TYR n 
1 137 GLN n 
1 138 MET n 
1 139 LEU n 
1 140 LYS n 
1 141 LYS n 
1 142 GLN n 
1 143 GLY n 
1 144 ILE n 
1 145 VAL n 
1 146 LYS n 
1 147 SER n 
# 
_entity_src_gen.entity_id                          1 
_entity_src_gen.pdbx_src_id                        1 
_entity_src_gen.pdbx_alt_source_flag               sample 
_entity_src_gen.pdbx_seq_type                      ? 
_entity_src_gen.pdbx_beg_seq_num                   ? 
_entity_src_gen.pdbx_end_seq_num                   ? 
_entity_src_gen.gene_src_common_name               human 
_entity_src_gen.gene_src_genus                     Homo 
_entity_src_gen.pdbx_gene_src_gene                 ? 
_entity_src_gen.gene_src_species                   ? 
_entity_src_gen.gene_src_strain                    ? 
_entity_src_gen.gene_src_tissue                    ? 
_entity_src_gen.gene_src_tissue_fraction           ? 
_entity_src_gen.gene_src_details                   ? 
_entity_src_gen.pdbx_gene_src_fragment             ? 
_entity_src_gen.pdbx_gene_src_scientific_name      'Homo sapiens' 
_entity_src_gen.pdbx_gene_src_ncbi_taxonomy_id     9606 
_entity_src_gen.pdbx_gene_src_variant              ? 
_entity_src_gen.pdbx_gene_src_cell_line            ? 
_entity_src_gen.pdbx_gene_src_atcc                 ? 
_entity_src_gen.pdbx_gene_src_organ                ? 
_entity_src_gen.pdbx_gene_src_organelle            ? 
_entity_src_gen.pdbx_gene_src_cell                 ? 
_entity_src_gen.pdbx_gene_src_cellular_location    ? 
_entity_src_gen.host_org_common_name               ? 
_entity_src_gen.pdbx_host_org_scientific_name      'Escherichia coli' 
_entity_src_gen.pdbx_host_org_ncbi_taxonomy_id     562 
_entity_src_gen.host_org_genus                     Escherichia 
_entity_src_gen.pdbx_host_org_gene                 ? 
_entity_src_gen.pdbx_host_org_organ                ? 
_entity_src_gen.host_org_species                   ? 
_entity_src_gen.pdbx_host_org_tissue               ? 
_entity_src_gen.pdbx_host_org_tissue_fraction      ? 
_entity_src_gen.pdbx_host_org_strain               ? 
_entity_src_gen.pdbx_host_org_variant              ? 
_entity_src_gen.pdbx_host_org_cell_line            ? 
_entity_src_gen.pdbx_host_org_atcc                 ? 
_entity_src_gen.pdbx_host_org_culture_collection   ? 
_entity_src_gen.pdbx_host_org_cell                 ? 
_entity_src_gen.pdbx_host_org_organelle            ? 
_entity_src_gen.pdbx_host_org_cellular_location    ? 
_entity_src_gen.pdbx_host_org_vector_type          plasmid 
_entity_src_gen.pdbx_host_org_vector               ? 
_entity_src_gen.host_org_details                   ? 
_entity_src_gen.expression_system_id               ? 
_entity_src_gen.plasmid_name                       pgex4t-2 
_entity_src_gen.plasmid_details                    ? 
_entity_src_gen.pdbx_description                   ? 
# 
loop_
_chem_comp.id 
_chem_comp.type 
_chem_comp.mon_nstd_flag 
_chem_comp.name 
_chem_comp.pdbx_synonyms 
_chem_comp.formula 
_chem_comp.formula_weight 
ALA 'L-peptide linking' y ALANINE         ? 'C3 H7 N O2'     89.093  
ARG 'L-peptide linking' y ARGININE        ? 'C6 H15 N4 O2 1' 175.209 
ASN 'L-peptide linking' y ASPARAGINE      ? 'C4 H8 N2 O3'    132.118 
ASP 'L-peptide linking' y 'ASPARTIC ACID' ? 'C4 H7 N O4'     133.103 
CYS 'L-peptide linking' y CYSTEINE        ? 'C3 H7 N O2 S'   121.158 
GLN 'L-peptide linking' y GLUTAMINE       ? 'C5 H10 N2 O3'   146.144 
GLU 'L-peptide linking' y 'GLUTAMIC ACID' ? 'C5 H9 N O4'     147.129 
GLY 'peptide linking'   y GLYCINE         ? 'C2 H5 N O2'     75.067  
HIS 'L-peptide linking' y HISTIDINE       ? 'C6 H10 N3 O2 1' 156.162 
HOH non-polymer         . WATER           ? 'H2 O'           18.015  
ILE 'L-peptide linking' y ISOLEUCINE      ? 'C6 H13 N O2'    131.173 
LEU 'L-peptide linking' y LEUCINE         ? 'C6 H13 N O2'    131.173 
LYS 'L-peptide linking' y LYSINE          ? 'C6 H15 N2 O2 1' 147.195 
MET 'L-peptide linking' y METHIONINE      ? 'C5 H11 N O2 S'  149.211 
PHE 'L-peptide linking' y PHENYLALANINE   ? 'C9 H11 N O2'    165.189 
PRO 'L-peptide linking' y PROLINE         ? 'C5 H9 N O2'     115.130 
SER 'L-peptide linking' y SERINE          ? 'C3 H7 N O3'     105.093 
THR 'L-peptide linking' y THREONINE       ? 'C4 H9 N O3'     119.119 
TRP 'L-peptide linking' y TRYPTOPHAN      ? 'C11 H12 N2 O2'  204.225 
TYR 'L-peptide linking' y TYROSINE        ? 'C9 H11 N O3'    181.189 
VAL 'L-peptide linking' y VALINE          ? 'C5 H11 N O2'    117.146 
# 
loop_
_pdbx_poly_seq_scheme.asym_id 
_pdbx_poly_seq_scheme.entity_id 
_pdbx_poly_seq_scheme.seq_id 
_pdbx_poly_seq_scheme.mon_id 
_pdbx_poly_seq_scheme.ndb_seq_num 
_pdbx_poly_seq_scheme.pdb_seq_num 
_pdbx_poly_seq_scheme.auth_seq_num 
_pdbx_poly_seq_scheme.pdb_mon_id 
_pdbx_poly_seq_scheme.auth_mon_id 
_pdbx_poly_seq_scheme.pdb_strand_id 
_pdbx_poly_seq_scheme.pdb_ins_code 
_pdbx_poly_seq_scheme.hetero 
A 1 1   MET 1   1   ?   ?   ?   A . n 
A 1 2   GLU 2   2   ?   ?   ?   A . n 
A 1 3   PRO 3   3   ?   ?   ?   A . n 
A 1 4   ALA 4   4   ?   ?   ?   A . n 
A 1 5   MET 5   5   ?   ?   ?   A . n 
A 1 6   GLU 6   6   ?   ?   ?   A . n 
A 1 7   PRO 7   7   7   PRO PRO A . n 
A 1 8   GLU 8   8   8   GLU GLU A . n 
A 1 9   THR 9   9   9   THR THR A . n 
A 1 10  LEU 10  10  10  LEU LEU A . n 
A 1 11  GLU 11  11  11  GLU GLU A . n 
A 1 12  ALA 12  12  12  ALA ALA A . n 
A 1 13  ARG 13  13  13  ARG ARG A . n 
A 1 14  ILE 14  14  14  ILE ILE A . n 
A 1 15  ASN 15  15  15  ASN ASN A . n 
A 1 16  ARG 16  16  16  ARG ARG A . n 
A 1 17  ALA 17  17  17  ALA ALA A . n 
A 1 18  THR 18  18  18  THR THR A . n 
A 1 19  ASN 19  19  19  ASN ASN A . n 
A 1 20  PRO 20  20  20  PRO PRO A . n 
A 1 21  LEU 21  21  21  LEU LEU A . n 
A 1 22  ASN 22  22  22  ASN ASN A . n 
A 1 23  LYS 23  23  23  LYS LYS A . n 
A 1 24  GLU 24  24  24  GLU GLU A . n 
A 1 25  LEU 25  25  25  LEU LEU A . n 
A 1 26  ASP 26  26  26  ASP ASP A . n 
A 1 27  TRP 27  27  27  TRP TRP A . n 
A 1 28  ALA 28  28  28  ALA ALA A . n 
A 1 29  SER 29  29  29  SER SER A . n 
A 1 30  ILE 30  30  30  ILE ILE A . n 
A 1 31  ASN 31  31  31  ASN ASN A . n 
A 1 32  GLY 32  32  32  GLY GLY A . n 
A 1 33  PHE 33  33  33  PHE PHE A . n 
A 1 34  CYS 34  34  34  CYS CYS A . n 
A 1 35  GLU 35  35  35  GLU GLU A . n 
A 1 36  GLN 36  36  36  GLN GLN A . n 
A 1 37  LEU 37  37  37  LEU LEU A . n 
A 1 38  ASN 38  38  38  ASN ASN A . n 
A 1 39  GLU 39  39  39  GLU GLU A . n 
A 1 40  ASP 40  40  40  ASP ASP A . n 
A 1 41  PHE 41  41  41  PHE PHE A . n 
A 1 42  GLU 42  42  42  GLU GLU A . n 
A 1 43  GLY 43  43  43  GLY GLY A . n 
A 1 44  PRO 44  44  44  PRO PRO A . n 
A 1 45  PRO 45  45  45  PRO PRO A . n 
A 1 46  LEU 46  46  46  LEU LEU A . n 
A 1 47  ALA 47  47  47  ALA ALA A . n 
A 1 48  THR 48  48  48  THR THR A . n 
A 1 49  ARG 49  49  49  ARG ARG A . n 
A 1 50  LEU 50  50  50  LEU LEU A . n 
A 1 51  LEU 51  51  51  LEU LEU A . n 
A 1 52  ALA 52  52  52  ALA ALA A . n 
A 1 53  HIS 53  53  53  HIS HIS A . n 
A 1 54  LYS 54  54  54  LYS LYS A . n 
A 1 55  ILE 55  55  55  ILE ILE A . n 
A 1 56  GLN 56  56  56  GLN GLN A . n 
A 1 57  SER 57  57  57  SER SER A . n 
A 1 58  PRO 58  58  58  PRO PRO A . n 
A 1 59  GLN 59  59  59  GLN GLN A . n 
A 1 60  GLU 60  60  60  GLU GLU A . n 
A 1 61  TRP 61  61  61  TRP TRP A . n 
A 1 62  GLU 62  62  62  GLU GLU A . n 
A 1 63  ALA 63  63  63  ALA ALA A . n 
A 1 64  ILE 64  64  64  ILE ILE A . n 
A 1 65  GLN 65  65  65  GLN GLN A . n 
A 1 66  ALA 66  66  66  ALA ALA A . n 
A 1 67  LEU 67  67  67  LEU LEU A . n 
A 1 68  THR 68  68  68  THR THR A . n 
A 1 69  VAL 69  69  69  VAL VAL A . n 
A 1 70  LEU 70  70  70  LEU LEU A . n 
A 1 71  GLU 71  71  71  GLU GLU A . n 
A 1 72  THR 72  72  72  THR THR A . n 
A 1 73  CYS 73  73  73  CYS CYS A . n 
A 1 74  MET 74  74  74  MET MET A . n 
A 1 75  LYS 75  75  75  LYS LYS A . n 
A 1 76  SER 76  76  76  SER SER A . n 
A 1 77  CYS 77  77  77  CYS CYS A . n 
A 1 78  GLY 78  78  78  GLY GLY A . n 
A 1 79  LYS 79  79  79  LYS LYS A . n 
A 1 80  ARG 80  80  80  ARG ARG A . n 
A 1 81  PHE 81  81  81  PHE PHE A . n 
A 1 82  HIS 82  82  82  HIS HIS A . n 
A 1 83  ASP 83  83  83  ASP ASP A . n 
A 1 84  GLU 84  84  84  GLU GLU A . n 
A 1 85  VAL 85  85  85  VAL VAL A . n 
A 1 86  GLY 86  86  86  GLY GLY A . n 
A 1 87  LYS 87  87  87  LYS LYS A . n 
A 1 88  PHE 88  88  88  PHE PHE A . n 
A 1 89  ARG 89  89  89  ARG ARG A . n 
A 1 90  PHE 90  90  90  PHE PHE A . n 
A 1 91  LEU 91  91  91  LEU LEU A . n 
A 1 92  ASN 92  92  92  ASN ASN A . n 
A 1 93  GLU 93  93  93  GLU GLU A . n 
A 1 94  LEU 94  94  94  LEU LEU A . n 
A 1 95  ILE 95  95  95  ILE ILE A . n 
A 1 96  LYS 96  96  96  LYS LYS A . n 
A 1 97  VAL 97  97  97  VAL VAL A . n 
A 1 98  VAL 98  98  98  VAL VAL A . n 
A 1 99  SER 99  99  99  SER SER A . n 
A 1 100 PRO 100 100 100 PRO PRO A . n 
A 1 101 LYS 101 101 101 LYS LYS A . n 
A 1 102 TYR 102 102 102 TYR TYR A . n 
A 1 103 LEU 103 103 103 LEU LEU A . n 
A 1 104 GLY 104 104 104 GLY GLY A . n 
A 1 105 SER 105 105 105 SER SER A . n 
A 1 106 ARG 106 106 106 ARG ARG A . n 
A 1 107 THR 107 107 107 THR THR A . n 
A 1 108 SER 108 108 108 SER SER A . n 
A 1 109 GLU 109 109 109 GLU GLU A . n 
A 1 110 LYS 110 110 110 LYS LYS A . n 
A 1 111 VAL 111 111 111 VAL VAL A . n 
A 1 112 LYS 112 112 112 LYS LYS A . n 
A 1 113 ASN 113 113 113 ASN ASN A . n 
A 1 114 LYS 114 114 114 LYS LYS A . n 
A 1 115 ILE 115 115 115 ILE ILE A . n 
A 1 116 LEU 116 116 116 LEU LEU A . n 
A 1 117 GLU 117 117 117 GLU GLU A . n 
A 1 118 LEU 118 118 118 LEU LEU A . n 
A 1 119 LEU 119 119 119 LEU LEU A . n 
A 1 120 TYR 120 120 120 TYR TYR A . n 
A 1 121 SER 121 121 121 SER SER A . n 
A 1 122 TRP 122 122 122 TRP TRP A . n 
A 1 123 THR 123 123 123 THR THR A . n 
A 1 124 VAL 124 124 124 VAL VAL A . n 
A 1 125 GLY 125 125 125 GLY GLY A . n 
A 1 126 LEU 126 126 126 LEU LEU A . n 
A 1 127 PRO 127 127 127 PRO PRO A . n 
A 1 128 GLU 128 128 128 GLU GLU A . n 
A 1 129 GLU 129 129 129 GLU GLU A . n 
A 1 130 VAL 130 130 130 VAL VAL A . n 
A 1 131 LYS 131 131 131 LYS LYS A . n 
A 1 132 ILE 132 132 132 ILE ILE A . n 
A 1 133 ALA 133 133 133 ALA ALA A . n 
A 1 134 GLU 134 134 134 GLU GLU A . n 
A 1 135 ALA 135 135 135 ALA ALA A . n 
A 1 136 TYR 136 136 136 TYR TYR A . n 
A 1 137 GLN 137 137 137 GLN GLN A . n 
A 1 138 MET 138 138 138 MET MET A . n 
A 1 139 LEU 139 139 139 LEU LEU A . n 
A 1 140 LYS 140 140 140 LYS LYS A . n 
A 1 141 LYS 141 141 141 LYS LYS A . n 
A 1 142 GLN 142 142 142 GLN GLN A . n 
A 1 143 GLY 143 143 143 GLY GLY A . n 
A 1 144 ILE 144 144 144 ILE ILE A . n 
A 1 145 VAL 145 145 145 VAL VAL A . n 
A 1 146 LYS 146 146 ?   ?   ?   A . n 
A 1 147 SER 147 147 ?   ?   ?   A . n 
# 
loop_
_pdbx_nonpoly_scheme.asym_id 
_pdbx_nonpoly_scheme.entity_id 
_pdbx_nonpoly_scheme.mon_id 
_pdbx_nonpoly_scheme.ndb_seq_num 
_pdbx_nonpoly_scheme.pdb_seq_num 
_pdbx_nonpoly_scheme.auth_seq_num 
_pdbx_nonpoly_scheme.pdb_mon_id 
_pdbx_nonpoly_scheme.auth_mon_id 
_pdbx_nonpoly_scheme.pdb_strand_id 
_pdbx_nonpoly_scheme.pdb_ins_code 
B 2 HOH 1  148 1  HOH HOH A . 
B 2 HOH 2  149 2  HOH HOH A . 
B 2 HOH 3  150 3  HOH HOH A . 
B 2 HOH 4  151 4  HOH HOH A . 
B 2 HOH 5  152 5  HOH HOH A . 
B 2 HOH 6  153 6  HOH HOH A . 
B 2 HOH 7  154 7  HOH HOH A . 
B 2 HOH 8  155 8  HOH HOH A . 
B 2 HOH 9  156 9  HOH HOH A . 
B 2 HOH 10 157 10 HOH HOH A . 
B 2 HOH 11 158 11 HOH HOH A . 
B 2 HOH 12 159 12 HOH HOH A . 
B 2 HOH 13 160 13 HOH HOH A . 
B 2 HOH 14 161 14 HOH HOH A . 
B 2 HOH 15 162 15 HOH HOH A . 
B 2 HOH 16 163 16 HOH HOH A . 
B 2 HOH 17 164 17 HOH HOH A . 
B 2 HOH 18 165 18 HOH HOH A . 
B 2 HOH 19 166 19 HOH HOH A . 
B 2 HOH 20 167 20 HOH HOH A . 
B 2 HOH 21 168 21 HOH HOH A . 
B 2 HOH 22 169 22 HOH HOH A . 
B 2 HOH 23 170 23 HOH HOH A . 
B 2 HOH 24 171 24 HOH HOH A . 
B 2 HOH 25 172 25 HOH HOH A . 
B 2 HOH 26 173 26 HOH HOH A . 
B 2 HOH 27 174 27 HOH HOH A . 
B 2 HOH 28 175 28 HOH HOH A . 
B 2 HOH 29 176 29 HOH HOH A . 
B 2 HOH 30 177 30 HOH HOH A . 
B 2 HOH 31 178 31 HOH HOH A . 
B 2 HOH 32 179 32 HOH HOH A . 
B 2 HOH 33 180 33 HOH HOH A . 
B 2 HOH 34 181 34 HOH HOH A . 
# 
loop_
_software.name 
_software.classification 
_software.version 
_software.citation_id 
_software.pdbx_ordinal 
DENZO     'data reduction' .   ? 1 
SCALEPACK 'data scaling'   .   ? 2 
AMoRE     phasing          .   ? 3 
REFMAC    refinement       5.0 ? 4 
# 
_cell.entry_id           1JWF 
_cell.length_a           55.120 
_cell.length_b           55.120 
_cell.length_c           105.513 
_cell.angle_alpha        90.00 
_cell.angle_beta         90.00 
_cell.angle_gamma        90.00 
_cell.Z_PDB              8 
_cell.pdbx_unique_axis   ? 
# 
_symmetry.entry_id                         1JWF 
_symmetry.space_group_name_H-M             'P 43 21 2' 
_symmetry.pdbx_full_space_group_name_H-M   ? 
_symmetry.cell_setting                     ? 
_symmetry.Int_Tables_number                96 
# 
_exptl.entry_id          1JWF 
_exptl.method            'X-RAY DIFFRACTION' 
_exptl.crystals_number   1 
# 
_exptl_crystal.id                    1 
_exptl_crystal.density_meas          ? 
_exptl_crystal.density_Matthews      2.38 
_exptl_crystal.density_percent_sol   48.36 
_exptl_crystal.description           ? 
# 
_exptl_crystal_grow.crystal_id      1 
_exptl_crystal_grow.method          'VAPOR DIFFUSION, HANGING DROP' 
_exptl_crystal_grow.temp            293 
_exptl_crystal_grow.temp_details    ? 
_exptl_crystal_grow.pH              7.5 
_exptl_crystal_grow.pdbx_details    
'PEG 3350, potassium dihydrogen phosphate, Tris, pH 7.5, VAPOR DIFFUSION, HANGING DROP, temperature 293K' 
_exptl_crystal_grow.pdbx_pH_range   ? 
# 
_diffrn.id                     1 
_diffrn.ambient_temp           293 
_diffrn.ambient_temp_details   ? 
_diffrn.crystal_id             1 
# 
_diffrn_detector.diffrn_id              1 
_diffrn_detector.detector               'IMAGE PLATE' 
_diffrn_detector.type                   FUJI 
_diffrn_detector.pdbx_collection_date   2001-05-29 
_diffrn_detector.details                ? 
# 
_diffrn_radiation.diffrn_id                        1 
_diffrn_radiation.wavelength_id                    1 
_diffrn_radiation.pdbx_monochromatic_or_laue_m_l   M 
_diffrn_radiation.monochromator                    'Si(111)' 
_diffrn_radiation.pdbx_diffrn_protocol             'SINGLE WAVELENGTH' 
_diffrn_radiation.pdbx_scattering_type             x-ray 
# 
_diffrn_radiation_wavelength.id           1 
_diffrn_radiation_wavelength.wavelength   1.0 
_diffrn_radiation_wavelength.wt           1.0 
# 
_diffrn_source.diffrn_id                   1 
_diffrn_source.source                      SYNCHROTRON 
_diffrn_source.type                        'PHOTON FACTORY BEAMLINE BL-6B' 
_diffrn_source.pdbx_synchrotron_site       'Photon Factory' 
_diffrn_source.pdbx_synchrotron_beamline   BL-6B 
_diffrn_source.pdbx_wavelength             ? 
_diffrn_source.pdbx_wavelength_list        1.0 
# 
_reflns.entry_id                     1JWF 
_reflns.observed_criterion_sigma_I   ? 
_reflns.observed_criterion_sigma_F   ? 
_reflns.d_resolution_low             15.0 
_reflns.d_resolution_high            2.10 
_reflns.number_obs                   39125 
_reflns.number_all                   9057 
_reflns.percent_possible_obs         95.6 
_reflns.pdbx_Rmerge_I_obs            ? 
_reflns.pdbx_Rsym_value              ? 
_reflns.pdbx_netI_over_sigmaI        ? 
_reflns.B_iso_Wilson_estimate        ? 
_reflns.pdbx_redundancy              ? 
_reflns.R_free_details               ? 
_reflns.limit_h_max                  ? 
_reflns.limit_h_min                  ? 
_reflns.limit_k_max                  ? 
_reflns.limit_k_min                  ? 
_reflns.limit_l_max                  ? 
_reflns.limit_l_min                  ? 
_reflns.observed_criterion_F_max     ? 
_reflns.observed_criterion_F_min     ? 
_reflns.pdbx_diffrn_id               1 
_reflns.pdbx_ordinal                 1 
# 
_reflns_shell.d_res_high             2.100 
_reflns_shell.d_res_low              2.170 
_reflns_shell.percent_possible_all   89.4 
_reflns_shell.Rmerge_I_obs           ? 
_reflns_shell.pdbx_Rsym_value        ? 
_reflns_shell.meanI_over_sigI_obs    ? 
_reflns_shell.pdbx_redundancy        ? 
_reflns_shell.percent_possible_obs   ? 
_reflns_shell.number_unique_all      ? 
_reflns_shell.pdbx_diffrn_id         ? 
_reflns_shell.pdbx_ordinal           1 
# 
_refine.entry_id                                 1JWF 
_refine.ls_number_reflns_obs                     9057 
_refine.ls_number_reflns_all                     9057 
_refine.pdbx_ls_sigma_I                          ? 
_refine.pdbx_ls_sigma_F                          0 
_refine.pdbx_data_cutoff_high_absF               ? 
_refine.pdbx_data_cutoff_low_absF                ? 
_refine.ls_d_res_low                             15.00 
_refine.ls_d_res_high                            2.100 
_refine.ls_percent_reflns_obs                    95.01 
_refine.ls_R_factor_obs                          0.22337 
_refine.ls_R_factor_all                          0.22337 
_refine.ls_R_factor_R_work                       0.22154 
_refine.ls_R_factor_R_free                       0.26137 
_refine.ls_R_factor_R_free_error                 ? 
_refine.ls_R_factor_R_free_error_details         ? 
_refine.ls_percent_reflns_R_free                 4.8 
_refine.ls_number_reflns_R_free                  456 
_refine.ls_number_parameters                     ? 
_refine.ls_number_restraints                     ? 
_refine.occupancy_min                            ? 
_refine.occupancy_max                            ? 
_refine.correlation_coeff_Fo_to_Fc               0.934 
_refine.correlation_coeff_Fo_to_Fc_free          0.916 
_refine.B_iso_mean                               34.401 
_refine.aniso_B[1][1]                            -0.23 
_refine.aniso_B[2][2]                            -0.23 
_refine.aniso_B[3][3]                            0.46 
_refine.aniso_B[1][2]                            0.00 
_refine.aniso_B[1][3]                            0.00 
_refine.aniso_B[2][3]                            0.00 
_refine.solvent_model_details                    'BABINET MODEL WITH MASK' 
_refine.solvent_model_param_ksol                 ? 
_refine.solvent_model_param_bsol                 ? 
_refine.pdbx_ls_cross_valid_method               THROUGHOUT 
_refine.details                                  ? 
_refine.pdbx_starting_model                      ? 
_refine.pdbx_method_to_determine_struct          'MOLECULAR REPLACEMENT' 
_refine.pdbx_isotropic_thermal_model             ? 
_refine.pdbx_stereochemistry_target_values       'MAXIMUM LIKELIHOOD' 
_refine.pdbx_stereochem_target_val_spec_case     ? 
_refine.pdbx_R_Free_selection_details            RANDOM 
_refine.pdbx_overall_ESU_R_Free                  0.202 
_refine.overall_SU_B                             5.885 
_refine.ls_redundancy_reflns_obs                 ? 
_refine.B_iso_min                                ? 
_refine.B_iso_max                                ? 
_refine.overall_SU_R_Cruickshank_DPI             ? 
_refine.overall_SU_R_free                        ? 
_refine.overall_SU_ML                            0.157 
_refine.pdbx_overall_ESU_R                       0.245 
_refine.pdbx_data_cutoff_high_rms_absF           ? 
_refine.pdbx_solvent_vdw_probe_radii             1.40 
_refine.pdbx_solvent_ion_probe_radii             0.80 
_refine.pdbx_solvent_shrinkage_radii             0.80 
_refine.pdbx_refine_id                           'X-RAY DIFFRACTION' 
_refine.pdbx_diffrn_id                           1 
_refine.pdbx_TLS_residual_ADP_flag               ? 
_refine.pdbx_overall_phase_error                 ? 
_refine.pdbx_overall_SU_R_free_Cruickshank_DPI   ? 
_refine.pdbx_overall_SU_R_Blow_DPI               ? 
_refine.pdbx_overall_SU_R_free_Blow_DPI          ? 
# 
_refine_hist.pdbx_refine_id                   'X-RAY DIFFRACTION' 
_refine_hist.cycle_id                         LAST 
_refine_hist.pdbx_number_atoms_protein        1117 
_refine_hist.pdbx_number_atoms_nucleic_acid   0 
_refine_hist.pdbx_number_atoms_ligand         0 
_refine_hist.number_atoms_solvent             34 
_refine_hist.number_atoms_total               1151 
_refine_hist.d_res_high                       2.100 
_refine_hist.d_res_low                        15.00 
# 
loop_
_refine_ls_restr.type 
_refine_ls_restr.dev_ideal 
_refine_ls_restr.dev_ideal_target 
_refine_ls_restr.weight 
_refine_ls_restr.number 
_refine_ls_restr.pdbx_refine_id 
_refine_ls_restr.pdbx_restraint_function 
r_bond_refined_d         0.013  0.022  ? 1140 'X-RAY DIFFRACTION' ? 
r_bond_other_d           ?      ?      ? ?    'X-RAY DIFFRACTION' ? 
r_angle_refined_deg      1.557  1.971  ? 1539 'X-RAY DIFFRACTION' ? 
r_angle_other_deg        ?      ?      ? ?    'X-RAY DIFFRACTION' ? 
r_dihedral_angle_1_deg   3.063  3.000  ? 138  'X-RAY DIFFRACTION' ? 
r_dihedral_angle_3_deg   21.642 15.000 ? 230  'X-RAY DIFFRACTION' ? 
r_chiral_restr           0.115  0.200  ? 172  'X-RAY DIFFRACTION' ? 
r_gen_planes_refined     0.006  0.020  ? 835  'X-RAY DIFFRACTION' ? 
r_gen_planes_other       ?      ?      ? ?    'X-RAY DIFFRACTION' ? 
r_nbd_refined            0.251  0.300  ? 530  'X-RAY DIFFRACTION' ? 
r_nbd_other              ?      ?      ? ?    'X-RAY DIFFRACTION' ? 
r_nbtor_other            ?      ?      ? ?    'X-RAY DIFFRACTION' ? 
r_xyhbond_nbd_refined    0.190  0.500  ? 43   'X-RAY DIFFRACTION' ? 
r_xyhbond_nbd_other      ?      ?      ? ?    'X-RAY DIFFRACTION' ? 
r_symmetry_vdw_refined   0.251  0.300  ? 25   'X-RAY DIFFRACTION' ? 
r_symmetry_vdw_other     ?      ?      ? ?    'X-RAY DIFFRACTION' ? 
r_symmetry_hbond_refined 0.167  0.500  ? 2    'X-RAY DIFFRACTION' ? 
r_symmetry_hbond_other   ?      ?      ? ?    'X-RAY DIFFRACTION' ? 
r_mcbond_it              0.964  1.500  ? 694  'X-RAY DIFFRACTION' ? 
r_mcangle_it             1.928  2.000  ? 1122 'X-RAY DIFFRACTION' ? 
r_scbond_it              3.097  3.000  ? 446  'X-RAY DIFFRACTION' ? 
r_scangle_it             5.275  4.500  ? 417  'X-RAY DIFFRACTION' ? 
r_rigid_bond_restr       ?      ?      ? ?    'X-RAY DIFFRACTION' ? 
r_sphericity_free        ?      ?      ? ?    'X-RAY DIFFRACTION' ? 
r_sphericity_bonded      ?      ?      ? ?    'X-RAY DIFFRACTION' ? 
# 
_refine_ls_shell.pdbx_total_number_of_bins_used   20 
_refine_ls_shell.d_res_high                       2.100 
_refine_ls_shell.d_res_low                        2.153 
_refine_ls_shell.number_reflns_R_work             565 
_refine_ls_shell.R_factor_R_work                  0.244 
_refine_ls_shell.percent_reflns_obs               ? 
_refine_ls_shell.R_factor_R_free                  0.319 
_refine_ls_shell.R_factor_R_free_error            ? 
_refine_ls_shell.percent_reflns_R_free            6.3717 
_refine_ls_shell.number_reflns_R_free             36 
_refine_ls_shell.number_reflns_obs                ? 
_refine_ls_shell.redundancy_reflns_obs            ? 
_refine_ls_shell.number_reflns_all                ? 
_refine_ls_shell.pdbx_refine_id                   'X-RAY DIFFRACTION' 
_refine_ls_shell.R_factor_all                     ? 
# 
_struct.entry_id                  1JWF 
_struct.title                     'Crystal Structure of human GGA1 VHS domain.' 
_struct.pdbx_model_details        ? 
_struct.pdbx_CASP_flag            ? 
_struct.pdbx_model_type_details   ? 
# 
_struct_keywords.entry_id        1JWF 
_struct_keywords.pdbx_keywords   'PROTEIN TRANSPORT' 
_struct_keywords.text            'Super Helix, PROTEIN TRANSPORT' 
# 
loop_
_struct_asym.id 
_struct_asym.pdbx_blank_PDB_chainid_flag 
_struct_asym.pdbx_modified 
_struct_asym.entity_id 
_struct_asym.details 
A N N 1 ? 
B N N 2 ? 
# 
_struct_ref.id                         1 
_struct_ref.db_name                    UNP 
_struct_ref.db_code                    GGA1_HUMAN 
_struct_ref.entity_id                  1 
_struct_ref.pdbx_seq_one_letter_code   
;MEPAMEPETLEARINRATNPLNKELDWASINGFCEQLNEDFEGPPLATRLLAHKIQSPQEWEAIQALTVLETCMKSCGKR
FHDEVGKFRFLNELIKVVSPKYLGSRTSEKVKNKILELLYSWTVGLPEEVKIAEAYQMLKKQGIVKS
;
_struct_ref.pdbx_align_begin           1 
_struct_ref.pdbx_db_accession          Q9UJY5 
_struct_ref.pdbx_db_isoform            ? 
# 
_struct_ref_seq.align_id                      1 
_struct_ref_seq.ref_id                        1 
_struct_ref_seq.pdbx_PDB_id_code              1JWF 
_struct_ref_seq.pdbx_strand_id                A 
_struct_ref_seq.seq_align_beg                 1 
_struct_ref_seq.pdbx_seq_align_beg_ins_code   ? 
_struct_ref_seq.seq_align_end                 147 
_struct_ref_seq.pdbx_seq_align_end_ins_code   ? 
_struct_ref_seq.pdbx_db_accession             Q9UJY5 
_struct_ref_seq.db_align_beg                  1 
_struct_ref_seq.pdbx_db_align_beg_ins_code    ? 
_struct_ref_seq.db_align_end                  147 
_struct_ref_seq.pdbx_db_align_end_ins_code    ? 
_struct_ref_seq.pdbx_auth_seq_align_beg       1 
_struct_ref_seq.pdbx_auth_seq_align_end       147 
# 
_pdbx_struct_assembly.id                   1 
_pdbx_struct_assembly.details              author_defined_assembly 
_pdbx_struct_assembly.method_details       ? 
_pdbx_struct_assembly.oligomeric_details   monomeric 
_pdbx_struct_assembly.oligomeric_count     1 
# 
_pdbx_struct_assembly_gen.assembly_id       1 
_pdbx_struct_assembly_gen.oper_expression   1 
_pdbx_struct_assembly_gen.asym_id_list      A,B 
# 
_pdbx_struct_oper_list.id                   1 
_pdbx_struct_oper_list.type                 'identity operation' 
_pdbx_struct_oper_list.name                 1_555 
_pdbx_struct_oper_list.symmetry_operation   x,y,z 
_pdbx_struct_oper_list.matrix[1][1]         1.0000000000 
_pdbx_struct_oper_list.matrix[1][2]         0.0000000000 
_pdbx_struct_oper_list.matrix[1][3]         0.0000000000 
_pdbx_struct_oper_list.vector[1]            0.0000000000 
_pdbx_struct_oper_list.matrix[2][1]         0.0000000000 
_pdbx_struct_oper_list.matrix[2][2]         1.0000000000 
_pdbx_struct_oper_list.matrix[2][3]         0.0000000000 
_pdbx_struct_oper_list.vector[2]            0.0000000000 
_pdbx_struct_oper_list.matrix[3][1]         0.0000000000 
_pdbx_struct_oper_list.matrix[3][2]         0.0000000000 
_pdbx_struct_oper_list.matrix[3][3]         1.0000000000 
_pdbx_struct_oper_list.vector[3]            0.0000000000 
# 
loop_
_struct_conf.conf_type_id 
_struct_conf.id 
_struct_conf.pdbx_PDB_helix_id 
_struct_conf.beg_label_comp_id 
_struct_conf.beg_label_asym_id 
_struct_conf.beg_label_seq_id 
_struct_conf.pdbx_beg_PDB_ins_code 
_struct_conf.end_label_comp_id 
_struct_conf.end_label_asym_id 
_struct_conf.end_label_seq_id 
_struct_conf.pdbx_end_PDB_ins_code 
_struct_conf.beg_auth_comp_id 
_struct_conf.beg_auth_asym_id 
_struct_conf.beg_auth_seq_id 
_struct_conf.end_auth_comp_id 
_struct_conf.end_auth_asym_id 
_struct_conf.end_auth_seq_id 
_struct_conf.pdbx_PDB_helix_class 
_struct_conf.details 
_struct_conf.pdbx_PDB_helix_length 
HELX_P HELX_P1 1 THR A 9   ? THR A 18  ? THR A 9   THR A 18  1 ? 10 
HELX_P HELX_P2 2 ASP A 26  ? GLU A 39  ? ASP A 26  GLU A 39  1 ? 14 
HELX_P HELX_P3 3 GLU A 42  ? GLN A 56  ? GLU A 42  GLN A 56  1 ? 15 
HELX_P HELX_P4 4 GLN A 59  ? CYS A 77  ? GLN A 59  CYS A 77  1 ? 19 
HELX_P HELX_P5 5 CYS A 77  ? GLY A 86  ? CYS A 77  GLY A 86  1 ? 10 
HELX_P HELX_P6 6 LYS A 87  ? SER A 99  ? LYS A 87  SER A 99  1 ? 13 
HELX_P HELX_P7 7 SER A 108 ? LEU A 126 ? SER A 108 LEU A 126 1 ? 19 
HELX_P HELX_P8 8 GLU A 129 ? GLN A 142 ? GLU A 129 GLN A 142 1 ? 14 
# 
_struct_conf_type.id          HELX_P 
_struct_conf_type.criteria    ? 
_struct_conf_type.reference   ? 
# 
_struct_conn.id                            disulf1 
_struct_conn.conn_type_id                  disulf 
_struct_conn.pdbx_leaving_atom_flag        ? 
_struct_conn.pdbx_PDB_id                   ? 
_struct_conn.ptnr1_label_asym_id           A 
_struct_conn.ptnr1_label_comp_id           CYS 
_struct_conn.ptnr1_label_seq_id            34 
_struct_conn.ptnr1_label_atom_id           SG 
_struct_conn.pdbx_ptnr1_label_alt_id       ? 
_struct_conn.pdbx_ptnr1_PDB_ins_code       ? 
_struct_conn.pdbx_ptnr1_standard_comp_id   ? 
_struct_conn.ptnr1_symmetry                1_555 
_struct_conn.ptnr2_label_asym_id           A 
_struct_conn.ptnr2_label_comp_id           CYS 
_struct_conn.ptnr2_label_seq_id            73 
_struct_conn.ptnr2_label_atom_id           SG 
_struct_conn.pdbx_ptnr2_label_alt_id       ? 
_struct_conn.pdbx_ptnr2_PDB_ins_code       ? 
_struct_conn.ptnr1_auth_asym_id            A 
_struct_conn.ptnr1_auth_comp_id            CYS 
_struct_conn.ptnr1_auth_seq_id             34 
_struct_conn.ptnr2_auth_asym_id            A 
_struct_conn.ptnr2_auth_comp_id            CYS 
_struct_conn.ptnr2_auth_seq_id             73 
_struct_conn.ptnr2_symmetry                1_555 
_struct_conn.pdbx_ptnr3_label_atom_id      ? 
_struct_conn.pdbx_ptnr3_label_seq_id       ? 
_struct_conn.pdbx_ptnr3_label_comp_id      ? 
_struct_conn.pdbx_ptnr3_label_asym_id      ? 
_struct_conn.pdbx_ptnr3_label_alt_id       ? 
_struct_conn.pdbx_ptnr3_PDB_ins_code       ? 
_struct_conn.details                       ? 
_struct_conn.pdbx_dist_value               2.025 
_struct_conn.pdbx_value_order              ? 
_struct_conn.pdbx_role                     ? 
# 
_struct_conn_type.id          disulf 
_struct_conn_type.criteria    ? 
_struct_conn_type.reference   ? 
# 
_pdbx_modification_feature.ordinal                            1 
_pdbx_modification_feature.label_comp_id                      CYS 
_pdbx_modification_feature.label_asym_id                      A 
_pdbx_modification_feature.label_seq_id                       34 
_pdbx_modification_feature.label_alt_id                       ? 
_pdbx_modification_feature.modified_residue_label_comp_id     CYS 
_pdbx_modification_feature.modified_residue_label_asym_id     A 
_pdbx_modification_feature.modified_residue_label_seq_id      73 
_pdbx_modification_feature.modified_residue_label_alt_id      ? 
_pdbx_modification_feature.auth_comp_id                       CYS 
_pdbx_modification_feature.auth_asym_id                       A 
_pdbx_modification_feature.auth_seq_id                        34 
_pdbx_modification_feature.PDB_ins_code                       ? 
_pdbx_modification_feature.symmetry                           1_555 
_pdbx_modification_feature.modified_residue_auth_comp_id      CYS 
_pdbx_modification_feature.modified_residue_auth_asym_id      A 
_pdbx_modification_feature.modified_residue_auth_seq_id       73 
_pdbx_modification_feature.modified_residue_PDB_ins_code      ? 
_pdbx_modification_feature.modified_residue_symmetry          1_555 
_pdbx_modification_feature.comp_id_linking_atom               SG 
_pdbx_modification_feature.modified_residue_id_linking_atom   SG 
_pdbx_modification_feature.modified_residue_id                . 
_pdbx_modification_feature.ref_pcm_id                         . 
_pdbx_modification_feature.ref_comp_id                        . 
_pdbx_modification_feature.type                               None 
_pdbx_modification_feature.category                           'Disulfide bridge' 
# 
_pdbx_entry_details.entry_id                   1JWF 
_pdbx_entry_details.compound_details           ? 
_pdbx_entry_details.source_details             ? 
_pdbx_entry_details.nonpolymer_details         ? 
_pdbx_entry_details.sequence_details           ? 
_pdbx_entry_details.has_ligand_of_interest     ? 
_pdbx_entry_details.has_protein_modification   Y 
# 
_pdbx_validate_rmsd_angle.id                         1 
_pdbx_validate_rmsd_angle.PDB_model_num              1 
_pdbx_validate_rmsd_angle.auth_atom_id_1             CB 
_pdbx_validate_rmsd_angle.auth_asym_id_1             A 
_pdbx_validate_rmsd_angle.auth_comp_id_1             ASP 
_pdbx_validate_rmsd_angle.auth_seq_id_1              40 
_pdbx_validate_rmsd_angle.PDB_ins_code_1             ? 
_pdbx_validate_rmsd_angle.label_alt_id_1             ? 
_pdbx_validate_rmsd_angle.auth_atom_id_2             CG 
_pdbx_validate_rmsd_angle.auth_asym_id_2             A 
_pdbx_validate_rmsd_angle.auth_comp_id_2             ASP 
_pdbx_validate_rmsd_angle.auth_seq_id_2              40 
_pdbx_validate_rmsd_angle.PDB_ins_code_2             ? 
_pdbx_validate_rmsd_angle.label_alt_id_2             ? 
_pdbx_validate_rmsd_angle.auth_atom_id_3             OD2 
_pdbx_validate_rmsd_angle.auth_asym_id_3             A 
_pdbx_validate_rmsd_angle.auth_comp_id_3             ASP 
_pdbx_validate_rmsd_angle.auth_seq_id_3              40 
_pdbx_validate_rmsd_angle.PDB_ins_code_3             ? 
_pdbx_validate_rmsd_angle.label_alt_id_3             ? 
_pdbx_validate_rmsd_angle.angle_value                124.99 
_pdbx_validate_rmsd_angle.angle_target_value         118.30 
_pdbx_validate_rmsd_angle.angle_deviation            6.69 
_pdbx_validate_rmsd_angle.angle_standard_deviation   0.90 
_pdbx_validate_rmsd_angle.linker_flag                N 
# 
loop_
_pdbx_validate_torsion.id 
_pdbx_validate_torsion.PDB_model_num 
_pdbx_validate_torsion.auth_comp_id 
_pdbx_validate_torsion.auth_asym_id 
_pdbx_validate_torsion.auth_seq_id 
_pdbx_validate_torsion.PDB_ins_code 
_pdbx_validate_torsion.label_alt_id 
_pdbx_validate_torsion.phi 
_pdbx_validate_torsion.psi 
1 1 LEU A 25  ? ? -33.76  127.03 
2 1 TYR A 102 ? ? -112.92 -83.74 
# 
loop_
_pdbx_unobs_or_zero_occ_residues.id 
_pdbx_unobs_or_zero_occ_residues.PDB_model_num 
_pdbx_unobs_or_zero_occ_residues.polymer_flag 
_pdbx_unobs_or_zero_occ_residues.occupancy_flag 
_pdbx_unobs_or_zero_occ_residues.auth_asym_id 
_pdbx_unobs_or_zero_occ_residues.auth_comp_id 
_pdbx_unobs_or_zero_occ_residues.auth_seq_id 
_pdbx_unobs_or_zero_occ_residues.PDB_ins_code 
_pdbx_unobs_or_zero_occ_residues.label_asym_id 
_pdbx_unobs_or_zero_occ_residues.label_comp_id 
_pdbx_unobs_or_zero_occ_residues.label_seq_id 
1 1 Y 1 A MET 1   ? A MET 1   
2 1 Y 1 A GLU 2   ? A GLU 2   
3 1 Y 1 A PRO 3   ? A PRO 3   
4 1 Y 1 A ALA 4   ? A ALA 4   
5 1 Y 1 A MET 5   ? A MET 5   
6 1 Y 1 A GLU 6   ? A GLU 6   
7 1 Y 1 A LYS 146 ? A LYS 146 
8 1 Y 1 A SER 147 ? A SER 147 
# 
loop_
_chem_comp_atom.comp_id 
_chem_comp_atom.atom_id 
_chem_comp_atom.type_symbol 
_chem_comp_atom.pdbx_aromatic_flag 
_chem_comp_atom.pdbx_stereo_config 
_chem_comp_atom.pdbx_ordinal 
ALA N    N N N 1   
ALA CA   C N S 2   
ALA C    C N N 3   
ALA O    O N N 4   
ALA CB   C N N 5   
ALA OXT  O N N 6   
ALA H    H N N 7   
ALA H2   H N N 8   
ALA HA   H N N 9   
ALA HB1  H N N 10  
ALA HB2  H N N 11  
ALA HB3  H N N 12  
ALA HXT  H N N 13  
ARG N    N N N 14  
ARG CA   C N S 15  
ARG C    C N N 16  
ARG O    O N N 17  
ARG CB   C N N 18  
ARG CG   C N N 19  
ARG CD   C N N 20  
ARG NE   N N N 21  
ARG CZ   C N N 22  
ARG NH1  N N N 23  
ARG NH2  N N N 24  
ARG OXT  O N N 25  
ARG H    H N N 26  
ARG H2   H N N 27  
ARG HA   H N N 28  
ARG HB2  H N N 29  
ARG HB3  H N N 30  
ARG HG2  H N N 31  
ARG HG3  H N N 32  
ARG HD2  H N N 33  
ARG HD3  H N N 34  
ARG HE   H N N 35  
ARG HH11 H N N 36  
ARG HH12 H N N 37  
ARG HH21 H N N 38  
ARG HH22 H N N 39  
ARG HXT  H N N 40  
ASN N    N N N 41  
ASN CA   C N S 42  
ASN C    C N N 43  
ASN O    O N N 44  
ASN CB   C N N 45  
ASN CG   C N N 46  
ASN OD1  O N N 47  
ASN ND2  N N N 48  
ASN OXT  O N N 49  
ASN H    H N N 50  
ASN H2   H N N 51  
ASN HA   H N N 52  
ASN HB2  H N N 53  
ASN HB3  H N N 54  
ASN HD21 H N N 55  
ASN HD22 H N N 56  
ASN HXT  H N N 57  
ASP N    N N N 58  
ASP CA   C N S 59  
ASP C    C N N 60  
ASP O    O N N 61  
ASP CB   C N N 62  
ASP CG   C N N 63  
ASP OD1  O N N 64  
ASP OD2  O N N 65  
ASP OXT  O N N 66  
ASP H    H N N 67  
ASP H2   H N N 68  
ASP HA   H N N 69  
ASP HB2  H N N 70  
ASP HB3  H N N 71  
ASP HD2  H N N 72  
ASP HXT  H N N 73  
CYS N    N N N 74  
CYS CA   C N R 75  
CYS C    C N N 76  
CYS O    O N N 77  
CYS CB   C N N 78  
CYS SG   S N N 79  
CYS OXT  O N N 80  
CYS H    H N N 81  
CYS H2   H N N 82  
CYS HA   H N N 83  
CYS HB2  H N N 84  
CYS HB3  H N N 85  
CYS HG   H N N 86  
CYS HXT  H N N 87  
GLN N    N N N 88  
GLN CA   C N S 89  
GLN C    C N N 90  
GLN O    O N N 91  
GLN CB   C N N 92  
GLN CG   C N N 93  
GLN CD   C N N 94  
GLN OE1  O N N 95  
GLN NE2  N N N 96  
GLN OXT  O N N 97  
GLN H    H N N 98  
GLN H2   H N N 99  
GLN HA   H N N 100 
GLN HB2  H N N 101 
GLN HB3  H N N 102 
GLN HG2  H N N 103 
GLN HG3  H N N 104 
GLN HE21 H N N 105 
GLN HE22 H N N 106 
GLN HXT  H N N 107 
GLU N    N N N 108 
GLU CA   C N S 109 
GLU C    C N N 110 
GLU O    O N N 111 
GLU CB   C N N 112 
GLU CG   C N N 113 
GLU CD   C N N 114 
GLU OE1  O N N 115 
GLU OE2  O N N 116 
GLU OXT  O N N 117 
GLU H    H N N 118 
GLU H2   H N N 119 
GLU HA   H N N 120 
GLU HB2  H N N 121 
GLU HB3  H N N 122 
GLU HG2  H N N 123 
GLU HG3  H N N 124 
GLU HE2  H N N 125 
GLU HXT  H N N 126 
GLY N    N N N 127 
GLY CA   C N N 128 
GLY C    C N N 129 
GLY O    O N N 130 
GLY OXT  O N N 131 
GLY H    H N N 132 
GLY H2   H N N 133 
GLY HA2  H N N 134 
GLY HA3  H N N 135 
GLY HXT  H N N 136 
HIS N    N N N 137 
HIS CA   C N S 138 
HIS C    C N N 139 
HIS O    O N N 140 
HIS CB   C N N 141 
HIS CG   C Y N 142 
HIS ND1  N Y N 143 
HIS CD2  C Y N 144 
HIS CE1  C Y N 145 
HIS NE2  N Y N 146 
HIS OXT  O N N 147 
HIS H    H N N 148 
HIS H2   H N N 149 
HIS HA   H N N 150 
HIS HB2  H N N 151 
HIS HB3  H N N 152 
HIS HD1  H N N 153 
HIS HD2  H N N 154 
HIS HE1  H N N 155 
HIS HE2  H N N 156 
HIS HXT  H N N 157 
HOH O    O N N 158 
HOH H1   H N N 159 
HOH H2   H N N 160 
ILE N    N N N 161 
ILE CA   C N S 162 
ILE C    C N N 163 
ILE O    O N N 164 
ILE CB   C N S 165 
ILE CG1  C N N 166 
ILE CG2  C N N 167 
ILE CD1  C N N 168 
ILE OXT  O N N 169 
ILE H    H N N 170 
ILE H2   H N N 171 
ILE HA   H N N 172 
ILE HB   H N N 173 
ILE HG12 H N N 174 
ILE HG13 H N N 175 
ILE HG21 H N N 176 
ILE HG22 H N N 177 
ILE HG23 H N N 178 
ILE HD11 H N N 179 
ILE HD12 H N N 180 
ILE HD13 H N N 181 
ILE HXT  H N N 182 
LEU N    N N N 183 
LEU CA   C N S 184 
LEU C    C N N 185 
LEU O    O N N 186 
LEU CB   C N N 187 
LEU CG   C N N 188 
LEU CD1  C N N 189 
LEU CD2  C N N 190 
LEU OXT  O N N 191 
LEU H    H N N 192 
LEU H2   H N N 193 
LEU HA   H N N 194 
LEU HB2  H N N 195 
LEU HB3  H N N 196 
LEU HG   H N N 197 
LEU HD11 H N N 198 
LEU HD12 H N N 199 
LEU HD13 H N N 200 
LEU HD21 H N N 201 
LEU HD22 H N N 202 
LEU HD23 H N N 203 
LEU HXT  H N N 204 
LYS N    N N N 205 
LYS CA   C N S 206 
LYS C    C N N 207 
LYS O    O N N 208 
LYS CB   C N N 209 
LYS CG   C N N 210 
LYS CD   C N N 211 
LYS CE   C N N 212 
LYS NZ   N N N 213 
LYS OXT  O N N 214 
LYS H    H N N 215 
LYS H2   H N N 216 
LYS HA   H N N 217 
LYS HB2  H N N 218 
LYS HB3  H N N 219 
LYS HG2  H N N 220 
LYS HG3  H N N 221 
LYS HD2  H N N 222 
LYS HD3  H N N 223 
LYS HE2  H N N 224 
LYS HE3  H N N 225 
LYS HZ1  H N N 226 
LYS HZ2  H N N 227 
LYS HZ3  H N N 228 
LYS HXT  H N N 229 
MET N    N N N 230 
MET CA   C N S 231 
MET C    C N N 232 
MET O    O N N 233 
MET CB   C N N 234 
MET CG   C N N 235 
MET SD   S N N 236 
MET CE   C N N 237 
MET OXT  O N N 238 
MET H    H N N 239 
MET H2   H N N 240 
MET HA   H N N 241 
MET HB2  H N N 242 
MET HB3  H N N 243 
MET HG2  H N N 244 
MET HG3  H N N 245 
MET HE1  H N N 246 
MET HE2  H N N 247 
MET HE3  H N N 248 
MET HXT  H N N 249 
PHE N    N N N 250 
PHE CA   C N S 251 
PHE C    C N N 252 
PHE O    O N N 253 
PHE CB   C N N 254 
PHE CG   C Y N 255 
PHE CD1  C Y N 256 
PHE CD2  C Y N 257 
PHE CE1  C Y N 258 
PHE CE2  C Y N 259 
PHE CZ   C Y N 260 
PHE OXT  O N N 261 
PHE H    H N N 262 
PHE H2   H N N 263 
PHE HA   H N N 264 
PHE HB2  H N N 265 
PHE HB3  H N N 266 
PHE HD1  H N N 267 
PHE HD2  H N N 268 
PHE HE1  H N N 269 
PHE HE2  H N N 270 
PHE HZ   H N N 271 
PHE HXT  H N N 272 
PRO N    N N N 273 
PRO CA   C N S 274 
PRO C    C N N 275 
PRO O    O N N 276 
PRO CB   C N N 277 
PRO CG   C N N 278 
PRO CD   C N N 279 
PRO OXT  O N N 280 
PRO H    H N N 281 
PRO HA   H N N 282 
PRO HB2  H N N 283 
PRO HB3  H N N 284 
PRO HG2  H N N 285 
PRO HG3  H N N 286 
PRO HD2  H N N 287 
PRO HD3  H N N 288 
PRO HXT  H N N 289 
SER N    N N N 290 
SER CA   C N S 291 
SER C    C N N 292 
SER O    O N N 293 
SER CB   C N N 294 
SER OG   O N N 295 
SER OXT  O N N 296 
SER H    H N N 297 
SER H2   H N N 298 
SER HA   H N N 299 
SER HB2  H N N 300 
SER HB3  H N N 301 
SER HG   H N N 302 
SER HXT  H N N 303 
THR N    N N N 304 
THR CA   C N S 305 
THR C    C N N 306 
THR O    O N N 307 
THR CB   C N R 308 
THR OG1  O N N 309 
THR CG2  C N N 310 
THR OXT  O N N 311 
THR H    H N N 312 
THR H2   H N N 313 
THR HA   H N N 314 
THR HB   H N N 315 
THR HG1  H N N 316 
THR HG21 H N N 317 
THR HG22 H N N 318 
THR HG23 H N N 319 
THR HXT  H N N 320 
TRP N    N N N 321 
TRP CA   C N S 322 
TRP C    C N N 323 
TRP O    O N N 324 
TRP CB   C N N 325 
TRP CG   C Y N 326 
TRP CD1  C Y N 327 
TRP CD2  C Y N 328 
TRP NE1  N Y N 329 
TRP CE2  C Y N 330 
TRP CE3  C Y N 331 
TRP CZ2  C Y N 332 
TRP CZ3  C Y N 333 
TRP CH2  C Y N 334 
TRP OXT  O N N 335 
TRP H    H N N 336 
TRP H2   H N N 337 
TRP HA   H N N 338 
TRP HB2  H N N 339 
TRP HB3  H N N 340 
TRP HD1  H N N 341 
TRP HE1  H N N 342 
TRP HE3  H N N 343 
TRP HZ2  H N N 344 
TRP HZ3  H N N 345 
TRP HH2  H N N 346 
TRP HXT  H N N 347 
TYR N    N N N 348 
TYR CA   C N S 349 
TYR C    C N N 350 
TYR O    O N N 351 
TYR CB   C N N 352 
TYR CG   C Y N 353 
TYR CD1  C Y N 354 
TYR CD2  C Y N 355 
TYR CE1  C Y N 356 
TYR CE2  C Y N 357 
TYR CZ   C Y N 358 
TYR OH   O N N 359 
TYR OXT  O N N 360 
TYR H    H N N 361 
TYR H2   H N N 362 
TYR HA   H N N 363 
TYR HB2  H N N 364 
TYR HB3  H N N 365 
TYR HD1  H N N 366 
TYR HD2  H N N 367 
TYR HE1  H N N 368 
TYR HE2  H N N 369 
TYR HH   H N N 370 
TYR HXT  H N N 371 
VAL N    N N N 372 
VAL CA   C N S 373 
VAL C    C N N 374 
VAL O    O N N 375 
VAL CB   C N N 376 
VAL CG1  C N N 377 
VAL CG2  C N N 378 
VAL OXT  O N N 379 
VAL H    H N N 380 
VAL H2   H N N 381 
VAL HA   H N N 382 
VAL HB   H N N 383 
VAL HG11 H N N 384 
VAL HG12 H N N 385 
VAL HG13 H N N 386 
VAL HG21 H N N 387 
VAL HG22 H N N 388 
VAL HG23 H N N 389 
VAL HXT  H N N 390 
# 
loop_
_chem_comp_bond.comp_id 
_chem_comp_bond.atom_id_1 
_chem_comp_bond.atom_id_2 
_chem_comp_bond.value_order 
_chem_comp_bond.pdbx_aromatic_flag 
_chem_comp_bond.pdbx_stereo_config 
_chem_comp_bond.pdbx_ordinal 
ALA N   CA   sing N N 1   
ALA N   H    sing N N 2   
ALA N   H2   sing N N 3   
ALA CA  C    sing N N 4   
ALA CA  CB   sing N N 5   
ALA CA  HA   sing N N 6   
ALA C   O    doub N N 7   
ALA C   OXT  sing N N 8   
ALA CB  HB1  sing N N 9   
ALA CB  HB2  sing N N 10  
ALA CB  HB3  sing N N 11  
ALA OXT HXT  sing N N 12  
ARG N   CA   sing N N 13  
ARG N   H    sing N N 14  
ARG N   H2   sing N N 15  
ARG CA  C    sing N N 16  
ARG CA  CB   sing N N 17  
ARG CA  HA   sing N N 18  
ARG C   O    doub N N 19  
ARG C   OXT  sing N N 20  
ARG CB  CG   sing N N 21  
ARG CB  HB2  sing N N 22  
ARG CB  HB3  sing N N 23  
ARG CG  CD   sing N N 24  
ARG CG  HG2  sing N N 25  
ARG CG  HG3  sing N N 26  
ARG CD  NE   sing N N 27  
ARG CD  HD2  sing N N 28  
ARG CD  HD3  sing N N 29  
ARG NE  CZ   sing N N 30  
ARG NE  HE   sing N N 31  
ARG CZ  NH1  sing N N 32  
ARG CZ  NH2  doub N N 33  
ARG NH1 HH11 sing N N 34  
ARG NH1 HH12 sing N N 35  
ARG NH2 HH21 sing N N 36  
ARG NH2 HH22 sing N N 37  
ARG OXT HXT  sing N N 38  
ASN N   CA   sing N N 39  
ASN N   H    sing N N 40  
ASN N   H2   sing N N 41  
ASN CA  C    sing N N 42  
ASN CA  CB   sing N N 43  
ASN CA  HA   sing N N 44  
ASN C   O    doub N N 45  
ASN C   OXT  sing N N 46  
ASN CB  CG   sing N N 47  
ASN CB  HB2  sing N N 48  
ASN CB  HB3  sing N N 49  
ASN CG  OD1  doub N N 50  
ASN CG  ND2  sing N N 51  
ASN ND2 HD21 sing N N 52  
ASN ND2 HD22 sing N N 53  
ASN OXT HXT  sing N N 54  
ASP N   CA   sing N N 55  
ASP N   H    sing N N 56  
ASP N   H2   sing N N 57  
ASP CA  C    sing N N 58  
ASP CA  CB   sing N N 59  
ASP CA  HA   sing N N 60  
ASP C   O    doub N N 61  
ASP C   OXT  sing N N 62  
ASP CB  CG   sing N N 63  
ASP CB  HB2  sing N N 64  
ASP CB  HB3  sing N N 65  
ASP CG  OD1  doub N N 66  
ASP CG  OD2  sing N N 67  
ASP OD2 HD2  sing N N 68  
ASP OXT HXT  sing N N 69  
CYS N   CA   sing N N 70  
CYS N   H    sing N N 71  
CYS N   H2   sing N N 72  
CYS CA  C    sing N N 73  
CYS CA  CB   sing N N 74  
CYS CA  HA   sing N N 75  
CYS C   O    doub N N 76  
CYS C   OXT  sing N N 77  
CYS CB  SG   sing N N 78  
CYS CB  HB2  sing N N 79  
CYS CB  HB3  sing N N 80  
CYS SG  HG   sing N N 81  
CYS OXT HXT  sing N N 82  
GLN N   CA   sing N N 83  
GLN N   H    sing N N 84  
GLN N   H2   sing N N 85  
GLN CA  C    sing N N 86  
GLN CA  CB   sing N N 87  
GLN CA  HA   sing N N 88  
GLN C   O    doub N N 89  
GLN C   OXT  sing N N 90  
GLN CB  CG   sing N N 91  
GLN CB  HB2  sing N N 92  
GLN CB  HB3  sing N N 93  
GLN CG  CD   sing N N 94  
GLN CG  HG2  sing N N 95  
GLN CG  HG3  sing N N 96  
GLN CD  OE1  doub N N 97  
GLN CD  NE2  sing N N 98  
GLN NE2 HE21 sing N N 99  
GLN NE2 HE22 sing N N 100 
GLN OXT HXT  sing N N 101 
GLU N   CA   sing N N 102 
GLU N   H    sing N N 103 
GLU N   H2   sing N N 104 
GLU CA  C    sing N N 105 
GLU CA  CB   sing N N 106 
GLU CA  HA   sing N N 107 
GLU C   O    doub N N 108 
GLU C   OXT  sing N N 109 
GLU CB  CG   sing N N 110 
GLU CB  HB2  sing N N 111 
GLU CB  HB3  sing N N 112 
GLU CG  CD   sing N N 113 
GLU CG  HG2  sing N N 114 
GLU CG  HG3  sing N N 115 
GLU CD  OE1  doub N N 116 
GLU CD  OE2  sing N N 117 
GLU OE2 HE2  sing N N 118 
GLU OXT HXT  sing N N 119 
GLY N   CA   sing N N 120 
GLY N   H    sing N N 121 
GLY N   H2   sing N N 122 
GLY CA  C    sing N N 123 
GLY CA  HA2  sing N N 124 
GLY CA  HA3  sing N N 125 
GLY C   O    doub N N 126 
GLY C   OXT  sing N N 127 
GLY OXT HXT  sing N N 128 
HIS N   CA   sing N N 129 
HIS N   H    sing N N 130 
HIS N   H2   sing N N 131 
HIS CA  C    sing N N 132 
HIS CA  CB   sing N N 133 
HIS CA  HA   sing N N 134 
HIS C   O    doub N N 135 
HIS C   OXT  sing N N 136 
HIS CB  CG   sing N N 137 
HIS CB  HB2  sing N N 138 
HIS CB  HB3  sing N N 139 
HIS CG  ND1  sing Y N 140 
HIS CG  CD2  doub Y N 141 
HIS ND1 CE1  doub Y N 142 
HIS ND1 HD1  sing N N 143 
HIS CD2 NE2  sing Y N 144 
HIS CD2 HD2  sing N N 145 
HIS CE1 NE2  sing Y N 146 
HIS CE1 HE1  sing N N 147 
HIS NE2 HE2  sing N N 148 
HIS OXT HXT  sing N N 149 
HOH O   H1   sing N N 150 
HOH O   H2   sing N N 151 
ILE N   CA   sing N N 152 
ILE N   H    sing N N 153 
ILE N   H2   sing N N 154 
ILE CA  C    sing N N 155 
ILE CA  CB   sing N N 156 
ILE CA  HA   sing N N 157 
ILE C   O    doub N N 158 
ILE C   OXT  sing N N 159 
ILE CB  CG1  sing N N 160 
ILE CB  CG2  sing N N 161 
ILE CB  HB   sing N N 162 
ILE CG1 CD1  sing N N 163 
ILE CG1 HG12 sing N N 164 
ILE CG1 HG13 sing N N 165 
ILE CG2 HG21 sing N N 166 
ILE CG2 HG22 sing N N 167 
ILE CG2 HG23 sing N N 168 
ILE CD1 HD11 sing N N 169 
ILE CD1 HD12 sing N N 170 
ILE CD1 HD13 sing N N 171 
ILE OXT HXT  sing N N 172 
LEU N   CA   sing N N 173 
LEU N   H    sing N N 174 
LEU N   H2   sing N N 175 
LEU CA  C    sing N N 176 
LEU CA  CB   sing N N 177 
LEU CA  HA   sing N N 178 
LEU C   O    doub N N 179 
LEU C   OXT  sing N N 180 
LEU CB  CG   sing N N 181 
LEU CB  HB2  sing N N 182 
LEU CB  HB3  sing N N 183 
LEU CG  CD1  sing N N 184 
LEU CG  CD2  sing N N 185 
LEU CG  HG   sing N N 186 
LEU CD1 HD11 sing N N 187 
LEU CD1 HD12 sing N N 188 
LEU CD1 HD13 sing N N 189 
LEU CD2 HD21 sing N N 190 
LEU CD2 HD22 sing N N 191 
LEU CD2 HD23 sing N N 192 
LEU OXT HXT  sing N N 193 
LYS N   CA   sing N N 194 
LYS N   H    sing N N 195 
LYS N   H2   sing N N 196 
LYS CA  C    sing N N 197 
LYS CA  CB   sing N N 198 
LYS CA  HA   sing N N 199 
LYS C   O    doub N N 200 
LYS C   OXT  sing N N 201 
LYS CB  CG   sing N N 202 
LYS CB  HB2  sing N N 203 
LYS CB  HB3  sing N N 204 
LYS CG  CD   sing N N 205 
LYS CG  HG2  sing N N 206 
LYS CG  HG3  sing N N 207 
LYS CD  CE   sing N N 208 
LYS CD  HD2  sing N N 209 
LYS CD  HD3  sing N N 210 
LYS CE  NZ   sing N N 211 
LYS CE  HE2  sing N N 212 
LYS CE  HE3  sing N N 213 
LYS NZ  HZ1  sing N N 214 
LYS NZ  HZ2  sing N N 215 
LYS NZ  HZ3  sing N N 216 
LYS OXT HXT  sing N N 217 
MET N   CA   sing N N 218 
MET N   H    sing N N 219 
MET N   H2   sing N N 220 
MET CA  C    sing N N 221 
MET CA  CB   sing N N 222 
MET CA  HA   sing N N 223 
MET C   O    doub N N 224 
MET C   OXT  sing N N 225 
MET CB  CG   sing N N 226 
MET CB  HB2  sing N N 227 
MET CB  HB3  sing N N 228 
MET CG  SD   sing N N 229 
MET CG  HG2  sing N N 230 
MET CG  HG3  sing N N 231 
MET SD  CE   sing N N 232 
MET CE  HE1  sing N N 233 
MET CE  HE2  sing N N 234 
MET CE  HE3  sing N N 235 
MET OXT HXT  sing N N 236 
PHE N   CA   sing N N 237 
PHE N   H    sing N N 238 
PHE N   H2   sing N N 239 
PHE CA  C    sing N N 240 
PHE CA  CB   sing N N 241 
PHE CA  HA   sing N N 242 
PHE C   O    doub N N 243 
PHE C   OXT  sing N N 244 
PHE CB  CG   sing N N 245 
PHE CB  HB2  sing N N 246 
PHE CB  HB3  sing N N 247 
PHE CG  CD1  doub Y N 248 
PHE CG  CD2  sing Y N 249 
PHE CD1 CE1  sing Y N 250 
PHE CD1 HD1  sing N N 251 
PHE CD2 CE2  doub Y N 252 
PHE CD2 HD2  sing N N 253 
PHE CE1 CZ   doub Y N 254 
PHE CE1 HE1  sing N N 255 
PHE CE2 CZ   sing Y N 256 
PHE CE2 HE2  sing N N 257 
PHE CZ  HZ   sing N N 258 
PHE OXT HXT  sing N N 259 
PRO N   CA   sing N N 260 
PRO N   CD   sing N N 261 
PRO N   H    sing N N 262 
PRO CA  C    sing N N 263 
PRO CA  CB   sing N N 264 
PRO CA  HA   sing N N 265 
PRO C   O    doub N N 266 
PRO C   OXT  sing N N 267 
PRO CB  CG   sing N N 268 
PRO CB  HB2  sing N N 269 
PRO CB  HB3  sing N N 270 
PRO CG  CD   sing N N 271 
PRO CG  HG2  sing N N 272 
PRO CG  HG3  sing N N 273 
PRO CD  HD2  sing N N 274 
PRO CD  HD3  sing N N 275 
PRO OXT HXT  sing N N 276 
SER N   CA   sing N N 277 
SER N   H    sing N N 278 
SER N   H2   sing N N 279 
SER CA  C    sing N N 280 
SER CA  CB   sing N N 281 
SER CA  HA   sing N N 282 
SER C   O    doub N N 283 
SER C   OXT  sing N N 284 
SER CB  OG   sing N N 285 
SER CB  HB2  sing N N 286 
SER CB  HB3  sing N N 287 
SER OG  HG   sing N N 288 
SER OXT HXT  sing N N 289 
THR N   CA   sing N N 290 
THR N   H    sing N N 291 
THR N   H2   sing N N 292 
THR CA  C    sing N N 293 
THR CA  CB   sing N N 294 
THR CA  HA   sing N N 295 
THR C   O    doub N N 296 
THR C   OXT  sing N N 297 
THR CB  OG1  sing N N 298 
THR CB  CG2  sing N N 299 
THR CB  HB   sing N N 300 
THR OG1 HG1  sing N N 301 
THR CG2 HG21 sing N N 302 
THR CG2 HG22 sing N N 303 
THR CG2 HG23 sing N N 304 
THR OXT HXT  sing N N 305 
TRP N   CA   sing N N 306 
TRP N   H    sing N N 307 
TRP N   H2   sing N N 308 
TRP CA  C    sing N N 309 
TRP CA  CB   sing N N 310 
TRP CA  HA   sing N N 311 
TRP C   O    doub N N 312 
TRP C   OXT  sing N N 313 
TRP CB  CG   sing N N 314 
TRP CB  HB2  sing N N 315 
TRP CB  HB3  sing N N 316 
TRP CG  CD1  doub Y N 317 
TRP CG  CD2  sing Y N 318 
TRP CD1 NE1  sing Y N 319 
TRP CD1 HD1  sing N N 320 
TRP CD2 CE2  doub Y N 321 
TRP CD2 CE3  sing Y N 322 
TRP NE1 CE2  sing Y N 323 
TRP NE1 HE1  sing N N 324 
TRP CE2 CZ2  sing Y N 325 
TRP CE3 CZ3  doub Y N 326 
TRP CE3 HE3  sing N N 327 
TRP CZ2 CH2  doub Y N 328 
TRP CZ2 HZ2  sing N N 329 
TRP CZ3 CH2  sing Y N 330 
TRP CZ3 HZ3  sing N N 331 
TRP CH2 HH2  sing N N 332 
TRP OXT HXT  sing N N 333 
TYR N   CA   sing N N 334 
TYR N   H    sing N N 335 
TYR N   H2   sing N N 336 
TYR CA  C    sing N N 337 
TYR CA  CB   sing N N 338 
TYR CA  HA   sing N N 339 
TYR C   O    doub N N 340 
TYR C   OXT  sing N N 341 
TYR CB  CG   sing N N 342 
TYR CB  HB2  sing N N 343 
TYR CB  HB3  sing N N 344 
TYR CG  CD1  doub Y N 345 
TYR CG  CD2  sing Y N 346 
TYR CD1 CE1  sing Y N 347 
TYR CD1 HD1  sing N N 348 
TYR CD2 CE2  doub Y N 349 
TYR CD2 HD2  sing N N 350 
TYR CE1 CZ   doub Y N 351 
TYR CE1 HE1  sing N N 352 
TYR CE2 CZ   sing Y N 353 
TYR CE2 HE2  sing N N 354 
TYR CZ  OH   sing N N 355 
TYR OH  HH   sing N N 356 
TYR OXT HXT  sing N N 357 
VAL N   CA   sing N N 358 
VAL N   H    sing N N 359 
VAL N   H2   sing N N 360 
VAL CA  C    sing N N 361 
VAL CA  CB   sing N N 362 
VAL CA  HA   sing N N 363 
VAL C   O    doub N N 364 
VAL C   OXT  sing N N 365 
VAL CB  CG1  sing N N 366 
VAL CB  CG2  sing N N 367 
VAL CB  HB   sing N N 368 
VAL CG1 HG11 sing N N 369 
VAL CG1 HG12 sing N N 370 
VAL CG1 HG13 sing N N 371 
VAL CG2 HG21 sing N N 372 
VAL CG2 HG22 sing N N 373 
VAL CG2 HG23 sing N N 374 
VAL OXT HXT  sing N N 375 
# 
_atom_sites.entry_id                    1JWF 
_atom_sites.fract_transf_matrix[1][1]   0.01639176 
_atom_sites.fract_transf_matrix[1][2]   -0.00655227 
_atom_sites.fract_transf_matrix[1][3]   0.00418451 
_atom_sites.fract_transf_matrix[2][1]   0.00758460 
_atom_sites.fract_transf_matrix[2][2]   0.01562235 
_atom_sites.fract_transf_matrix[2][3]   -0.00524865 
_atom_sites.fract_transf_matrix[3][1]   -0.00089217 
_atom_sites.fract_transf_matrix[3][2]   0.00339149 
_atom_sites.fract_transf_matrix[3][3]   0.00880536 
_atom_sites.fract_transf_vector[1]      1.217790 
_atom_sites.fract_transf_vector[2]      0.135666 
_atom_sites.fract_transf_vector[3]      0.221289 
# 
loop_
_atom_type.symbol 
C 
N 
O 
S 
# 
loop_
_atom_site.group_PDB 
_atom_site.id 
_atom_site.type_symbol 
_atom_site.label_atom_id 
_atom_site.label_alt_id 
_atom_site.label_comp_id 
_atom_site.label_asym_id 
_atom_site.label_entity_id 
_atom_site.label_seq_id 
_atom_site.pdbx_PDB_ins_code 
_atom_site.Cartn_x 
_atom_site.Cartn_y 
_atom_site.Cartn_z 
_atom_site.occupancy 
_atom_site.B_iso_or_equiv 
_atom_site.pdbx_formal_charge 
_atom_site.auth_seq_id 
_atom_site.auth_comp_id 
_atom_site.auth_asym_id 
_atom_site.auth_atom_id 
_atom_site.pdbx_PDB_model_num 
ATOM   1    N N   . PRO A 1 7   ? -13.828 20.095  -0.749  1.00 49.32 ? 7   PRO A N   1 
ATOM   2    C CA  . PRO A 1 7   ? -12.827 19.107  -1.235  1.00 48.77 ? 7   PRO A CA  1 
ATOM   3    C C   . PRO A 1 7   ? -11.392 19.485  -0.884  1.00 48.24 ? 7   PRO A C   1 
ATOM   4    O O   . PRO A 1 7   ? -11.113 20.586  -0.393  1.00 47.57 ? 7   PRO A O   1 
ATOM   5    C CB  . PRO A 1 7   ? -13.023 19.129  -2.756  1.00 48.91 ? 7   PRO A CB  1 
ATOM   6    C CG  . PRO A 1 7   ? -13.945 20.300  -3.024  1.00 49.35 ? 7   PRO A CG  1 
ATOM   7    C CD  . PRO A 1 7   ? -14.798 20.437  -1.801  1.00 49.37 ? 7   PRO A CD  1 
ATOM   8    N N   . GLU A 1 8   ? -10.486 18.541  -1.109  1.00 47.58 ? 8   GLU A N   1 
ATOM   9    C CA  . GLU A 1 8   ? -9.074  18.775  -0.846  1.00 47.60 ? 8   GLU A CA  1 
ATOM   10   C C   . GLU A 1 8   ? -8.245  17.933  -1.797  1.00 46.75 ? 8   GLU A C   1 
ATOM   11   O O   . GLU A 1 8   ? -8.776  17.056  -2.470  1.00 46.64 ? 8   GLU A O   1 
ATOM   12   C CB  . GLU A 1 8   ? -8.705  18.495  0.620   1.00 47.69 ? 8   GLU A CB  1 
ATOM   13   C CG  . GLU A 1 8   ? -9.694  17.659  1.414   1.00 49.26 ? 8   GLU A CG  1 
ATOM   14   C CD  . GLU A 1 8   ? -9.042  17.075  2.656   1.00 51.81 ? 8   GLU A CD  1 
ATOM   15   O OE1 . GLU A 1 8   ? -8.437  17.845  3.423   1.00 53.34 ? 8   GLU A OE1 1 
ATOM   16   O OE2 . GLU A 1 8   ? -9.118  15.849  2.864   1.00 51.89 ? 8   GLU A OE2 1 
ATOM   17   N N   . THR A 1 9   ? -6.950  18.214  -1.864  1.00 45.87 ? 9   THR A N   1 
ATOM   18   C CA  . THR A 1 9   ? -6.061  17.499  -2.769  1.00 45.64 ? 9   THR A CA  1 
ATOM   19   C C   . THR A 1 9   ? -5.704  16.094  -2.261  1.00 44.22 ? 9   THR A C   1 
ATOM   20   O O   . THR A 1 9   ? -6.012  15.723  -1.124  1.00 43.59 ? 9   THR A O   1 
ATOM   21   C CB  . THR A 1 9   ? -4.767  18.305  -2.985  1.00 45.95 ? 9   THR A CB  1 
ATOM   22   O OG1 . THR A 1 9   ? -3.984  18.286  -1.784  1.00 46.23 ? 9   THR A OG1 1 
ATOM   23   C CG2 . THR A 1 9   ? -5.077  19.777  -3.193  1.00 47.17 ? 9   THR A CG2 1 
ATOM   24   N N   . LEU A 1 10  ? -5.052  15.322  -3.117  1.00 42.96 ? 10  LEU A N   1 
ATOM   25   C CA  . LEU A 1 10  ? -4.607  13.983  -2.727  1.00 42.05 ? 10  LEU A CA  1 
ATOM   26   C C   . LEU A 1 10  ? -3.700  14.000  -1.502  1.00 40.83 ? 10  LEU A C   1 
ATOM   27   O O   . LEU A 1 10  ? -3.898  13.205  -0.575  1.00 40.47 ? 10  LEU A O   1 
ATOM   28   C CB  . LEU A 1 10  ? -3.944  13.262  -3.904  1.00 42.00 ? 10  LEU A CB  1 
ATOM   29   C CG  . LEU A 1 10  ? -4.623  11.950  -4.330  1.00 43.71 ? 10  LEU A CG  1 
ATOM   30   C CD1 . LEU A 1 10  ? -6.146  12.026  -4.276  1.00 41.40 ? 10  LEU A CD1 1 
ATOM   31   C CD2 . LEU A 1 10  ? -4.155  11.491  -5.730  1.00 42.17 ? 10  LEU A CD2 1 
ATOM   32   N N   . GLU A 1 11  ? -2.708  14.883  -1.472  1.00 40.30 ? 11  GLU A N   1 
ATOM   33   C CA  . GLU A 1 11  ? -1.780  14.884  -0.341  1.00 40.34 ? 11  GLU A CA  1 
ATOM   34   C C   . GLU A 1 11  ? -2.430  15.130  1.019   1.00 39.20 ? 11  GLU A C   1 
ATOM   35   O O   . GLU A 1 11  ? -2.089  14.470  2.003   1.00 38.79 ? 11  GLU A O   1 
ATOM   36   C CB  . GLU A 1 11  ? -0.601  15.834  -0.544  1.00 41.54 ? 11  GLU A CB  1 
ATOM   37   C CG  . GLU A 1 11  ? 0.560   15.305  -1.363  1.00 46.77 ? 11  GLU A CG  1 
ATOM   38   C CD  . GLU A 1 11  ? 1.808   15.129  -0.516  1.00 51.73 ? 11  GLU A CD  1 
ATOM   39   O OE1 . GLU A 1 11  ? 2.477   16.140  -0.221  1.00 52.34 ? 11  GLU A OE1 1 
ATOM   40   O OE2 . GLU A 1 11  ? 2.131   13.970  -0.116  1.00 56.22 ? 11  GLU A OE2 1 
ATOM   41   N N   . ALA A 1 12  ? -3.353  16.083  1.085   1.00 37.87 ? 12  ALA A N   1 
ATOM   42   C CA  . ALA A 1 12  ? -4.007  16.397  2.354   1.00 36.38 ? 12  ALA A CA  1 
ATOM   43   C C   . ALA A 1 12  ? -4.941  15.268  2.761   1.00 34.86 ? 12  ALA A C   1 
ATOM   44   O O   . ALA A 1 12  ? -5.022  14.901  3.927   1.00 34.04 ? 12  ALA A O   1 
ATOM   45   C CB  . ALA A 1 12  ? -4.788  17.731  2.255   1.00 37.14 ? 12  ALA A CB  1 
ATOM   46   N N   . ARG A 1 13  ? -5.665  14.749  1.780   1.00 33.50 ? 13  ARG A N   1 
ATOM   47   C CA  . ARG A 1 13  ? -6.547  13.607  1.977   1.00 32.79 ? 13  ARG A CA  1 
ATOM   48   C C   . ARG A 1 13  ? -5.788  12.400  2.555   1.00 31.05 ? 13  ARG A C   1 
ATOM   49   O O   . ARG A 1 13  ? -6.246  11.787  3.502   1.00 30.74 ? 13  ARG A O   1 
ATOM   50   C CB  . ARG A 1 13  ? -7.223  13.224  0.658   1.00 33.26 ? 13  ARG A CB  1 
ATOM   51   C CG  . ARG A 1 13  ? -8.612  12.557  0.815   1.00 39.00 ? 13  ARG A CG  1 
ATOM   52   C CD  . ARG A 1 13  ? -9.738  13.554  1.167   1.00 47.48 ? 13  ARG A CD  1 
ATOM   53   N NE  . ARG A 1 13  ? -11.055 13.054  0.778   1.00 52.19 ? 13  ARG A NE  1 
ATOM   54   C CZ  . ARG A 1 13  ? -11.882 13.668  -0.048  1.00 53.36 ? 13  ARG A CZ  1 
ATOM   55   N NH1 . ARG A 1 13  ? -11.562 14.838  -0.582  1.00 55.89 ? 13  ARG A NH1 1 
ATOM   56   N NH2 . ARG A 1 13  ? -13.052 13.115  -0.334  1.00 55.59 ? 13  ARG A NH2 1 
ATOM   57   N N   . ILE A 1 14  ? -4.622  12.062  2.012   1.00 29.82 ? 14  ILE A N   1 
ATOM   58   C CA  . ILE A 1 14  ? -3.911  10.892  2.553   1.00 28.97 ? 14  ILE A CA  1 
ATOM   59   C C   . ILE A 1 14  ? -3.317  11.217  3.932   1.00 28.72 ? 14  ILE A C   1 
ATOM   60   O O   . ILE A 1 14  ? -3.263  10.359  4.802   1.00 26.72 ? 14  ILE A O   1 
ATOM   61   C CB  . ILE A 1 14  ? -2.835  10.344  1.577   1.00 28.87 ? 14  ILE A CB  1 
ATOM   62   C CG1 . ILE A 1 14  ? -2.491  8.866   1.918   1.00 29.36 ? 14  ILE A CG1 1 
ATOM   63   C CG2 . ILE A 1 14  ? -1.595  11.223  1.578   1.00 28.28 ? 14  ILE A CG2 1 
ATOM   64   C CD1 . ILE A 1 14  ? -3.500  7.885   1.349   1.00 35.41 ? 14  ILE A CD1 1 
ATOM   65   N N   . ASN A 1 15  ? -2.903  12.474  4.139   1.00 28.86 ? 15  ASN A N   1 
ATOM   66   C CA  . ASN A 1 15  ? -2.366  12.866  5.452   1.00 29.44 ? 15  ASN A CA  1 
ATOM   67   C C   . ASN A 1 15  ? -3.424  12.708  6.518   1.00 29.25 ? 15  ASN A C   1 
ATOM   68   O O   . ASN A 1 15  ? -3.171  12.183  7.594   1.00 29.33 ? 15  ASN A O   1 
ATOM   69   C CB  . ASN A 1 15  ? -1.825  14.302  5.433   1.00 29.54 ? 15  ASN A CB  1 
ATOM   70   C CG  . ASN A 1 15  ? -0.563  14.433  4.618   1.00 31.81 ? 15  ASN A CG  1 
ATOM   71   O OD1 . ASN A 1 15  ? -0.179  15.524  4.194   1.00 37.12 ? 15  ASN A OD1 1 
ATOM   72   N ND2 . ASN A 1 15  ? 0.095   13.319  4.388   1.00 32.66 ? 15  ASN A ND2 1 
ATOM   73   N N   . ARG A 1 16  ? -4.636  13.101  6.187   1.00 29.65 ? 16  ARG A N   1 
ATOM   74   C CA  . ARG A 1 16  ? -5.737  12.967  7.110   1.00 31.28 ? 16  ARG A CA  1 
ATOM   75   C C   . ARG A 1 16  ? -6.101  11.483  7.338   1.00 30.36 ? 16  ARG A C   1 
ATOM   76   O O   . ARG A 1 16  ? -6.398  11.051  8.463   1.00 30.61 ? 16  ARG A O   1 
ATOM   77   C CB  . ARG A 1 16  ? -6.935  13.718  6.514   1.00 32.70 ? 16  ARG A CB  1 
ATOM   78   C CG  . ARG A 1 16  ? -8.123  13.883  7.445   1.00 37.67 ? 16  ARG A CG  1 
ATOM   79   C CD  . ARG A 1 16  ? -9.340  14.485  6.723   1.00 44.87 ? 16  ARG A CD  1 
ATOM   80   N NE  . ARG A 1 16  ? -9.045  15.766  6.097   1.00 49.84 ? 16  ARG A NE  1 
ATOM   81   C CZ  . ARG A 1 16  ? -9.252  16.928  6.701   1.00 54.12 ? 16  ARG A CZ  1 
ATOM   82   N NH1 . ARG A 1 16  ? -8.971  18.069  6.082   1.00 55.58 ? 16  ARG A NH1 1 
ATOM   83   N NH2 . ARG A 1 16  ? -9.757  16.944  7.930   1.00 55.43 ? 16  ARG A NH2 1 
ATOM   84   N N   . ALA A 1 17  ? -6.065  10.692  6.272   1.00 29.48 ? 17  ALA A N   1 
ATOM   85   C CA  . ALA A 1 17  ? -6.410  9.273   6.403   1.00 29.21 ? 17  ALA A CA  1 
ATOM   86   C C   . ALA A 1 17  ? -5.353  8.421   7.091   1.00 28.60 ? 17  ALA A C   1 
ATOM   87   O O   . ALA A 1 17  ? -5.641  7.301   7.451   1.00 28.65 ? 17  ALA A O   1 
ATOM   88   C CB  . ALA A 1 17  ? -6.746  8.670   5.055   1.00 29.56 ? 17  ALA A CB  1 
ATOM   89   N N   . THR A 1 18  ? -4.137  8.931   7.253   1.00 28.03 ? 18  THR A N   1 
ATOM   90   C CA  . THR A 1 18  ? -3.074  8.156   7.909   1.00 27.97 ? 18  THR A CA  1 
ATOM   91   C C   . THR A 1 18  ? -2.462  8.889   9.095   1.00 29.90 ? 18  THR A C   1 
ATOM   92   O O   . THR A 1 18  ? -1.370  8.541   9.576   1.00 29.69 ? 18  THR A O   1 
ATOM   93   C CB  . THR A 1 18  ? -1.928  7.808   6.932   1.00 28.48 ? 18  THR A CB  1 
ATOM   94   O OG1 . THR A 1 18  ? -1.438  9.013   6.343   1.00 24.65 ? 18  THR A OG1 1 
ATOM   95   C CG2 . THR A 1 18  ? -2.448  6.920   5.732   1.00 22.99 ? 18  THR A CG2 1 
ATOM   96   N N   . ASN A 1 19  ? -3.157  9.922   9.556   1.00 31.73 ? 19  ASN A N   1 
ATOM   97   C CA  . ASN A 1 19  ? -2.684  10.701  10.699  1.00 33.09 ? 19  ASN A CA  1 
ATOM   98   C C   . ASN A 1 19  ? -2.439  9.882   11.964  1.00 33.51 ? 19  ASN A C   1 
ATOM   99   O O   . ASN A 1 19  ? -3.376  9.300   12.510  1.00 33.86 ? 19  ASN A O   1 
ATOM   100  C CB  . ASN A 1 19  ? -3.661  11.841  10.998  1.00 33.59 ? 19  ASN A CB  1 
ATOM   101  C CG  . ASN A 1 19  ? -3.016  12.975  11.772  1.00 36.14 ? 19  ASN A CG  1 
ATOM   102  O OD1 . ASN A 1 19  ? -2.182  12.739  12.647  1.00 37.21 ? 19  ASN A OD1 1 
ATOM   103  N ND2 . ASN A 1 19  ? -3.425  14.192  11.480  1.00 37.02 ? 19  ASN A ND2 1 
ATOM   104  N N   . PRO A 1 20  ? -1.188  9.813   12.422  1.00 34.87 ? 20  PRO A N   1 
ATOM   105  C CA  . PRO A 1 20  ? -0.834  9.047   13.630  1.00 35.81 ? 20  PRO A CA  1 
ATOM   106  C C   . PRO A 1 20  ? -1.629  9.443   14.886  1.00 36.73 ? 20  PRO A C   1 
ATOM   107  O O   . PRO A 1 20  ? -1.635  8.684   15.835  1.00 36.10 ? 20  PRO A O   1 
ATOM   108  C CB  . PRO A 1 20  ? 0.663   9.347   13.805  1.00 35.59 ? 20  PRO A CB  1 
ATOM   109  C CG  . PRO A 1 20  ? 0.876   10.549  13.004  1.00 35.40 ? 20  PRO A CG  1 
ATOM   110  C CD  . PRO A 1 20  ? 0.002   10.413  11.798  1.00 34.48 ? 20  PRO A CD  1 
ATOM   111  N N   . LEU A 1 21  ? -2.294  10.592  14.851  1.00 38.55 ? 21  LEU A N   1 
ATOM   112  C CA  . LEU A 1 21  ? -3.145  11.065  15.948  1.00 40.69 ? 21  LEU A CA  1 
ATOM   113  C C   . LEU A 1 21  ? -4.544  10.418  15.928  1.00 41.43 ? 21  LEU A C   1 
ATOM   114  O O   . LEU A 1 21  ? -5.198  10.319  16.978  1.00 41.77 ? 21  LEU A O   1 
ATOM   115  C CB  . LEU A 1 21  ? -3.283  12.596  15.861  1.00 41.65 ? 21  LEU A CB  1 
ATOM   116  C CG  . LEU A 1 21  ? -2.301  13.560  16.577  1.00 44.45 ? 21  LEU A CG  1 
ATOM   117  C CD1 . LEU A 1 21  ? -1.219  12.873  17.407  1.00 45.69 ? 21  LEU A CD1 1 
ATOM   118  C CD2 . LEU A 1 21  ? -1.691  14.550  15.592  1.00 46.75 ? 21  LEU A CD2 1 
ATOM   119  N N   . ASN A 1 22  ? -5.003  9.961   14.755  1.00 41.08 ? 22  ASN A N   1 
ATOM   120  C CA  . ASN A 1 22  ? -6.328  9.324   14.651  1.00 41.19 ? 22  ASN A CA  1 
ATOM   121  C C   . ASN A 1 22  ? -6.550  8.296   15.739  1.00 41.06 ? 22  ASN A C   1 
ATOM   122  O O   . ASN A 1 22  ? -5.738  7.413   15.933  1.00 40.39 ? 22  ASN A O   1 
ATOM   123  C CB  . ASN A 1 22  ? -6.501  8.594   13.316  1.00 41.09 ? 22  ASN A CB  1 
ATOM   124  C CG  . ASN A 1 22  ? -6.527  9.523   12.148  1.00 41.95 ? 22  ASN A CG  1 
ATOM   125  O OD1 . ASN A 1 22  ? -6.588  10.738  12.317  1.00 42.44 ? 22  ASN A OD1 1 
ATOM   126  N ND2 . ASN A 1 22  ? -6.445  8.972   10.943  1.00 40.43 ? 22  ASN A ND2 1 
ATOM   127  N N   . LYS A 1 23  ? -7.664  8.376   16.441  1.00 41.71 ? 23  LYS A N   1 
ATOM   128  C CA  . LYS A 1 23  ? -7.878  7.417   17.508  1.00 42.62 ? 23  LYS A CA  1 
ATOM   129  C C   . LYS A 1 23  ? -8.416  6.134   16.921  1.00 42.24 ? 23  LYS A C   1 
ATOM   130  O O   . LYS A 1 23  ? -8.366  5.082   17.553  1.00 42.76 ? 23  LYS A O   1 
ATOM   131  C CB  . LYS A 1 23  ? -8.818  7.979   18.583  1.00 43.71 ? 23  LYS A CB  1 
ATOM   132  C CG  . LYS A 1 23  ? -8.156  9.021   19.504  1.00 46.33 ? 23  LYS A CG  1 
ATOM   133  C CD  . LYS A 1 23  ? -9.203  9.834   20.253  1.00 50.65 ? 23  LYS A CD  1 
ATOM   134  C CE  . LYS A 1 23  ? -8.560  10.952  21.057  1.00 52.43 ? 23  LYS A CE  1 
ATOM   135  N NZ  . LYS A 1 23  ? -7.893  10.409  22.272  1.00 53.37 ? 23  LYS A NZ  1 
ATOM   136  N N   . GLU A 1 24  ? -8.877  6.218   15.680  1.00 41.92 ? 24  GLU A N   1 
ATOM   137  C CA  . GLU A 1 24  ? -9.496  5.089   15.011  1.00 41.38 ? 24  GLU A CA  1 
ATOM   138  C C   . GLU A 1 24  ? -9.553  5.268   13.503  1.00 39.13 ? 24  GLU A C   1 
ATOM   139  O O   . GLU A 1 24  ? -9.717  6.380   13.021  1.00 40.18 ? 24  GLU A O   1 
ATOM   140  C CB  . GLU A 1 24  ? -10.932 4.950   15.517  1.00 42.21 ? 24  GLU A CB  1 
ATOM   141  C CG  . GLU A 1 24  ? -11.510 3.558   15.375  1.00 46.90 ? 24  GLU A CG  1 
ATOM   142  C CD  . GLU A 1 24  ? -12.905 3.449   15.980  1.00 54.08 ? 24  GLU A CD  1 
ATOM   143  O OE1 . GLU A 1 24  ? -13.174 4.140   17.001  1.00 54.51 ? 24  GLU A OE1 1 
ATOM   144  O OE2 . GLU A 1 24  ? -13.731 2.668   15.436  1.00 57.56 ? 24  GLU A OE2 1 
ATOM   145  N N   . LEU A 1 25  ? -9.461  4.166   12.763  1.00 37.47 ? 25  LEU A N   1 
ATOM   146  C CA  . LEU A 1 25  ? -9.576  4.229   11.307  1.00 35.54 ? 25  LEU A CA  1 
ATOM   147  C C   . LEU A 1 25  ? -10.559 5.331   10.924  1.00 34.35 ? 25  LEU A C   1 
ATOM   148  O O   . LEU A 1 25  ? -11.680 5.402   11.444  1.00 34.47 ? 25  LEU A O   1 
ATOM   149  C CB  . LEU A 1 25  ? -10.041 2.885   10.777  1.00 35.54 ? 25  LEU A CB  1 
ATOM   150  C CG  . LEU A 1 25  ? -9.054  1.858   10.183  1.00 37.33 ? 25  LEU A CG  1 
ATOM   151  C CD1 . LEU A 1 25  ? -7.540  2.144   10.387  1.00 34.51 ? 25  LEU A CD1 1 
ATOM   152  C CD2 . LEU A 1 25  ? -9.422  0.437   10.590  1.00 34.63 ? 25  LEU A CD2 1 
ATOM   153  N N   . ASP A 1 26  ? -10.134 6.234   10.059  1.00 31.80 ? 26  ASP A N   1 
ATOM   154  C CA  . ASP A 1 26  ? -11.031 7.280   9.589   1.00 30.99 ? 26  ASP A CA  1 
ATOM   155  C C   . ASP A 1 26  ? -11.590 6.902   8.205   1.00 30.00 ? 26  ASP A C   1 
ATOM   156  O O   . ASP A 1 26  ? -11.054 7.335   7.168   1.00 27.74 ? 26  ASP A O   1 
ATOM   157  C CB  . ASP A 1 26  ? -10.274 8.601   9.504   1.00 31.03 ? 26  ASP A CB  1 
ATOM   158  C CG  . ASP A 1 26  ? -11.143 9.737   9.035   1.00 33.10 ? 26  ASP A CG  1 
ATOM   159  O OD1 . ASP A 1 26  ? -12.332 9.511   8.790   1.00 35.67 ? 26  ASP A OD1 1 
ATOM   160  O OD2 . ASP A 1 26  ? -10.721 10.889  8.866   1.00 36.21 ? 26  ASP A OD2 1 
ATOM   161  N N   . TRP A 1 27  ? -12.673 6.120   8.196   1.00 29.40 ? 27  TRP A N   1 
ATOM   162  C CA  . TRP A 1 27  ? -13.243 5.606   6.939   1.00 28.99 ? 27  TRP A CA  1 
ATOM   163  C C   . TRP A 1 27  ? -13.722 6.667   5.964   1.00 29.82 ? 27  TRP A C   1 
ATOM   164  O O   . TRP A 1 27  ? -13.620 6.481   4.752   1.00 30.43 ? 27  TRP A O   1 
ATOM   165  C CB  . TRP A 1 27  ? -14.301 4.528   7.189   1.00 28.96 ? 27  TRP A CB  1 
ATOM   166  C CG  . TRP A 1 27  ? -13.698 3.230   7.659   1.00 26.50 ? 27  TRP A CG  1 
ATOM   167  C CD1 . TRP A 1 27  ? -13.708 2.727   8.941   1.00 25.43 ? 27  TRP A CD1 1 
ATOM   168  C CD2 . TRP A 1 27  ? -12.999 2.265   6.861   1.00 28.15 ? 27  TRP A CD2 1 
ATOM   169  N NE1 . TRP A 1 27  ? -13.050 1.524   8.976   1.00 27.54 ? 27  TRP A NE1 1 
ATOM   170  C CE2 . TRP A 1 27  ? -12.598 1.221   7.719   1.00 26.41 ? 27  TRP A CE2 1 
ATOM   171  C CE3 . TRP A 1 27  ? -12.647 2.187   5.502   1.00 27.02 ? 27  TRP A CE3 1 
ATOM   172  C CZ2 . TRP A 1 27  ? -11.881 0.122   7.269   1.00 29.87 ? 27  TRP A CZ2 1 
ATOM   173  C CZ3 . TRP A 1 27  ? -11.937 1.099   5.068   1.00 27.30 ? 27  TRP A CZ3 1 
ATOM   174  C CH2 . TRP A 1 27  ? -11.570 0.074   5.938   1.00 29.29 ? 27  TRP A CH2 1 
ATOM   175  N N   . ALA A 1 28  ? -14.218 7.791   6.464   1.00 29.46 ? 28  ALA A N   1 
ATOM   176  C CA  . ALA A 1 28  ? -14.604 8.851   5.547   1.00 30.57 ? 28  ALA A CA  1 
ATOM   177  C C   . ALA A 1 28  ? -13.380 9.364   4.742   1.00 30.04 ? 28  ALA A C   1 
ATOM   178  O O   . ALA A 1 28  ? -13.497 9.644   3.562   1.00 28.90 ? 28  ALA A O   1 
ATOM   179  C CB  . ALA A 1 28  ? -15.261 10.000  6.290   1.00 30.56 ? 28  ALA A CB  1 
ATOM   180  N N   . SER A 1 29  ? -12.224 9.499   5.383   1.00 29.19 ? 29  SER A N   1 
ATOM   181  C CA  . SER A 1 29  ? -11.044 9.938   4.644   1.00 28.94 ? 29  SER A CA  1 
ATOM   182  C C   . SER A 1 29  ? -10.490 8.839   3.764   1.00 27.29 ? 29  SER A C   1 
ATOM   183  O O   . SER A 1 29  ? -10.028 9.106   2.647   1.00 26.68 ? 29  SER A O   1 
ATOM   184  C CB  . SER A 1 29  ? -9.939  10.432  5.573   1.00 29.52 ? 29  SER A CB  1 
ATOM   185  O OG  . SER A 1 29  ? -10.181 11.800  5.884   1.00 34.64 ? 29  SER A OG  1 
ATOM   186  N N   . ILE A 1 30  ? -10.500 7.614   4.272   1.00 25.70 ? 30  ILE A N   1 
ATOM   187  C CA  . ILE A 1 30  ? -9.974  6.492   3.501   1.00 24.06 ? 30  ILE A CA  1 
ATOM   188  C C   . ILE A 1 30  ? -10.745 6.342   2.189   1.00 24.57 ? 30  ILE A C   1 
ATOM   189  O O   . ILE A 1 30  ? -10.150 6.281   1.111   1.00 22.61 ? 30  ILE A O   1 
ATOM   190  C CB  . ILE A 1 30  ? -9.973  5.201   4.307   1.00 23.30 ? 30  ILE A CB  1 
ATOM   191  C CG1 . ILE A 1 30  ? -8.929  5.294   5.433   1.00 22.80 ? 30  ILE A CG1 1 
ATOM   192  C CG2 . ILE A 1 30  ? -9.645  4.027   3.401   1.00 20.63 ? 30  ILE A CG2 1 
ATOM   193  C CD1 . ILE A 1 30  ? -8.979  4.151   6.435   1.00 23.74 ? 30  ILE A CD1 1 
ATOM   194  N N   . ASN A 1 31  ? -12.065 6.253   2.297   1.00 24.49 ? 31  ASN A N   1 
ATOM   195  C CA  . ASN A 1 31  ? -12.932 6.165   1.124   1.00 25.92 ? 31  ASN A CA  1 
ATOM   196  C C   . ASN A 1 31  ? -12.807 7.342   0.171   1.00 25.27 ? 31  ASN A C   1 
ATOM   197  O O   . ASN A 1 31  ? -12.702 7.163   -1.039  1.00 26.09 ? 31  ASN A O   1 
ATOM   198  C CB  . ASN A 1 31  ? -14.388 5.953   1.554   1.00 26.26 ? 31  ASN A CB  1 
ATOM   199  C CG  . ASN A 1 31  ? -14.603 4.580   2.194   1.00 27.36 ? 31  ASN A CG  1 
ATOM   200  O OD1 . ASN A 1 31  ? -15.238 4.449   3.241   1.00 32.56 ? 31  ASN A OD1 1 
ATOM   201  N ND2 . ASN A 1 31  ? -14.047 3.549   1.567   1.00 27.74 ? 31  ASN A ND2 1 
ATOM   202  N N   . GLY A 1 32  ? -12.777 8.544   0.726   1.00 25.95 ? 32  GLY A N   1 
ATOM   203  C CA  . GLY A 1 32  ? -12.736 9.761   -0.093  1.00 26.35 ? 32  GLY A CA  1 
ATOM   204  C C   . GLY A 1 32  ? -11.504 9.785   -0.980  1.00 26.16 ? 32  GLY A C   1 
ATOM   205  O O   . GLY A 1 32  ? -11.536 10.208  -2.138  1.00 25.56 ? 32  GLY A O   1 
ATOM   206  N N   . PHE A 1 33  ? -10.412 9.231   -0.432  1.00 26.21 ? 33  PHE A N   1 
ATOM   207  C CA  . PHE A 1 33  ? -9.133  9.207   -1.142  1.00 25.40 ? 33  PHE A CA  1 
ATOM   208  C C   . PHE A 1 33  ? -9.278  8.315   -2.353  1.00 25.17 ? 33  PHE A C   1 
ATOM   209  O O   . PHE A 1 33  ? -8.940  8.707   -3.453  1.00 25.32 ? 33  PHE A O   1 
ATOM   210  C CB  . PHE A 1 33  ? -8.032  8.713   -0.223  1.00 25.51 ? 33  PHE A CB  1 
ATOM   211  C CG  . PHE A 1 33  ? -6.708  8.514   -0.905  1.00 27.60 ? 33  PHE A CG  1 
ATOM   212  C CD1 . PHE A 1 33  ? -6.315  7.266   -1.346  1.00 25.63 ? 33  PHE A CD1 1 
ATOM   213  C CD2 . PHE A 1 33  ? -5.859  9.596   -1.118  1.00 28.02 ? 33  PHE A CD2 1 
ATOM   214  C CE1 . PHE A 1 33  ? -5.086  7.099   -1.961  1.00 27.61 ? 33  PHE A CE1 1 
ATOM   215  C CE2 . PHE A 1 33  ? -4.624  9.424   -1.737  1.00 30.38 ? 33  PHE A CE2 1 
ATOM   216  C CZ  . PHE A 1 33  ? -4.241  8.176   -2.154  1.00 27.30 ? 33  PHE A CZ  1 
ATOM   217  N N   . CYS A 1 34  ? -9.795  7.113   -2.132  1.00 24.72 ? 34  CYS A N   1 
ATOM   218  C CA  . CYS A 1 34  ? -10.018 6.176   -3.204  1.00 24.86 ? 34  CYS A CA  1 
ATOM   219  C C   . CYS A 1 34  ? -11.003 6.747   -4.255  1.00 26.33 ? 34  CYS A C   1 
ATOM   220  O O   . CYS A 1 34  ? -10.723 6.694   -5.474  1.00 24.57 ? 34  CYS A O   1 
ATOM   221  C CB  . CYS A 1 34  ? -10.469 4.815   -2.648  1.00 25.23 ? 34  CYS A CB  1 
ATOM   222  S SG  . CYS A 1 34  ? -9.219  3.962   -1.636  1.00 25.96 ? 34  CYS A SG  1 
ATOM   223  N N   . GLU A 1 35  ? -12.138 7.294   -3.789  1.00 27.17 ? 35  GLU A N   1 
ATOM   224  C CA  . GLU A 1 35  ? -13.125 7.883   -4.703  1.00 29.55 ? 35  GLU A CA  1 
ATOM   225  C C   . GLU A 1 35  ? -12.510 9.025   -5.472  1.00 29.53 ? 35  GLU A C   1 
ATOM   226  O O   . GLU A 1 35  ? -12.654 9.115   -6.689  1.00 29.92 ? 35  GLU A O   1 
ATOM   227  C CB  . GLU A 1 35  ? -14.426 8.273   -3.957  1.00 29.84 ? 35  GLU A CB  1 
ATOM   228  C CG  . GLU A 1 35  ? -15.023 7.006   -3.355  1.00 36.40 ? 35  GLU A CG  1 
ATOM   229  C CD  . GLU A 1 35  ? -16.237 7.197   -2.453  1.00 44.04 ? 35  GLU A CD  1 
ATOM   230  O OE1 . GLU A 1 35  ? -16.778 6.161   -2.023  1.00 44.98 ? 35  GLU A OE1 1 
ATOM   231  O OE2 . GLU A 1 35  ? -16.658 8.350   -2.175  1.00 48.56 ? 35  GLU A OE2 1 
ATOM   232  N N   . GLN A 1 36  ? -11.761 9.863   -4.779  1.00 30.26 ? 36  GLN A N   1 
ATOM   233  C CA  . GLN A 1 36  ? -11.124 10.985  -5.438  1.00 31.50 ? 36  GLN A CA  1 
ATOM   234  C C   . GLN A 1 36  ? -10.176 10.537  -6.540  1.00 31.98 ? 36  GLN A C   1 
ATOM   235  O O   . GLN A 1 36  ? -10.137 11.117  -7.641  1.00 30.83 ? 36  GLN A O   1 
ATOM   236  C CB  . GLN A 1 36  ? -10.374 11.822  -4.433  1.00 31.63 ? 36  GLN A CB  1 
ATOM   237  C CG  . GLN A 1 36  ? -9.822  13.061  -5.036  1.00 35.77 ? 36  GLN A CG  1 
ATOM   238  C CD  . GLN A 1 36  ? -9.427  14.057  -3.980  1.00 40.32 ? 36  GLN A CD  1 
ATOM   239  O OE1 . GLN A 1 36  ? -8.681  14.997  -4.262  1.00 42.10 ? 36  GLN A OE1 1 
ATOM   240  N NE2 . GLN A 1 36  ? -9.892  13.837  -2.751  1.00 43.08 ? 36  GLN A NE2 1 
ATOM   241  N N   . LEU A 1 37  ? -9.426  9.481   -6.229  1.00 32.23 ? 37  LEU A N   1 
ATOM   242  C CA  . LEU A 1 37  ? -8.492  8.890   -7.141  1.00 33.13 ? 37  LEU A CA  1 
ATOM   243  C C   . LEU A 1 37  ? -9.255  8.450   -8.394  1.00 33.11 ? 37  LEU A C   1 
ATOM   244  O O   . LEU A 1 37  ? -8.796  8.635   -9.517  1.00 32.72 ? 37  LEU A O   1 
ATOM   245  C CB  . LEU A 1 37  ? -7.880  7.682   -6.431  1.00 34.26 ? 37  LEU A CB  1 
ATOM   246  C CG  . LEU A 1 37  ? -6.736  6.870   -6.983  1.00 35.53 ? 37  LEU A CG  1 
ATOM   247  C CD1 . LEU A 1 37  ? -6.160  6.064   -5.832  1.00 33.76 ? 37  LEU A CD1 1 
ATOM   248  C CD2 . LEU A 1 37  ? -7.205  5.953   -8.109  1.00 37.90 ? 37  LEU A CD2 1 
ATOM   249  N N   . ASN A 1 38  ? -10.434 7.882   -8.187  1.00 33.54 ? 38  ASN A N   1 
ATOM   250  C CA  . ASN A 1 38  ? -11.286 7.408   -9.284  1.00 34.45 ? 38  ASN A CA  1 
ATOM   251  C C   . ASN A 1 38  ? -11.690 8.463   -10.316 1.00 34.95 ? 38  ASN A C   1 
ATOM   252  O O   . ASN A 1 38  ? -12.011 8.118   -11.457 1.00 36.72 ? 38  ASN A O   1 
ATOM   253  C CB  . ASN A 1 38  ? -12.573 6.766   -8.744  1.00 33.80 ? 38  ASN A CB  1 
ATOM   254  C CG  . ASN A 1 38  ? -12.361 5.337   -8.287  1.00 35.48 ? 38  ASN A CG  1 
ATOM   255  O OD1 . ASN A 1 38  ? -11.389 4.704   -8.677  1.00 32.88 ? 38  ASN A OD1 1 
ATOM   256  N ND2 . ASN A 1 38  ? -13.266 4.831   -7.421  1.00 31.59 ? 38  ASN A ND2 1 
ATOM   257  N N   . GLU A 1 39  ? -11.703 9.732   -9.942  1.00 34.77 ? 39  GLU A N   1 
ATOM   258  C CA  . GLU A 1 39  ? -12.087 10.759  -10.926 1.00 36.23 ? 39  GLU A CA  1 
ATOM   259  C C   . GLU A 1 39  ? -10.953 11.725  -11.257 1.00 35.44 ? 39  GLU A C   1 
ATOM   260  O O   . GLU A 1 39  ? -11.179 12.801  -11.832 1.00 35.79 ? 39  GLU A O   1 
ATOM   261  C CB  . GLU A 1 39  ? -13.362 11.504  -10.472 1.00 36.60 ? 39  GLU A CB  1 
ATOM   262  C CG  . GLU A 1 39  ? -14.619 10.625  -10.611 1.00 41.24 ? 39  GLU A CG  1 
ATOM   263  C CD  . GLU A 1 39  ? -15.913 11.415  -10.656 1.00 45.02 ? 39  GLU A CD  1 
ATOM   264  O OE1 . GLU A 1 39  ? -16.748 11.134  -11.545 1.00 47.66 ? 39  GLU A OE1 1 
ATOM   265  O OE2 . GLU A 1 39  ? -16.101 12.305  -9.801  1.00 47.79 ? 39  GLU A OE2 1 
ATOM   266  N N   . ASP A 1 40  ? -9.729  11.347  -10.890 1.00 34.03 ? 40  ASP A N   1 
ATOM   267  C CA  . ASP A 1 40  ? -8.590  12.223  -11.136 1.00 33.35 ? 40  ASP A CA  1 
ATOM   268  C C   . ASP A 1 40  ? -7.798  11.658  -12.295 1.00 32.70 ? 40  ASP A C   1 
ATOM   269  O O   . ASP A 1 40  ? -7.389  10.510  -12.263 1.00 30.83 ? 40  ASP A O   1 
ATOM   270  C CB  . ASP A 1 40  ? -7.733  12.391  -9.873  1.00 33.29 ? 40  ASP A CB  1 
ATOM   271  C CG  . ASP A 1 40  ? -6.464  13.207  -10.116 1.00 35.11 ? 40  ASP A CG  1 
ATOM   272  O OD1 . ASP A 1 40  ? -5.938  13.783  -9.156  1.00 41.34 ? 40  ASP A OD1 1 
ATOM   273  O OD2 . ASP A 1 40  ? -5.886  13.307  -11.196 1.00 34.89 ? 40  ASP A OD2 1 
ATOM   274  N N   . PHE A 1 41  ? -7.628  12.467  -13.337 1.00 32.26 ? 41  PHE A N   1 
ATOM   275  C CA  . PHE A 1 41  ? -6.923  12.008  -14.531 1.00 32.52 ? 41  PHE A CA  1 
ATOM   276  C C   . PHE A 1 41  ? -5.510  11.533  -14.227 1.00 33.04 ? 41  PHE A C   1 
ATOM   277  O O   . PHE A 1 41  ? -5.029  10.632  -14.887 1.00 32.39 ? 41  PHE A O   1 
ATOM   278  C CB  . PHE A 1 41  ? -6.960  13.063  -15.648 1.00 31.85 ? 41  PHE A CB  1 
ATOM   279  C CG  . PHE A 1 41  ? -8.354  13.351  -16.131 1.00 30.85 ? 41  PHE A CG  1 
ATOM   280  C CD1 . PHE A 1 41  ? -8.968  14.550  -15.839 1.00 31.60 ? 41  PHE A CD1 1 
ATOM   281  C CD2 . PHE A 1 41  ? -9.078  12.394  -16.805 1.00 31.96 ? 41  PHE A CD2 1 
ATOM   282  C CE1 . PHE A 1 41  ? -10.275 14.804  -16.244 1.00 32.22 ? 41  PHE A CE1 1 
ATOM   283  C CE2 . PHE A 1 41  ? -10.397 12.648  -17.224 1.00 29.61 ? 41  PHE A CE2 1 
ATOM   284  C CZ  . PHE A 1 41  ? -10.980 13.849  -16.947 1.00 31.07 ? 41  PHE A CZ  1 
ATOM   285  N N   . GLU A 1 42  ? -4.874  12.114  -13.208 1.00 34.19 ? 42  GLU A N   1 
ATOM   286  C CA  . GLU A 1 42  ? -3.496  11.734  -12.811 1.00 36.30 ? 42  GLU A CA  1 
ATOM   287  C C   . GLU A 1 42  ? -3.432  10.945  -11.494 1.00 35.88 ? 42  GLU A C   1 
ATOM   288  O O   . GLU A 1 42  ? -2.337  10.747  -10.936 1.00 36.47 ? 42  GLU A O   1 
ATOM   289  C CB  . GLU A 1 42  ? -2.640  13.000  -12.613 1.00 36.14 ? 42  GLU A CB  1 
ATOM   290  C CG  . GLU A 1 42  ? -3.276  14.248  -13.197 1.00 41.77 ? 42  GLU A CG  1 
ATOM   291  C CD  . GLU A 1 42  ? -2.270  15.197  -13.844 1.00 46.15 ? 42  GLU A CD  1 
ATOM   292  O OE1 . GLU A 1 42  ? -1.051  15.026  -13.615 1.00 46.48 ? 42  GLU A OE1 1 
ATOM   293  O OE2 . GLU A 1 42  ? -2.703  16.116  -14.592 1.00 48.02 ? 42  GLU A OE2 1 
ATOM   294  N N   . GLY A 1 43  ? -4.591  10.525  -10.986 1.00 35.02 ? 43  GLY A N   1 
ATOM   295  C CA  . GLY A 1 43  ? -4.694  9.830   -9.701  1.00 33.77 ? 43  GLY A CA  1 
ATOM   296  C C   . GLY A 1 43  ? -3.756  8.664   -9.365  1.00 32.74 ? 43  GLY A C   1 
ATOM   297  O O   . GLY A 1 43  ? -2.905  8.795   -8.492  1.00 32.30 ? 43  GLY A O   1 
ATOM   298  N N   . PRO A 1 44  ? -3.916  7.532   -10.049 1.00 32.62 ? 44  PRO A N   1 
ATOM   299  C CA  . PRO A 1 44  ? -3.132  6.326   -9.761  1.00 32.53 ? 44  PRO A CA  1 
ATOM   300  C C   . PRO A 1 44  ? -1.618  6.500   -9.573  1.00 32.24 ? 44  PRO A C   1 
ATOM   301  O O   . PRO A 1 44  ? -1.134  6.133   -8.510  1.00 31.65 ? 44  PRO A O   1 
ATOM   302  C CB  . PRO A 1 44  ? -3.470  5.402   -10.936 1.00 33.45 ? 44  PRO A CB  1 
ATOM   303  C CG  . PRO A 1 44  ? -4.898  5.812   -11.295 1.00 32.73 ? 44  PRO A CG  1 
ATOM   304  C CD  . PRO A 1 44  ? -4.861  7.312   -11.163 1.00 32.47 ? 44  PRO A CD  1 
ATOM   305  N N   . PRO A 1 45  ? -0.889  7.063   -10.530 1.00 32.39 ? 45  PRO A N   1 
ATOM   306  C CA  . PRO A 1 45  ? 0.571   7.199   -10.362 1.00 31.72 ? 45  PRO A CA  1 
ATOM   307  C C   . PRO A 1 45  ? 0.898   8.073   -9.158  1.00 30.97 ? 45  PRO A C   1 
ATOM   308  O O   . PRO A 1 45  ? 1.869   7.840   -8.449  1.00 31.37 ? 45  PRO A O   1 
ATOM   309  C CB  . PRO A 1 45  ? 1.030   7.897   -11.649 1.00 31.42 ? 45  PRO A CB  1 
ATOM   310  C CG  . PRO A 1 45  ? -0.128  7.771   -12.623 1.00 33.26 ? 45  PRO A CG  1 
ATOM   311  C CD  . PRO A 1 45  ? -1.372  7.626   -11.807 1.00 32.62 ? 45  PRO A CD  1 
ATOM   312  N N   . LEU A 1 46  ? 0.093   9.094   -8.939  1.00 30.16 ? 46  LEU A N   1 
ATOM   313  C CA  . LEU A 1 46  ? 0.322   9.989   -7.829  1.00 31.05 ? 46  LEU A CA  1 
ATOM   314  C C   . LEU A 1 46  ? 0.055   9.314   -6.453  1.00 29.25 ? 46  LEU A C   1 
ATOM   315  O O   . LEU A 1 46  ? 0.838   9.469   -5.547  1.00 28.86 ? 46  LEU A O   1 
ATOM   316  C CB  . LEU A 1 46  ? -0.560  11.214  -8.007  1.00 32.40 ? 46  LEU A CB  1 
ATOM   317  C CG  . LEU A 1 46  ? -0.116  12.555  -7.432  1.00 37.24 ? 46  LEU A CG  1 
ATOM   318  C CD1 . LEU A 1 46  ? -1.336  13.500  -7.354  1.00 41.50 ? 46  LEU A CD1 1 
ATOM   319  C CD2 . LEU A 1 46  ? 0.549   12.423  -6.063  1.00 39.67 ? 46  LEU A CD2 1 
ATOM   320  N N   . ALA A 1 47  ? -1.047  8.577   -6.323  1.00 27.83 ? 47  ALA A N   1 
ATOM   321  C CA  . ALA A 1 47  ? -1.428  7.921   -5.063  1.00 27.23 ? 47  ALA A CA  1 
ATOM   322  C C   . ALA A 1 47  ? -0.420  6.838   -4.645  1.00 26.81 ? 47  ALA A C   1 
ATOM   323  O O   . ALA A 1 47  ? -0.157  6.621   -3.488  1.00 25.22 ? 47  ALA A O   1 
ATOM   324  C CB  . ALA A 1 47  ? -2.838  7.316   -5.184  1.00 26.96 ? 47  ALA A CB  1 
ATOM   325  N N   . THR A 1 48  ? 0.122   6.173   -5.642  1.00 26.95 ? 48  THR A N   1 
ATOM   326  C CA  . THR A 1 48  ? 1.126   5.139   -5.502  1.00 29.11 ? 48  THR A CA  1 
ATOM   327  C C   . THR A 1 48  ? 2.394   5.646   -4.799  1.00 28.15 ? 48  THR A C   1 
ATOM   328  O O   . THR A 1 48  ? 2.886   5.042   -3.817  1.00 27.35 ? 48  THR A O   1 
ATOM   329  C CB  . THR A 1 48  ? 1.363   4.602   -6.945  1.00 28.47 ? 48  THR A CB  1 
ATOM   330  O OG1 . THR A 1 48  ? 0.802   3.286   -7.004  1.00 33.54 ? 48  THR A OG1 1 
ATOM   331  C CG2 . THR A 1 48  ? 2.743   4.433   -7.271  1.00 29.97 ? 48  THR A CG2 1 
ATOM   332  N N   . ARG A 1 49  ? 2.864   6.799   -5.257  1.00 28.27 ? 49  ARG A N   1 
ATOM   333  C CA  . ARG A 1 49  ? 4.015   7.479   -4.651  1.00 29.04 ? 49  ARG A CA  1 
ATOM   334  C C   . ARG A 1 49  ? 3.700   7.922   -3.219  1.00 27.82 ? 49  ARG A C   1 
ATOM   335  O O   . ARG A 1 49  ? 4.519   7.755   -2.345  1.00 28.22 ? 49  ARG A O   1 
ATOM   336  C CB  . ARG A 1 49  ? 4.423   8.704   -5.474  1.00 28.97 ? 49  ARG A CB  1 
ATOM   337  C CG  . ARG A 1 49  ? 4.797   8.422   -6.933  1.00 35.81 ? 49  ARG A CG  1 
ATOM   338  C CD  . ARG A 1 49  ? 4.973   9.696   -7.804  1.00 44.84 ? 49  ARG A CD  1 
ATOM   339  N NE  . ARG A 1 49  ? 5.388   9.374   -9.175  1.00 51.80 ? 49  ARG A NE  1 
ATOM   340  C CZ  . ARG A 1 49  ? 4.703   9.680   -10.276 1.00 55.11 ? 49  ARG A CZ  1 
ATOM   341  N NH1 . ARG A 1 49  ? 3.542   10.324  -10.196 1.00 56.32 ? 49  ARG A NH1 1 
ATOM   342  N NH2 . ARG A 1 49  ? 5.177   9.323   -11.471 1.00 58.11 ? 49  ARG A NH2 1 
ATOM   343  N N   . LEU A 1 50  ? 2.517   8.486   -2.974  1.00 26.81 ? 50  LEU A N   1 
ATOM   344  C CA  . LEU A 1 50  ? 2.169   8.905   -1.611  1.00 26.39 ? 50  LEU A CA  1 
ATOM   345  C C   . LEU A 1 50  ? 2.028   7.701   -0.684  1.00 25.36 ? 50  LEU A C   1 
ATOM   346  O O   . LEU A 1 50  ? 2.455   7.720   0.474   1.00 25.07 ? 50  LEU A O   1 
ATOM   347  C CB  . LEU A 1 50  ? 0.881   9.707   -1.596  1.00 26.66 ? 50  LEU A CB  1 
ATOM   348  C CG  . LEU A 1 50  ? 0.934   10.986  -2.430  1.00 29.03 ? 50  LEU A CG  1 
ATOM   349  C CD1 . LEU A 1 50  ? -0.466  11.648  -2.566  1.00 31.01 ? 50  LEU A CD1 1 
ATOM   350  C CD2 . LEU A 1 50  ? 1.917   11.902  -1.782  1.00 32.69 ? 50  LEU A CD2 1 
ATOM   351  N N   . LEU A 1 51  ? 1.418   6.642   -1.193  1.00 23.67 ? 51  LEU A N   1 
ATOM   352  C CA  . LEU A 1 51  ? 1.246   5.450   -0.373  1.00 23.67 ? 51  LEU A CA  1 
ATOM   353  C C   . LEU A 1 51  ? 2.577   4.805   0.030   1.00 22.95 ? 51  LEU A C   1 
ATOM   354  O O   . LEU A 1 51  ? 2.732   4.427   1.163   1.00 23.60 ? 51  LEU A O   1 
ATOM   355  C CB  . LEU A 1 51  ? 0.328   4.436   -1.034  1.00 22.72 ? 51  LEU A CB  1 
ATOM   356  C CG  . LEU A 1 51  ? -1.139  4.869   -1.011  1.00 21.81 ? 51  LEU A CG  1 
ATOM   357  C CD1 . LEU A 1 51  ? -1.981  4.071   -1.971  1.00 22.32 ? 51  LEU A CD1 1 
ATOM   358  C CD2 . LEU A 1 51  ? -1.672  4.771   0.397   1.00 21.64 ? 51  LEU A CD2 1 
ATOM   359  N N   . ALA A 1 52  ? 3.503   4.676   -0.909  1.00 22.94 ? 52  ALA A N   1 
ATOM   360  C CA  . ALA A 1 52  ? 4.821   4.127   -0.628  1.00 24.00 ? 52  ALA A CA  1 
ATOM   361  C C   . ALA A 1 52  ? 5.467   4.884   0.518   1.00 24.57 ? 52  ALA A C   1 
ATOM   362  O O   . ALA A 1 52  ? 5.911   4.302   1.506   1.00 23.73 ? 52  ALA A O   1 
ATOM   363  C CB  . ALA A 1 52  ? 5.685   4.224   -1.821  1.00 23.03 ? 52  ALA A CB  1 
ATOM   364  N N   . HIS A 1 53  ? 5.504   6.199   0.398   1.00 26.73 ? 53  HIS A N   1 
ATOM   365  C CA  . HIS A 1 53  ? 6.112   6.961   1.477   1.00 28.19 ? 53  HIS A CA  1 
ATOM   366  C C   . HIS A 1 53  ? 5.478   6.700   2.855   1.00 27.48 ? 53  HIS A C   1 
ATOM   367  O O   . HIS A 1 53  ? 6.203   6.394   3.811   1.00 26.72 ? 53  HIS A O   1 
ATOM   368  C CB  . HIS A 1 53  ? 6.188   8.455   1.172   1.00 29.14 ? 53  HIS A CB  1 
ATOM   369  C CG  . HIS A 1 53  ? 6.859   9.231   2.260   1.00 34.96 ? 53  HIS A CG  1 
ATOM   370  N ND1 . HIS A 1 53  ? 6.162   10.032  3.136   1.00 39.89 ? 53  HIS A ND1 1 
ATOM   371  C CD2 . HIS A 1 53  ? 8.156   9.291   2.646   1.00 39.08 ? 53  HIS A CD2 1 
ATOM   372  C CE1 . HIS A 1 53  ? 7.000   10.562  4.009   1.00 41.26 ? 53  HIS A CE1 1 
ATOM   373  N NE2 . HIS A 1 53  ? 8.218   10.140  3.725   1.00 41.47 ? 53  HIS A NE2 1 
ATOM   374  N N   . LYS A 1 54  ? 4.149   6.748   2.961   1.00 25.54 ? 54  LYS A N   1 
ATOM   375  C CA  . LYS A 1 54  ? 3.490   6.514   4.255   1.00 24.45 ? 54  LYS A CA  1 
ATOM   376  C C   . LYS A 1 54  ? 3.682   5.088   4.751   1.00 24.33 ? 54  LYS A C   1 
ATOM   377  O O   . LYS A 1 54  ? 3.680   4.833   5.946   1.00 23.21 ? 54  LYS A O   1 
ATOM   378  C CB  . LYS A 1 54  ? 1.968   6.788   4.220   1.00 24.61 ? 54  LYS A CB  1 
ATOM   379  C CG  . LYS A 1 54  ? 1.509   8.191   3.828   1.00 25.63 ? 54  LYS A CG  1 
ATOM   380  C CD  . LYS A 1 54  ? 1.967   9.235   4.885   1.00 27.55 ? 54  LYS A CD  1 
ATOM   381  C CE  . LYS A 1 54  ? 1.521   10.657  4.506   1.00 30.48 ? 54  LYS A CE  1 
ATOM   382  N NZ  . LYS A 1 54  ? 1.959   11.621  5.554   1.00 32.80 ? 54  LYS A NZ  1 
ATOM   383  N N   . ILE A 1 55  ? 3.776   4.140   3.826   1.00 24.42 ? 55  ILE A N   1 
ATOM   384  C CA  . ILE A 1 55  ? 3.912   2.741   4.226   1.00 25.07 ? 55  ILE A CA  1 
ATOM   385  C C   . ILE A 1 55  ? 5.243   2.476   4.923   1.00 25.08 ? 55  ILE A C   1 
ATOM   386  O O   . ILE A 1 55  ? 5.323   1.717   5.866   1.00 25.66 ? 55  ILE A O   1 
ATOM   387  C CB  . ILE A 1 55  ? 3.693   1.789   3.040   1.00 24.97 ? 55  ILE A CB  1 
ATOM   388  C CG1 . ILE A 1 55  ? 2.179   1.782   2.695   1.00 26.25 ? 55  ILE A CG1 1 
ATOM   389  C CG2 . ILE A 1 55  ? 4.180   0.374   3.390   1.00 23.05 ? 55  ILE A CG2 1 
ATOM   390  C CD1 . ILE A 1 55  ? 1.842   1.346   1.259   1.00 22.76 ? 55  ILE A CD1 1 
ATOM   391  N N   . GLN A 1 56  ? 6.255   3.199   4.468   1.00 26.37 ? 56  GLN A N   1 
ATOM   392  C CA  . GLN A 1 56  ? 7.597   3.143   5.007   1.00 28.31 ? 56  GLN A CA  1 
ATOM   393  C C   . GLN A 1 56  ? 7.743   3.936   6.318   1.00 29.97 ? 56  GLN A C   1 
ATOM   394  O O   . GLN A 1 56  ? 8.828   4.028   6.864   1.00 29.80 ? 56  GLN A O   1 
ATOM   395  C CB  . GLN A 1 56  ? 8.585   3.620   3.927   1.00 27.76 ? 56  GLN A CB  1 
ATOM   396  C CG  . GLN A 1 56  ? 8.653   2.640   2.745   1.00 27.80 ? 56  GLN A CG  1 
ATOM   397  C CD  . GLN A 1 56  ? 9.583   3.085   1.609   1.00 28.90 ? 56  GLN A CD  1 
ATOM   398  O OE1 . GLN A 1 56  ? 9.889   2.296   0.690   1.00 26.78 ? 56  GLN A OE1 1 
ATOM   399  N NE2 . GLN A 1 56  ? 10.023  4.318   1.659   1.00 26.45 ? 56  GLN A NE2 1 
ATOM   400  N N   . SER A 1 57  ? 6.651   4.484   6.835   1.00 30.67 ? 57  SER A N   1 
ATOM   401  C CA  . SER A 1 57  ? 6.767   5.273   8.071   1.00 32.02 ? 57  SER A CA  1 
ATOM   402  C C   . SER A 1 57  ? 7.294   4.489   9.294   1.00 32.66 ? 57  SER A C   1 
ATOM   403  O O   . SER A 1 57  ? 6.858   3.371   9.585   1.00 31.58 ? 57  SER A O   1 
ATOM   404  C CB  . SER A 1 57  ? 5.414   5.901   8.425   1.00 31.78 ? 57  SER A CB  1 
ATOM   405  O OG  . SER A 1 57  ? 5.518   6.865   9.472   1.00 33.37 ? 57  SER A OG  1 
ATOM   406  N N   . PRO A 1 58  ? 8.188   5.103   10.060  1.00 34.20 ? 58  PRO A N   1 
ATOM   407  C CA  . PRO A 1 58  ? 8.637   4.490   11.320  1.00 35.02 ? 58  PRO A CA  1 
ATOM   408  C C   . PRO A 1 58  ? 7.480   4.378   12.328  1.00 35.84 ? 58  PRO A C   1 
ATOM   409  O O   . PRO A 1 58  ? 7.484   3.466   13.150  1.00 37.53 ? 58  PRO A O   1 
ATOM   410  C CB  . PRO A 1 58  ? 9.736   5.438   11.825  1.00 35.09 ? 58  PRO A CB  1 
ATOM   411  C CG  . PRO A 1 58  ? 9.505   6.724   11.119  1.00 36.58 ? 58  PRO A CG  1 
ATOM   412  C CD  . PRO A 1 58  ? 8.790   6.419   9.806   1.00 34.45 ? 58  PRO A CD  1 
ATOM   413  N N   . GLN A 1 59  ? 6.496   5.269   12.246  1.00 36.02 ? 59  GLN A N   1 
ATOM   414  C CA  . GLN A 1 59  ? 5.322   5.245   13.124  1.00 36.70 ? 59  GLN A CA  1 
ATOM   415  C C   . GLN A 1 59  ? 4.430   4.124   12.674  1.00 36.05 ? 59  GLN A C   1 
ATOM   416  O O   . GLN A 1 59  ? 3.873   4.157   11.587  1.00 36.78 ? 59  GLN A O   1 
ATOM   417  C CB  . GLN A 1 59  ? 4.549   6.571   13.010  1.00 36.77 ? 59  GLN A CB  1 
ATOM   418  C CG  . GLN A 1 59  ? 4.702   7.562   14.167  1.00 42.21 ? 59  GLN A CG  1 
ATOM   419  C CD  . GLN A 1 59  ? 4.940   8.974   13.660  1.00 46.33 ? 59  GLN A CD  1 
ATOM   420  O OE1 . GLN A 1 59  ? 4.127   9.870   13.863  1.00 46.22 ? 59  GLN A OE1 1 
ATOM   421  N NE2 . GLN A 1 59  ? 6.057   9.161   12.975  1.00 51.30 ? 59  GLN A NE2 1 
ATOM   422  N N   . GLU A 1 60  ? 4.240   3.141   13.514  1.00 35.16 ? 60  GLU A N   1 
ATOM   423  C CA  . GLU A 1 60  ? 3.435   2.007   13.109  1.00 34.79 ? 60  GLU A CA  1 
ATOM   424  C C   . GLU A 1 60  ? 1.957   2.321   12.744  1.00 33.55 ? 60  GLU A C   1 
ATOM   425  O O   . GLU A 1 60  ? 1.437   1.751   11.770  1.00 33.62 ? 60  GLU A O   1 
ATOM   426  C CB  . GLU A 1 60  ? 3.510   0.949   14.185  1.00 34.83 ? 60  GLU A CB  1 
ATOM   427  C CG  . GLU A 1 60  ? 2.736   -0.312  13.891  1.00 39.09 ? 60  GLU A CG  1 
ATOM   428  C CD  . GLU A 1 60  ? 2.929   -1.317  15.005  1.00 44.33 ? 60  GLU A CD  1 
ATOM   429  O OE1 . GLU A 1 60  ? 4.021   -1.285  15.616  1.00 49.05 ? 60  GLU A OE1 1 
ATOM   430  O OE2 . GLU A 1 60  ? 2.017   -2.112  15.284  1.00 45.18 ? 60  GLU A OE2 1 
ATOM   431  N N   . TRP A 1 61  ? 1.280   3.185   13.503  1.00 31.87 ? 61  TRP A N   1 
ATOM   432  C CA  . TRP A 1 61  ? -0.141  3.465   13.229  1.00 30.39 ? 61  TRP A CA  1 
ATOM   433  C C   . TRP A 1 61  ? -0.320  4.133   11.887  1.00 28.55 ? 61  TRP A C   1 
ATOM   434  O O   . TRP A 1 61  ? -1.312  3.947   11.207  1.00 27.97 ? 61  TRP A O   1 
ATOM   435  C CB  . TRP A 1 61  ? -0.789  4.320   14.325  1.00 30.63 ? 61  TRP A CB  1 
ATOM   436  C CG  . TRP A 1 61  ? -2.296  4.552   14.147  1.00 33.43 ? 61  TRP A CG  1 
ATOM   437  C CD1 . TRP A 1 61  ? -2.958  5.744   14.256  1.00 32.93 ? 61  TRP A CD1 1 
ATOM   438  C CD2 . TRP A 1 61  ? -3.303  3.567   13.848  1.00 32.91 ? 61  TRP A CD2 1 
ATOM   439  N NE1 . TRP A 1 61  ? -4.302  5.562   14.031  1.00 35.98 ? 61  TRP A NE1 1 
ATOM   440  C CE2 . TRP A 1 61  ? -4.544  4.231   13.790  1.00 35.82 ? 61  TRP A CE2 1 
ATOM   441  C CE3 . TRP A 1 61  ? -3.280  2.198   13.612  1.00 33.58 ? 61  TRP A CE3 1 
ATOM   442  C CZ2 . TRP A 1 61  ? -5.737  3.564   13.507  1.00 36.18 ? 61  TRP A CZ2 1 
ATOM   443  C CZ3 . TRP A 1 61  ? -4.453  1.548   13.341  1.00 33.64 ? 61  TRP A CZ3 1 
ATOM   444  C CH2 . TRP A 1 61  ? -5.662  2.226   13.280  1.00 34.57 ? 61  TRP A CH2 1 
ATOM   445  N N   . GLU A 1 62  ? 0.673   4.901   11.509  1.00 26.88 ? 62  GLU A N   1 
ATOM   446  C CA  . GLU A 1 62  ? 0.611   5.600   10.278  1.00 25.84 ? 62  GLU A CA  1 
ATOM   447  C C   . GLU A 1 62  ? 0.717   4.590   9.139   1.00 25.78 ? 62  GLU A C   1 
ATOM   448  O O   . GLU A 1 62  ? -0.032  4.681   8.154   1.00 24.68 ? 62  GLU A O   1 
ATOM   449  C CB  . GLU A 1 62  ? 1.760   6.589   10.217  1.00 25.53 ? 62  GLU A CB  1 
ATOM   450  C CG  . GLU A 1 62  ? 1.808   7.415   8.959   1.00 25.50 ? 62  GLU A CG  1 
ATOM   451  C CD  . GLU A 1 62  ? 2.644   8.686   9.147   1.00 31.17 ? 62  GLU A CD  1 
ATOM   452  O OE1 . GLU A 1 62  ? 2.142   9.786   8.853   1.00 32.43 ? 62  GLU A OE1 1 
ATOM   453  O OE2 . GLU A 1 62  ? 3.781   8.582   9.627   1.00 31.09 ? 62  GLU A OE2 1 
ATOM   454  N N   . ALA A 1 63  ? 1.652   3.651   9.285   1.00 23.90 ? 63  ALA A N   1 
ATOM   455  C CA  . ALA A 1 63  ? 1.866   2.633   8.247   1.00 24.52 ? 63  ALA A CA  1 
ATOM   456  C C   . ALA A 1 63  ? 0.651   1.690   8.104   1.00 23.29 ? 63  ALA A C   1 
ATOM   457  O O   . ALA A 1 63  ? 0.257   1.338   6.999   1.00 22.62 ? 63  ALA A O   1 
ATOM   458  C CB  . ALA A 1 63  ? 3.178   1.845   8.492   1.00 23.19 ? 63  ALA A CB  1 
ATOM   459  N N   . ILE A 1 64  ? 0.057   1.319   9.223   1.00 23.07 ? 64  ILE A N   1 
ATOM   460  C CA  . ILE A 1 64  ? -1.115  0.458   9.247   1.00 23.67 ? 64  ILE A CA  1 
ATOM   461  C C   . ILE A 1 64  ? -2.326  1.111   8.553   1.00 22.84 ? 64  ILE A C   1 
ATOM   462  O O   . ILE A 1 64  ? -3.062  0.471   7.792   1.00 22.43 ? 64  ILE A O   1 
ATOM   463  C CB  . ILE A 1 64  ? -1.436  0.077   10.708  1.00 24.92 ? 64  ILE A CB  1 
ATOM   464  C CG1 . ILE A 1 64  ? -0.300  -0.770  11.274  1.00 27.17 ? 64  ILE A CG1 1 
ATOM   465  C CG2 . ILE A 1 64  ? -2.721  -0.730  10.800  1.00 24.66 ? 64  ILE A CG2 1 
ATOM   466  C CD1 . ILE A 1 64  ? -0.497  -2.234  11.040  1.00 32.07 ? 64  ILE A CD1 1 
ATOM   467  N N   . GLN A 1 65  ? -2.509  2.394   8.822   1.00 22.13 ? 65  GLN A N   1 
ATOM   468  C CA  . GLN A 1 65  ? -3.558  3.155   8.220   1.00 21.72 ? 65  GLN A CA  1 
ATOM   469  C C   . GLN A 1 65  ? -3.278  3.278   6.718   1.00 21.93 ? 65  GLN A C   1 
ATOM   470  O O   . GLN A 1 65  ? -4.198  3.130   5.892   1.00 19.74 ? 65  GLN A O   1 
ATOM   471  C CB  . GLN A 1 65  ? -3.679  4.523   8.872   1.00 22.46 ? 65  GLN A CB  1 
ATOM   472  C CG  . GLN A 1 65  ? -4.455  4.479   10.186  1.00 23.78 ? 65  GLN A CG  1 
ATOM   473  C CD  . GLN A 1 65  ? -4.460  5.815   10.858  1.00 26.05 ? 65  GLN A CD  1 
ATOM   474  O OE1 . GLN A 1 65  ? -5.457  6.551   10.808  1.00 24.70 ? 65  GLN A OE1 1 
ATOM   475  N NE2 . GLN A 1 65  ? -3.321  6.172   11.438  1.00 28.57 ? 65  GLN A NE2 1 
ATOM   476  N N   . ALA A 1 66  ? -2.011  3.544   6.385   1.00 20.49 ? 66  ALA A N   1 
ATOM   477  C CA  . ALA A 1 66  ? -1.614  3.599   4.990   1.00 20.83 ? 66  ALA A CA  1 
ATOM   478  C C   . ALA A 1 66  ? -1.787  2.247   4.270   1.00 20.93 ? 66  ALA A C   1 
ATOM   479  O O   . ALA A 1 66  ? -2.032  2.254   3.061   1.00 22.78 ? 66  ALA A O   1 
ATOM   480  C CB  . ALA A 1 66  ? -0.197  4.082   4.841   1.00 20.60 ? 66  ALA A CB  1 
ATOM   481  N N   . LEU A 1 67  ? -1.733  1.146   4.990   1.00 20.27 ? 67  LEU A N   1 
ATOM   482  C CA  . LEU A 1 67  ? -1.895  -0.195  4.383   1.00 20.15 ? 67  LEU A CA  1 
ATOM   483  C C   . LEU A 1 67  ? -3.389  -0.463  4.177   1.00 19.71 ? 67  LEU A C   1 
ATOM   484  O O   . LEU A 1 67  ? -3.796  -1.156  3.228   1.00 19.61 ? 67  LEU A O   1 
ATOM   485  C CB  . LEU A 1 67  ? -1.143  -1.302  5.146   1.00 19.61 ? 67  LEU A CB  1 
ATOM   486  C CG  . LEU A 1 67  ? 0.311   -1.280  4.670   1.00 22.49 ? 67  LEU A CG  1 
ATOM   487  C CD1 . LEU A 1 67  ? 1.181   -2.021  5.704   1.00 26.59 ? 67  LEU A CD1 1 
ATOM   488  C CD2 . LEU A 1 67  ? 0.468   -1.951  3.304   1.00 19.47 ? 67  LEU A CD2 1 
ATOM   489  N N   . THR A 1 68  ? -4.194  0.150   5.044   1.00 18.57 ? 68  THR A N   1 
ATOM   490  C CA  . THR A 1 68  ? -5.648  0.066   4.968   1.00 19.10 ? 68  THR A CA  1 
ATOM   491  C C   . THR A 1 68  ? -6.182  0.839   3.743   1.00 17.64 ? 68  THR A C   1 
ATOM   492  O O   . THR A 1 68  ? -7.074  0.327   3.069   1.00 16.57 ? 68  THR A O   1 
ATOM   493  C CB  . THR A 1 68  ? -6.303  0.567   6.278   1.00 19.45 ? 68  THR A CB  1 
ATOM   494  O OG1 . THR A 1 68  ? -5.874  -0.286  7.332   1.00 23.11 ? 68  THR A OG1 1 
ATOM   495  C CG2 . THR A 1 68  ? -7.819  0.305   6.270   1.00 20.63 ? 68  THR A CG2 1 
ATOM   496  N N   . VAL A 1 69  ? -5.590  1.995   3.440   1.00 16.47 ? 69  VAL A N   1 
ATOM   497  C CA  . VAL A 1 69  ? -5.959  2.753   2.245   1.00 17.72 ? 69  VAL A CA  1 
ATOM   498  C C   . VAL A 1 69  ? -5.602  1.955   1.019   1.00 17.38 ? 69  VAL A C   1 
ATOM   499  O O   . VAL A 1 69  ? -6.435  1.784   0.104   1.00 18.61 ? 69  VAL A O   1 
ATOM   500  C CB  . VAL A 1 69  ? -5.228  4.090   2.134   1.00 17.57 ? 69  VAL A CB  1 
ATOM   501  C CG1 . VAL A 1 69  ? -5.637  4.803   0.829   1.00 19.81 ? 69  VAL A CG1 1 
ATOM   502  C CG2 . VAL A 1 69  ? -5.527  4.967   3.339   1.00 19.10 ? 69  VAL A CG2 1 
ATOM   503  N N   . LEU A 1 70  ? -4.385  1.426   1.019   1.00 17.27 ? 70  LEU A N   1 
ATOM   504  C CA  . LEU A 1 70  ? -3.886  0.624   -0.109  1.00 18.25 ? 70  LEU A CA  1 
ATOM   505  C C   . LEU A 1 70  ? -4.884  -0.536  -0.399  1.00 17.98 ? 70  LEU A C   1 
ATOM   506  O O   . LEU A 1 70  ? -5.360  -0.737  -1.499  1.00 17.11 ? 70  LEU A O   1 
ATOM   507  C CB  . LEU A 1 70  ? -2.479  0.065   0.198   1.00 17.64 ? 70  LEU A CB  1 
ATOM   508  C CG  . LEU A 1 70  ? -1.917  -0.884  -0.899  1.00 19.89 ? 70  LEU A CG  1 
ATOM   509  C CD1 . LEU A 1 70  ? -1.987  -0.249  -2.321  1.00 18.52 ? 70  LEU A CD1 1 
ATOM   510  C CD2 . LEU A 1 70  ? -0.506  -1.357  -0.561  1.00 19.47 ? 70  LEU A CD2 1 
ATOM   511  N N   . GLU A 1 71  ? -5.210  -1.273  0.639   1.00 19.76 ? 71  GLU A N   1 
ATOM   512  C CA  . GLU A 1 71  ? -6.132  -2.402  0.542   1.00 21.23 ? 71  GLU A CA  1 
ATOM   513  C C   . GLU A 1 71  ? -7.497  -1.972  -0.032  1.00 20.75 ? 71  GLU A C   1 
ATOM   514  O O   . GLU A 1 71  ? -8.027  -2.595  -0.953  1.00 21.39 ? 71  GLU A O   1 
ATOM   515  C CB  . GLU A 1 71  ? -6.325  -3.020  1.936   1.00 21.09 ? 71  GLU A CB  1 
ATOM   516  C CG  . GLU A 1 71  ? -7.266  -4.196  1.939   1.00 25.90 ? 71  GLU A CG  1 
ATOM   517  C CD  . GLU A 1 71  ? -7.404  -4.836  3.301   1.00 29.37 ? 71  GLU A CD  1 
ATOM   518  O OE1 . GLU A 1 71  ? -7.871  -5.968  3.333   1.00 36.11 ? 71  GLU A OE1 1 
ATOM   519  O OE2 . GLU A 1 71  ? -7.086  -4.194  4.316   1.00 31.53 ? 71  GLU A OE2 1 
ATOM   520  N N   . THR A 1 72  ? -8.041  -0.913  0.536   1.00 20.91 ? 72  THR A N   1 
ATOM   521  C CA  . THR A 1 72  ? -9.319  -0.343  0.130   1.00 21.71 ? 72  THR A CA  1 
ATOM   522  C C   . THR A 1 72  ? -9.319  0.129   -1.320  1.00 21.59 ? 72  THR A C   1 
ATOM   523  O O   . THR A 1 72  ? -10.273 -0.195  -2.055  1.00 20.92 ? 72  THR A O   1 
ATOM   524  C CB  . THR A 1 72  ? -9.716  0.824   1.066   1.00 21.51 ? 72  THR A CB  1 
ATOM   525  O OG1 . THR A 1 72  ? -9.782  0.325   2.399   1.00 22.61 ? 72  THR A OG1 1 
ATOM   526  C CG2 . THR A 1 72  ? -11.149 1.297   0.808   1.00 22.41 ? 72  THR A CG2 1 
ATOM   527  N N   . CYS A 1 73  ? -8.294  0.898   -1.722  1.00 21.35 ? 73  CYS A N   1 
ATOM   528  C CA  . CYS A 1 73  ? -8.203  1.354   -3.117  1.00 22.43 ? 73  CYS A CA  1 
ATOM   529  C C   . CYS A 1 73  ? -8.062  0.195   -4.106  1.00 22.19 ? 73  CYS A C   1 
ATOM   530  O O   . CYS A 1 73  ? -8.556  0.285   -5.200  1.00 21.26 ? 73  CYS A O   1 
ATOM   531  C CB  . CYS A 1 73  ? -7.074  2.386   -3.345  1.00 22.64 ? 73  CYS A CB  1 
ATOM   532  S SG  . CYS A 1 73  ? -7.381  3.937   -2.488  1.00 24.87 ? 73  CYS A SG  1 
ATOM   533  N N   . MET A 1 74  ? -7.360  -0.874  -3.727  1.00 22.85 ? 74  MET A N   1 
ATOM   534  C CA  . MET A 1 74  ? -7.203  -2.020  -4.612  1.00 24.64 ? 74  MET A CA  1 
ATOM   535  C C   . MET A 1 74  ? -8.588  -2.630  -4.998  1.00 26.27 ? 74  MET A C   1 
ATOM   536  O O   . MET A 1 74  ? -8.778  -3.142  -6.120  1.00 26.80 ? 74  MET A O   1 
ATOM   537  C CB  . MET A 1 74  ? -6.237  -3.061  -4.027  1.00 24.77 ? 74  MET A CB  1 
ATOM   538  C CG  . MET A 1 74  ? -4.754  -2.648  -4.148  1.00 24.12 ? 74  MET A CG  1 
ATOM   539  S SD  . MET A 1 74  ? -4.125  -2.704  -5.824  1.00 26.20 ? 74  MET A SD  1 
ATOM   540  C CE  . MET A 1 74  ? -4.182  -4.391  -6.141  1.00 25.11 ? 74  MET A CE  1 
ATOM   541  N N   . LYS A 1 75  ? -9.544  -2.532  -4.079  1.00 27.12 ? 75  LYS A N   1 
ATOM   542  C CA  . LYS A 1 75  ? -10.924 -2.969  -4.305  1.00 29.01 ? 75  LYS A CA  1 
ATOM   543  C C   . LYS A 1 75  ? -11.738 -1.978  -5.114  1.00 29.18 ? 75  LYS A C   1 
ATOM   544  O O   . LYS A 1 75  ? -12.407 -2.334  -6.049  1.00 29.57 ? 75  LYS A O   1 
ATOM   545  C CB  . LYS A 1 75  ? -11.637 -3.173  -2.947  1.00 29.39 ? 75  LYS A CB  1 
ATOM   546  C CG  . LYS A 1 75  ? -11.044 -4.312  -2.124  1.00 32.23 ? 75  LYS A CG  1 
ATOM   547  C CD  . LYS A 1 75  ? -11.665 -4.437  -0.721  1.00 37.32 ? 75  LYS A CD  1 
ATOM   548  C CE  . LYS A 1 75  ? -11.324 -5.830  -0.168  1.00 40.98 ? 75  LYS A CE  1 
ATOM   549  N NZ  . LYS A 1 75  ? -11.039 -5.866  1.295   1.00 43.13 ? 75  LYS A NZ  1 
ATOM   550  N N   . SER A 1 76  ? -11.645 -0.716  -4.743  1.00 29.75 ? 76  SER A N   1 
ATOM   551  C CA  . SER A 1 76  ? -12.496 0.326   -5.263  1.00 30.44 ? 76  SER A CA  1 
ATOM   552  C C   . SER A 1 76  ? -12.046 0.990   -6.537  1.00 30.08 ? 76  SER A C   1 
ATOM   553  O O   . SER A 1 76  ? -12.854 1.701   -7.153  1.00 30.12 ? 76  SER A O   1 
ATOM   554  C CB  . SER A 1 76  ? -12.528 1.467   -4.241  1.00 29.32 ? 76  SER A CB  1 
ATOM   555  O OG  . SER A 1 76  ? -13.120 1.075   -3.027  1.00 33.88 ? 76  SER A OG  1 
ATOM   556  N N   . CYS A 1 77  ? -10.781 0.816   -6.905  1.00 28.31 ? 77  CYS A N   1 
ATOM   557  C CA  . CYS A 1 77  ? -10.215 1.655   -7.957  1.00 28.97 ? 77  CYS A CA  1 
ATOM   558  C C   . CYS A 1 77  ? -9.964  0.981   -9.306  1.00 29.26 ? 77  CYS A C   1 
ATOM   559  O O   . CYS A 1 77  ? -9.499  1.611   -10.249 1.00 29.16 ? 77  CYS A O   1 
ATOM   560  C CB  . CYS A 1 77  ? -8.962  2.388   -7.429  1.00 27.42 ? 77  CYS A CB  1 
ATOM   561  S SG  . CYS A 1 77  ? -9.346  3.524   -6.064  1.00 25.47 ? 77  CYS A SG  1 
ATOM   562  N N   . GLY A 1 78  ? -10.233 -0.310  -9.374  1.00 30.34 ? 78  GLY A N   1 
ATOM   563  C CA  . GLY A 1 78  ? -10.108 -1.042  -10.625 1.00 31.02 ? 78  GLY A CA  1 
ATOM   564  C C   . GLY A 1 78  ? -8.771  -1.062  -11.349 1.00 30.88 ? 78  GLY A C   1 
ATOM   565  O O   . GLY A 1 78  ? -7.728  -0.666  -10.819 1.00 30.54 ? 78  GLY A O   1 
ATOM   566  N N   . LYS A 1 79  ? -8.816  -1.553  -12.583 1.00 31.45 ? 79  LYS A N   1 
ATOM   567  C CA  . LYS A 1 79  ? -7.651  -1.707  -13.442 1.00 31.59 ? 79  LYS A CA  1 
ATOM   568  C C   . LYS A 1 79  ? -6.613  -0.602  -13.422 1.00 30.66 ? 79  LYS A C   1 
ATOM   569  O O   . LYS A 1 79  ? -5.432  -0.880  -13.215 1.00 30.92 ? 79  LYS A O   1 
ATOM   570  C CB  . LYS A 1 79  ? -8.058  -2.011  -14.899 1.00 32.63 ? 79  LYS A CB  1 
ATOM   571  C CG  . LYS A 1 79  ? -6.872  -2.388  -15.765 1.00 34.15 ? 79  LYS A CG  1 
ATOM   572  C CD  . LYS A 1 79  ? -7.295  -2.890  -17.157 1.00 41.98 ? 79  LYS A CD  1 
ATOM   573  C CE  . LYS A 1 79  ? -6.163  -3.683  -17.834 1.00 44.28 ? 79  LYS A CE  1 
ATOM   574  N NZ  . LYS A 1 79  ? -4.827  -3.012  -17.735 1.00 46.70 ? 79  LYS A NZ  1 
ATOM   575  N N   . ARG A 1 80  ? -7.016  0.638   -13.645 1.00 30.06 ? 80  ARG A N   1 
ATOM   576  C CA  . ARG A 1 80  ? -6.041  1.718   -13.694 1.00 30.36 ? 80  ARG A CA  1 
ATOM   577  C C   . ARG A 1 80  ? -5.169  1.775   -12.426 1.00 29.99 ? 80  ARG A C   1 
ATOM   578  O O   . ARG A 1 80  ? -3.976  2.097   -12.501 1.00 29.65 ? 80  ARG A O   1 
ATOM   579  C CB  . ARG A 1 80  ? -6.704  3.057   -13.996 1.00 30.87 ? 80  ARG A CB  1 
ATOM   580  C CG  . ARG A 1 80  ? -7.822  3.395   -13.072 1.00 32.66 ? 80  ARG A CG  1 
ATOM   581  C CD  . ARG A 1 80  ? -8.780  4.469   -13.645 1.00 31.72 ? 80  ARG A CD  1 
ATOM   582  N NE  . ARG A 1 80  ? -8.074  5.700   -14.027 1.00 31.58 ? 80  ARG A NE  1 
ATOM   583  C CZ  . ARG A 1 80  ? -8.025  6.786   -13.264 1.00 30.20 ? 80  ARG A CZ  1 
ATOM   584  N NH1 . ARG A 1 80  ? -8.626  6.763   -12.112 1.00 28.30 ? 80  ARG A NH1 1 
ATOM   585  N NH2 . ARG A 1 80  ? -7.388  7.893   -13.643 1.00 30.57 ? 80  ARG A NH2 1 
ATOM   586  N N   . PHE A 1 81  ? -5.767  1.459   -11.278 1.00 27.76 ? 81  PHE A N   1 
ATOM   587  C CA  . PHE A 1 81  ? -5.010  1.467   -10.044 1.00 27.53 ? 81  PHE A CA  1 
ATOM   588  C C   . PHE A 1 81  ? -4.183  0.185   -9.901  1.00 26.96 ? 81  PHE A C   1 
ATOM   589  O O   . PHE A 1 81  ? -3.058  0.239   -9.440  1.00 25.80 ? 81  PHE A O   1 
ATOM   590  C CB  . PHE A 1 81  ? -5.915  1.676   -8.808  1.00 27.59 ? 81  PHE A CB  1 
ATOM   591  C CG  . PHE A 1 81  ? -5.155  1.854   -7.509  1.00 26.67 ? 81  PHE A CG  1 
ATOM   592  C CD1 . PHE A 1 81  ? -4.403  3.017   -7.271  1.00 28.03 ? 81  PHE A CD1 1 
ATOM   593  C CD2 . PHE A 1 81  ? -5.144  0.851   -6.543  1.00 23.39 ? 81  PHE A CD2 1 
ATOM   594  C CE1 . PHE A 1 81  ? -3.692  3.192   -6.048  1.00 25.23 ? 81  PHE A CE1 1 
ATOM   595  C CE2 . PHE A 1 81  ? -4.424  1.019   -5.324  1.00 22.53 ? 81  PHE A CE2 1 
ATOM   596  C CZ  . PHE A 1 81  ? -3.704  2.194   -5.096  1.00 20.78 ? 81  PHE A CZ  1 
ATOM   597  N N   . HIS A 1 82  ? -4.767  -0.959  -10.269 1.00 27.36 ? 82  HIS A N   1 
ATOM   598  C CA  . HIS A 1 82  ? -4.092  -2.247  -10.176 1.00 27.11 ? 82  HIS A CA  1 
ATOM   599  C C   . HIS A 1 82  ? -2.815  -2.223  -11.005 1.00 27.54 ? 82  HIS A C   1 
ATOM   600  O O   . HIS A 1 82  ? -1.765  -2.666  -10.546 1.00 26.67 ? 82  HIS A O   1 
ATOM   601  C CB  . HIS A 1 82  ? -4.992  -3.399  -10.653 1.00 27.24 ? 82  HIS A CB  1 
ATOM   602  C CG  . HIS A 1 82  ? -6.219  -3.619  -9.809  1.00 28.42 ? 82  HIS A CG  1 
ATOM   603  N ND1 . HIS A 1 82  ? -7.294  -4.370  -10.236 1.00 28.78 ? 82  HIS A ND1 1 
ATOM   604  C CD2 . HIS A 1 82  ? -6.539  -3.178  -8.569  1.00 30.24 ? 82  HIS A CD2 1 
ATOM   605  C CE1 . HIS A 1 82  ? -8.212  -4.401  -9.287  1.00 28.60 ? 82  HIS A CE1 1 
ATOM   606  N NE2 . HIS A 1 82  ? -7.784  -3.675  -8.270  1.00 29.33 ? 82  HIS A NE2 1 
ATOM   607  N N   . ASP A 1 83  ? -2.882  -1.706  -12.223 1.00 28.79 ? 83  ASP A N   1 
ATOM   608  C CA  . ASP A 1 83  ? -1.697  -1.616  -13.063 1.00 30.30 ? 83  ASP A CA  1 
ATOM   609  C C   . ASP A 1 83  ? -0.575  -0.849  -12.351 1.00 30.87 ? 83  ASP A C   1 
ATOM   610  O O   . ASP A 1 83  ? 0.576   -1.318  -12.321 1.00 31.06 ? 83  ASP A O   1 
ATOM   611  C CB  . ASP A 1 83  ? -2.037  -0.940  -14.389 1.00 31.53 ? 83  ASP A CB  1 
ATOM   612  C CG  . ASP A 1 83  ? -2.910  -1.803  -15.276 1.00 34.69 ? 83  ASP A CG  1 
ATOM   613  O OD1 . ASP A 1 83  ? -3.047  -3.025  -15.006 1.00 38.76 ? 83  ASP A OD1 1 
ATOM   614  O OD2 . ASP A 1 83  ? -3.489  -1.346  -16.286 1.00 39.61 ? 83  ASP A OD2 1 
ATOM   615  N N   . GLU A 1 84  ? -0.885  0.308   -11.760 1.00 29.87 ? 84  GLU A N   1 
ATOM   616  C CA  . GLU A 1 84  ? 0.149   1.090   -11.072 1.00 29.22 ? 84  GLU A CA  1 
ATOM   617  C C   . GLU A 1 84  ? 0.748   0.396   -9.847  1.00 28.18 ? 84  GLU A C   1 
ATOM   618  O O   . GLU A 1 84  ? 1.924   0.553   -9.580  1.00 28.52 ? 84  GLU A O   1 
ATOM   619  C CB  . GLU A 1 84  ? -0.330  2.488   -10.682 1.00 29.54 ? 84  GLU A CB  1 
ATOM   620  C CG  . GLU A 1 84  ? -0.616  3.425   -11.846 1.00 35.26 ? 84  GLU A CG  1 
ATOM   621  C CD  . GLU A 1 84  ? 0.651   3.867   -12.571 1.00 37.35 ? 84  GLU A CD  1 
ATOM   622  O OE1 . GLU A 1 84  ? 1.711   3.973   -11.931 1.00 40.13 ? 84  GLU A OE1 1 
ATOM   623  O OE2 . GLU A 1 84  ? 0.568   4.132   -13.785 1.00 44.63 ? 84  GLU A OE2 1 
ATOM   624  N N   . VAL A 1 85  ? -0.060  -0.327  -9.087  1.00 26.25 ? 85  VAL A N   1 
ATOM   625  C CA  . VAL A 1 85  ? 0.421   -1.037  -7.921  1.00 26.08 ? 85  VAL A CA  1 
ATOM   626  C C   . VAL A 1 85  ? 1.276   -2.207  -8.412  1.00 26.45 ? 85  VAL A C   1 
ATOM   627  O O   . VAL A 1 85  ? 2.289   -2.585  -7.815  1.00 26.44 ? 85  VAL A O   1 
ATOM   628  C CB  . VAL A 1 85  ? -0.765  -1.511  -7.015  1.00 25.59 ? 85  VAL A CB  1 
ATOM   629  C CG1 . VAL A 1 85  ? -0.387  -2.708  -6.119  1.00 24.25 ? 85  VAL A CG1 1 
ATOM   630  C CG2 . VAL A 1 85  ? -1.250  -0.313  -6.163  1.00 23.86 ? 85  VAL A CG2 1 
ATOM   631  N N   . GLY A 1 86  ? 0.876   -2.735  -9.547  1.00 25.70 ? 86  GLY A N   1 
ATOM   632  C CA  . GLY A 1 86  ? 1.604   -3.839  -10.098 1.00 26.48 ? 86  GLY A CA  1 
ATOM   633  C C   . GLY A 1 86  ? 2.926   -3.446  -10.734 1.00 26.27 ? 86  GLY A C   1 
ATOM   634  O O   . GLY A 1 86  ? 3.419   -4.214  -11.500 1.00 25.81 ? 86  GLY A O   1 
ATOM   635  N N   . LYS A 1 87  ? 3.446   -2.245  -10.488 1.00 27.48 ? 87  LYS A N   1 
ATOM   636  C CA  . LYS A 1 87  ? 4.696   -1.836  -11.145 1.00 28.14 ? 87  LYS A CA  1 
ATOM   637  C C   . LYS A 1 87  ? 5.925   -2.015  -10.264 1.00 27.87 ? 87  LYS A C   1 
ATOM   638  O O   . LYS A 1 87  ? 5.835   -1.789  -9.063  1.00 26.72 ? 87  LYS A O   1 
ATOM   639  C CB  . LYS A 1 87  ? 4.642   -0.376  -11.592 1.00 28.84 ? 87  LYS A CB  1 
ATOM   640  C CG  . LYS A 1 87  ? 3.806   -0.109  -12.826 1.00 31.56 ? 87  LYS A CG  1 
ATOM   641  C CD  . LYS A 1 87  ? 4.152   1.250   -13.418 1.00 37.06 ? 87  LYS A CD  1 
ATOM   642  C CE  . LYS A 1 87  ? 2.911   1.917   -14.058 1.00 41.01 ? 87  LYS A CE  1 
ATOM   643  N NZ  . LYS A 1 87  ? 2.469   1.219   -15.289 1.00 42.05 ? 87  LYS A NZ  1 
ATOM   644  N N   . PHE A 1 88  ? 7.051   -2.367  -10.887 1.00 27.44 ? 88  PHE A N   1 
ATOM   645  C CA  . PHE A 1 88  ? 8.294   -2.546  -10.173 1.00 27.34 ? 88  PHE A CA  1 
ATOM   646  C C   . PHE A 1 88  ? 8.572   -1.418  -9.197  1.00 27.16 ? 88  PHE A C   1 
ATOM   647  O O   . PHE A 1 88  ? 8.940   -1.689  -8.061  1.00 26.70 ? 88  PHE A O   1 
ATOM   648  C CB  . PHE A 1 88  ? 9.493   -2.699  -11.131 1.00 28.26 ? 88  PHE A CB  1 
ATOM   649  C CG  . PHE A 1 88  ? 10.813  -2.692  -10.445 1.00 27.27 ? 88  PHE A CG  1 
ATOM   650  C CD1 . PHE A 1 88  ? 11.422  -3.873  -10.140 1.00 31.08 ? 88  PHE A CD1 1 
ATOM   651  C CD2 . PHE A 1 88  ? 11.419  -1.501  -10.085 1.00 28.93 ? 88  PHE A CD2 1 
ATOM   652  C CE1 . PHE A 1 88  ? 12.697  -3.892  -9.489  1.00 31.81 ? 88  PHE A CE1 1 
ATOM   653  C CE2 . PHE A 1 88  ? 12.651  -1.495  -9.431  1.00 31.11 ? 88  PHE A CE2 1 
ATOM   654  C CZ  . PHE A 1 88  ? 13.279  -2.689  -9.135  1.00 31.04 ? 88  PHE A CZ  1 
ATOM   655  N N   . ARG A 1 89  ? 8.436   -0.168  -9.626  1.00 27.51 ? 89  ARG A N   1 
ATOM   656  C CA  . ARG A 1 89  ? 8.823   0.925   -8.750  1.00 28.79 ? 89  ARG A CA  1 
ATOM   657  C C   . ARG A 1 89  ? 8.039   0.914   -7.416  1.00 27.12 ? 89  ARG A C   1 
ATOM   658  O O   . ARG A 1 89  ? 8.617   1.125   -6.344  1.00 27.51 ? 89  ARG A O   1 
ATOM   659  C CB  . ARG A 1 89  ? 8.754   2.274   -9.474  1.00 29.99 ? 89  ARG A CB  1 
ATOM   660  C CG  . ARG A 1 89  ? 9.453   2.274   -10.877 1.00 38.68 ? 89  ARG A CG  1 
ATOM   661  C CD  . ARG A 1 89  ? 10.797  1.496   -10.912 1.00 47.84 ? 89  ARG A CD  1 
ATOM   662  N NE  . ARG A 1 89  ? 11.497  1.508   -12.194 1.00 55.43 ? 89  ARG A NE  1 
ATOM   663  C CZ  . ARG A 1 89  ? 12.613  2.205   -12.415 1.00 60.47 ? 89  ARG A CZ  1 
ATOM   664  N NH1 . ARG A 1 89  ? 13.090  2.996   -11.464 1.00 63.68 ? 89  ARG A NH1 1 
ATOM   665  N NH2 . ARG A 1 89  ? 13.235  2.145   -13.589 1.00 61.92 ? 89  ARG A NH2 1 
ATOM   666  N N   . PHE A 1 90  ? 6.751   0.600   -7.470  1.00 25.19 ? 90  PHE A N   1 
ATOM   667  C CA  . PHE A 1 90  ? 5.940   0.558   -6.237  1.00 23.52 ? 90  PHE A CA  1 
ATOM   668  C C   . PHE A 1 90  ? 6.246   -0.710  -5.445  1.00 21.94 ? 90  PHE A C   1 
ATOM   669  O O   . PHE A 1 90  ? 6.415   -0.678  -4.233  1.00 21.70 ? 90  PHE A O   1 
ATOM   670  C CB  . PHE A 1 90  ? 4.407   0.612   -6.540  1.00 22.89 ? 90  PHE A CB  1 
ATOM   671  C CG  . PHE A 1 90  ? 3.560   0.580   -5.295  1.00 23.55 ? 90  PHE A CG  1 
ATOM   672  C CD1 . PHE A 1 90  ? 3.444   1.716   -4.476  1.00 20.91 ? 90  PHE A CD1 1 
ATOM   673  C CD2 . PHE A 1 90  ? 2.972   -0.599  -4.885  1.00 21.70 ? 90  PHE A CD2 1 
ATOM   674  C CE1 . PHE A 1 90  ? 2.699   1.673   -3.300  1.00 22.30 ? 90  PHE A CE1 1 
ATOM   675  C CE2 . PHE A 1 90  ? 2.209   -0.672  -3.687  1.00 21.51 ? 90  PHE A CE2 1 
ATOM   676  C CZ  . PHE A 1 90  ? 2.068   0.448   -2.899  1.00 21.40 ? 90  PHE A CZ  1 
ATOM   677  N N   . LEU A 1 91  ? 6.252   -1.849  -6.115  1.00 21.13 ? 91  LEU A N   1 
ATOM   678  C CA  . LEU A 1 91  ? 6.476   -3.103  -5.414  1.00 20.92 ? 91  LEU A CA  1 
ATOM   679  C C   . LEU A 1 91  ? 7.814   -3.154  -4.663  1.00 22.28 ? 91  LEU A C   1 
ATOM   680  O O   . LEU A 1 91  ? 7.917   -3.742  -3.548  1.00 21.60 ? 91  LEU A O   1 
ATOM   681  C CB  . LEU A 1 91  ? 6.392   -4.279  -6.387  1.00 20.55 ? 91  LEU A CB  1 
ATOM   682  C CG  . LEU A 1 91  ? 4.964   -4.533  -6.862  1.00 21.54 ? 91  LEU A CG  1 
ATOM   683  C CD1 . LEU A 1 91  ? 4.904   -5.586  -7.947  1.00 18.97 ? 91  LEU A CD1 1 
ATOM   684  C CD2 . LEU A 1 91  ? 4.092   -4.945  -5.683  1.00 19.95 ? 91  LEU A CD2 1 
ATOM   685  N N   . ASN A 1 92  ? 8.838   -2.557  -5.278  1.00 21.92 ? 92  ASN A N   1 
ATOM   686  C CA  . ASN A 1 92  ? 10.158  -2.563  -4.688  1.00 23.79 ? 92  ASN A CA  1 
ATOM   687  C C   . ASN A 1 92  ? 10.184  -1.715  -3.398  1.00 23.91 ? 92  ASN A C   1 
ATOM   688  O O   . ASN A 1 92  ? 10.972  -2.000  -2.486  1.00 23.93 ? 92  ASN A O   1 
ATOM   689  C CB  . ASN A 1 92  ? 11.258  -2.159  -5.693  1.00 22.95 ? 92  ASN A CB  1 
ATOM   690  C CG  . ASN A 1 92  ? 12.645  -2.631  -5.240  1.00 28.18 ? 92  ASN A CG  1 
ATOM   691  O OD1 . ASN A 1 92  ? 12.822  -3.795  -4.868  1.00 31.57 ? 92  ASN A OD1 1 
ATOM   692  N ND2 . ASN A 1 92  ? 13.596  -1.723  -5.199  1.00 28.47 ? 92  ASN A ND2 1 
ATOM   693  N N   . GLU A 1 93  ? 9.320   -0.712  -3.323  1.00 22.89 ? 93  GLU A N   1 
ATOM   694  C CA  . GLU A 1 93  ? 9.200   0.080   -2.098  1.00 24.91 ? 93  GLU A CA  1 
ATOM   695  C C   . GLU A 1 93  ? 8.550   -0.731  -0.958  1.00 24.81 ? 93  GLU A C   1 
ATOM   696  O O   . GLU A 1 93  ? 8.858   -0.535  0.211   1.00 24.23 ? 93  GLU A O   1 
ATOM   697  C CB  . GLU A 1 93  ? 8.403   1.367   -2.347  1.00 24.80 ? 93  GLU A CB  1 
ATOM   698  C CG  . GLU A 1 93  ? 9.101   2.366   -3.250  1.00 29.12 ? 93  GLU A CG  1 
ATOM   699  C CD  . GLU A 1 93  ? 10.465  2.740   -2.724  1.00 33.50 ? 93  GLU A CD  1 
ATOM   700  O OE1 . GLU A 1 93  ? 10.578  3.082   -1.529  1.00 36.28 ? 93  GLU A OE1 1 
ATOM   701  O OE2 . GLU A 1 93  ? 11.441  2.637   -3.477  1.00 35.16 ? 93  GLU A OE2 1 
ATOM   702  N N   . LEU A 1 94  ? 7.640   -1.637  -1.300  1.00 24.97 ? 94  LEU A N   1 
ATOM   703  C CA  . LEU A 1 94  ? 7.029   -2.509  -0.308  1.00 25.82 ? 94  LEU A CA  1 
ATOM   704  C C   . LEU A 1 94  ? 8.015   -3.557  0.208   1.00 26.47 ? 94  LEU A C   1 
ATOM   705  O O   . LEU A 1 94  ? 8.050   -3.892  1.414   1.00 25.84 ? 94  LEU A O   1 
ATOM   706  C CB  . LEU A 1 94  ? 5.834   -3.271  -0.924  1.00 26.58 ? 94  LEU A CB  1 
ATOM   707  C CG  . LEU A 1 94  ? 4.499   -2.584  -1.141  1.00 28.70 ? 94  LEU A CG  1 
ATOM   708  C CD1 . LEU A 1 94  ? 3.409   -3.632  -1.501  1.00 29.37 ? 94  LEU A CD1 1 
ATOM   709  C CD2 . LEU A 1 94  ? 4.119   -1.882  0.121   1.00 31.69 ? 94  LEU A CD2 1 
ATOM   710  N N   . ILE A 1 95  ? 8.734   -4.154  -0.731  1.00 26.70 ? 95  ILE A N   1 
ATOM   711  C CA  . ILE A 1 95  ? 9.738   -5.151  -0.401  1.00 27.75 ? 95  ILE A CA  1 
ATOM   712  C C   . ILE A 1 95  ? 10.715  -4.585  0.638   1.00 27.91 ? 95  ILE A C   1 
ATOM   713  O O   . ILE A 1 95  ? 11.067  -5.276  1.609   1.00 27.28 ? 95  ILE A O   1 
ATOM   714  C CB  . ILE A 1 95  ? 10.478  -5.577  -1.670  1.00 28.26 ? 95  ILE A CB  1 
ATOM   715  C CG1 . ILE A 1 95  ? 9.574   -6.490  -2.502  1.00 28.58 ? 95  ILE A CG1 1 
ATOM   716  C CG2 . ILE A 1 95  ? 11.769  -6.332  -1.347  1.00 28.32 ? 95  ILE A CG2 1 
ATOM   717  C CD1 . ILE A 1 95  ? 10.202  -6.838  -3.826  1.00 31.97 ? 95  ILE A CD1 1 
ATOM   718  N N   . LYS A 1 96  ? 11.096  -3.321  0.460   1.00 28.06 ? 96  LYS A N   1 
ATOM   719  C CA  . LYS A 1 96  ? 12.009  -2.655  1.394   1.00 29.10 ? 96  LYS A CA  1 
ATOM   720  C C   . LYS A 1 96  ? 11.521  -2.686  2.827   1.00 29.11 ? 96  LYS A C   1 
ATOM   721  O O   . LYS A 1 96  ? 12.330  -2.769  3.773   1.00 29.04 ? 96  LYS A O   1 
ATOM   722  C CB  . LYS A 1 96  ? 12.271  -1.202  0.999   1.00 29.16 ? 96  LYS A CB  1 
ATOM   723  C CG  . LYS A 1 96  ? 13.245  -1.026  -0.133  1.00 32.05 ? 96  LYS A CG  1 
ATOM   724  C CD  . LYS A 1 96  ? 13.386  0.450   -0.499  1.00 35.88 ? 96  LYS A CD  1 
ATOM   725  C CE  . LYS A 1 96  ? 13.900  0.620   -1.902  1.00 38.48 ? 96  LYS A CE  1 
ATOM   726  N NZ  . LYS A 1 96  ? 13.743  2.054   -2.344  1.00 39.55 ? 96  LYS A NZ  1 
ATOM   727  N N   . VAL A 1 97  ? 10.210  -2.637  3.019   1.00 28.89 ? 97  VAL A N   1 
ATOM   728  C CA  . VAL A 1 97  ? 9.732   -2.612  4.375   1.00 29.33 ? 97  VAL A CA  1 
ATOM   729  C C   . VAL A 1 97  ? 9.777   -3.952  5.075   1.00 29.78 ? 97  VAL A C   1 
ATOM   730  O O   . VAL A 1 97  ? 9.890   -4.003  6.296   1.00 29.82 ? 97  VAL A O   1 
ATOM   731  C CB  . VAL A 1 97  ? 8.354   -1.915  4.554   1.00 29.94 ? 97  VAL A CB  1 
ATOM   732  C CG1 . VAL A 1 97  ? 8.035   -0.975  3.404   1.00 28.80 ? 97  VAL A CG1 1 
ATOM   733  C CG2 . VAL A 1 97  ? 7.264   -2.892  4.748   1.00 31.50 ? 97  VAL A CG2 1 
ATOM   734  N N   . VAL A 1 98  ? 9.694   -5.034  4.325   1.00 30.01 ? 98  VAL A N   1 
ATOM   735  C CA  . VAL A 1 98  ? 9.705   -6.351  4.941   1.00 30.93 ? 98  VAL A CA  1 
ATOM   736  C C   . VAL A 1 98  ? 11.074  -7.035  4.878   1.00 32.06 ? 98  VAL A C   1 
ATOM   737  O O   . VAL A 1 98  ? 11.267  -8.075  5.495   1.00 31.89 ? 98  VAL A O   1 
ATOM   738  C CB  . VAL A 1 98  ? 8.626   -7.288  4.338   1.00 31.45 ? 98  VAL A CB  1 
ATOM   739  C CG1 . VAL A 1 98  ? 7.261   -6.670  4.504   1.00 31.67 ? 98  VAL A CG1 1 
ATOM   740  C CG2 . VAL A 1 98  ? 8.861   -7.530  2.884   1.00 28.90 ? 98  VAL A CG2 1 
ATOM   741  N N   . SER A 1 99  ? 12.024  -6.435  4.176   1.00 32.52 ? 99  SER A N   1 
ATOM   742  C CA  . SER A 1 99  ? 13.295  -7.093  3.951   1.00 34.80 ? 99  SER A CA  1 
ATOM   743  C C   . SER A 1 99  ? 14.455  -6.693  4.864   1.00 35.90 ? 99  SER A C   1 
ATOM   744  O O   . SER A 1 99  ? 14.798  -5.516  4.994   1.00 35.30 ? 99  SER A O   1 
ATOM   745  C CB  . SER A 1 99  ? 13.699  -6.980  2.486   1.00 34.74 ? 99  SER A CB  1 
ATOM   746  O OG  . SER A 1 99  ? 15.085  -7.116  2.331   1.00 38.03 ? 99  SER A OG  1 
ATOM   747  N N   . PRO A 1 100 ? 15.050  -7.714  5.478   1.00 37.81 ? 100 PRO A N   1 
ATOM   748  C CA  . PRO A 1 100 ? 16.226  -7.574  6.352   1.00 38.86 ? 100 PRO A CA  1 
ATOM   749  C C   . PRO A 1 100 ? 17.283  -6.647  5.783   1.00 38.92 ? 100 PRO A C   1 
ATOM   750  O O   . PRO A 1 100 ? 17.940  -5.936  6.527   1.00 39.29 ? 100 PRO A O   1 
ATOM   751  C CB  . PRO A 1 100 ? 16.782  -9.009  6.392   1.00 38.96 ? 100 PRO A CB  1 
ATOM   752  C CG  . PRO A 1 100 ? 15.550  -9.855  6.308   1.00 39.27 ? 100 PRO A CG  1 
ATOM   753  C CD  . PRO A 1 100 ? 14.603  -9.125  5.373   1.00 37.91 ? 100 PRO A CD  1 
ATOM   754  N N   . LYS A 1 101 ? 17.437  -6.659  4.472   1.00 39.85 ? 101 LYS A N   1 
ATOM   755  C CA  . LYS A 1 101 ? 18.433  -5.832  3.812   1.00 41.61 ? 101 LYS A CA  1 
ATOM   756  C C   . LYS A 1 101 ? 18.147  -4.340  3.940   1.00 42.30 ? 101 LYS A C   1 
ATOM   757  O O   . LYS A 1 101 ? 19.048  -3.506  3.853   1.00 42.79 ? 101 LYS A O   1 
ATOM   758  C CB  . LYS A 1 101 ? 18.540  -6.211  2.343   1.00 41.56 ? 101 LYS A CB  1 
ATOM   759  C CG  . LYS A 1 101 ? 19.461  -5.310  1.562   1.00 44.84 ? 101 LYS A CG  1 
ATOM   760  C CD  . LYS A 1 101 ? 19.804  -5.897  0.199   1.00 48.57 ? 101 LYS A CD  1 
ATOM   761  C CE  . LYS A 1 101 ? 21.000  -5.190  -0.414  1.00 50.51 ? 101 LYS A CE  1 
ATOM   762  N NZ  . LYS A 1 101 ? 21.712  -6.117  -1.356  1.00 54.02 ? 101 LYS A NZ  1 
ATOM   763  N N   . TYR A 1 102 ? 16.899  -3.977  4.164   1.00 42.55 ? 102 TYR A N   1 
ATOM   764  C CA  . TYR A 1 102 ? 16.634  -2.555  4.196   1.00 43.21 ? 102 TYR A CA  1 
ATOM   765  C C   . TYR A 1 102 ? 16.229  -2.029  5.551   1.00 43.33 ? 102 TYR A C   1 
ATOM   766  O O   . TYR A 1 102 ? 17.062  -1.508  6.285   1.00 45.03 ? 102 TYR A O   1 
ATOM   767  C CB  . TYR A 1 102 ? 15.663  -2.175  3.081   1.00 43.09 ? 102 TYR A CB  1 
ATOM   768  C CG  . TYR A 1 102 ? 16.296  -2.368  1.728   1.00 43.25 ? 102 TYR A CG  1 
ATOM   769  C CD1 . TYR A 1 102 ? 16.142  -3.558  1.036   1.00 43.42 ? 102 TYR A CD1 1 
ATOM   770  C CD2 . TYR A 1 102 ? 17.076  -1.361  1.150   1.00 44.23 ? 102 TYR A CD2 1 
ATOM   771  C CE1 . TYR A 1 102 ? 16.724  -3.739  -0.204  1.00 45.91 ? 102 TYR A CE1 1 
ATOM   772  C CE2 . TYR A 1 102 ? 17.667  -1.532  -0.089  1.00 45.55 ? 102 TYR A CE2 1 
ATOM   773  C CZ  . TYR A 1 102 ? 17.489  -2.724  -0.758  1.00 46.17 ? 102 TYR A CZ  1 
ATOM   774  O OH  . TYR A 1 102 ? 18.057  -2.909  -1.987  1.00 46.97 ? 102 TYR A OH  1 
ATOM   775  N N   . LEU A 1 103 ? 14.956  -2.140  5.885   1.00 43.12 ? 103 LEU A N   1 
ATOM   776  C CA  . LEU A 1 103 ? 14.503  -1.681  7.191   1.00 43.62 ? 103 LEU A CA  1 
ATOM   777  C C   . LEU A 1 103 ? 13.503  -2.673  7.741   1.00 42.36 ? 103 LEU A C   1 
ATOM   778  O O   . LEU A 1 103 ? 12.735  -2.392  8.638   1.00 42.02 ? 103 LEU A O   1 
ATOM   779  C CB  . LEU A 1 103 ? 13.887  -0.285  7.103   1.00 44.61 ? 103 LEU A CB  1 
ATOM   780  C CG  . LEU A 1 103 ? 13.168  -0.079  5.788   1.00 45.10 ? 103 LEU A CG  1 
ATOM   781  C CD1 . LEU A 1 103 ? 11.796  0.555   6.016   1.00 46.01 ? 103 LEU A CD1 1 
ATOM   782  C CD2 . LEU A 1 103 ? 14.016  0.805   4.857   1.00 47.51 ? 103 LEU A CD2 1 
ATOM   783  N N   . GLY A 1 104 ? 13.551  -3.888  7.231   1.00 41.90 ? 104 GLY A N   1 
ATOM   784  C CA  . GLY A 1 104 ? 12.637  -4.897  7.713   1.00 41.83 ? 104 GLY A CA  1 
ATOM   785  C C   . GLY A 1 104 ? 12.972  -5.388  9.119   1.00 42.54 ? 104 GLY A C   1 
ATOM   786  O O   . GLY A 1 104 ? 12.110  -5.940  9.797   1.00 41.26 ? 104 GLY A O   1 
ATOM   787  N N   . SER A 1 105 ? 14.212  -5.191  9.565   1.00 42.90 ? 105 SER A N   1 
ATOM   788  C CA  . SER A 1 105 ? 14.594  -5.610  10.908  1.00 44.17 ? 105 SER A CA  1 
ATOM   789  C C   . SER A 1 105 ? 13.865  -4.769  11.946  1.00 44.89 ? 105 SER A C   1 
ATOM   790  O O   . SER A 1 105 ? 13.520  -5.266  13.032  1.00 46.33 ? 105 SER A O   1 
ATOM   791  C CB  . SER A 1 105 ? 16.111  -5.477  11.116  1.00 44.30 ? 105 SER A CB  1 
ATOM   792  O OG  . SER A 1 105 ? 16.492  -4.110  11.204  1.00 44.25 ? 105 SER A OG  1 
ATOM   793  N N   . ARG A 1 106 ? 13.617  -3.501  11.638  1.00 44.60 ? 106 ARG A N   1 
ATOM   794  C CA  . ARG A 1 106 ? 12.912  -2.655  12.601  1.00 44.94 ? 106 ARG A CA  1 
ATOM   795  C C   . ARG A 1 106 ? 11.380  -2.615  12.454  1.00 45.08 ? 106 ARG A C   1 
ATOM   796  O O   . ARG A 1 106 ? 10.686  -2.088  13.317  1.00 45.15 ? 106 ARG A O   1 
ATOM   797  C CB  . ARG A 1 106 ? 13.460  -1.235  12.540  1.00 44.47 ? 106 ARG A CB  1 
ATOM   798  C CG  . ARG A 1 106 ? 13.162  -0.521  11.255  1.00 44.51 ? 106 ARG A CG  1 
ATOM   799  C CD  . ARG A 1 106 ? 11.708  -0.086  11.113  1.00 44.46 ? 106 ARG A CD  1 
ATOM   800  N NE  . ARG A 1 106 ? 11.577  1.187   10.389  1.00 41.38 ? 106 ARG A NE  1 
ATOM   801  C CZ  . ARG A 1 106 ? 10.617  1.459   9.503   1.00 42.78 ? 106 ARG A CZ  1 
ATOM   802  N NH1 . ARG A 1 106 ? 9.692   0.537   9.195   1.00 41.70 ? 106 ARG A NH1 1 
ATOM   803  N NH2 . ARG A 1 106 ? 10.589  2.646   8.906   1.00 42.44 ? 106 ARG A NH2 1 
ATOM   804  N N   . THR A 1 107 ? 10.851  -3.179  11.379  1.00 44.98 ? 107 THR A N   1 
ATOM   805  C CA  . THR A 1 107 ? 9.423   -3.084  11.112  1.00 44.64 ? 107 THR A CA  1 
ATOM   806  C C   . THR A 1 107 ? 8.589   -3.996  11.969  1.00 45.03 ? 107 THR A C   1 
ATOM   807  O O   . THR A 1 107 ? 8.915   -5.169  12.154  1.00 44.69 ? 107 THR A O   1 
ATOM   808  C CB  . THR A 1 107 ? 9.146   -3.340  9.618   1.00 44.58 ? 107 THR A CB  1 
ATOM   809  O OG1 . THR A 1 107 ? 9.782   -2.319  8.857   1.00 43.66 ? 107 THR A OG1 1 
ATOM   810  C CG2 . THR A 1 107 ? 7.656   -3.139  9.294   1.00 44.44 ? 107 THR A CG2 1 
ATOM   811  N N   . SER A 1 108 ? 7.490   -3.465  12.487  1.00 45.37 ? 108 SER A N   1 
ATOM   812  C CA  . SER A 1 108 ? 6.631   -4.287  13.317  1.00 46.08 ? 108 SER A CA  1 
ATOM   813  C C   . SER A 1 108 ? 6.083   -5.516  12.600  1.00 46.75 ? 108 SER A C   1 
ATOM   814  O O   . SER A 1 108 ? 5.760   -5.501  11.402  1.00 46.19 ? 108 SER A O   1 
ATOM   815  C CB  . SER A 1 108 ? 5.473   -3.471  13.904  1.00 46.73 ? 108 SER A CB  1 
ATOM   816  O OG  . SER A 1 108 ? 4.654   -2.906  12.904  1.00 46.42 ? 108 SER A OG  1 
ATOM   817  N N   . GLU A 1 109 ? 5.982   -6.586  13.370  1.00 47.18 ? 109 GLU A N   1 
ATOM   818  C CA  . GLU A 1 109 ? 5.423   -7.827  12.907  1.00 47.83 ? 109 GLU A CA  1 
ATOM   819  C C   . GLU A 1 109 ? 4.043   -7.553  12.281  1.00 46.78 ? 109 GLU A C   1 
ATOM   820  O O   . GLU A 1 109 ? 3.656   -8.190  11.304  1.00 46.69 ? 109 GLU A O   1 
ATOM   821  C CB  . GLU A 1 109 ? 5.307   -8.756  14.123  1.00 48.77 ? 109 GLU A CB  1 
ATOM   822  C CG  . GLU A 1 109 ? 4.863   -10.195 13.879  1.00 52.84 ? 109 GLU A CG  1 
ATOM   823  C CD  . GLU A 1 109 ? 4.423   -10.887 15.178  1.00 58.43 ? 109 GLU A CD  1 
ATOM   824  O OE1 . GLU A 1 109 ? 5.129   -10.713 16.209  1.00 59.74 ? 109 GLU A OE1 1 
ATOM   825  O OE2 . GLU A 1 109 ? 3.373   -11.598 15.176  1.00 58.94 ? 109 GLU A OE2 1 
ATOM   826  N N   . LYS A 1 110 ? 3.307   -6.602  12.848  1.00 45.46 ? 110 LYS A N   1 
ATOM   827  C CA  . LYS A 1 110 ? 1.948   -6.320  12.385  1.00 44.39 ? 110 LYS A CA  1 
ATOM   828  C C   . LYS A 1 110 ? 1.964   -5.759  10.970  1.00 42.16 ? 110 LYS A C   1 
ATOM   829  O O   . LYS A 1 110 ? 1.179   -6.154  10.132  1.00 41.30 ? 110 LYS A O   1 
ATOM   830  C CB  . LYS A 1 110 ? 1.245   -5.314  13.303  1.00 44.73 ? 110 LYS A CB  1 
ATOM   831  C CG  . LYS A 1 110 ? 0.839   -5.862  14.660  1.00 49.36 ? 110 LYS A CG  1 
ATOM   832  C CD  . LYS A 1 110 ? 1.276   -4.909  15.800  1.00 53.58 ? 110 LYS A CD  1 
ATOM   833  C CE  . LYS A 1 110 ? 2.781   -5.019  16.051  1.00 55.66 ? 110 LYS A CE  1 
ATOM   834  N NZ  . LYS A 1 110 ? 3.219   -6.434  16.317  1.00 57.08 ? 110 LYS A NZ  1 
ATOM   835  N N   . VAL A 1 111 ? 2.849   -4.807  10.736  1.00 40.11 ? 111 VAL A N   1 
ATOM   836  C CA  . VAL A 1 111 ? 2.952   -4.167  9.447   1.00 37.94 ? 111 VAL A CA  1 
ATOM   837  C C   . VAL A 1 111 ? 3.454   -5.204  8.449   1.00 37.60 ? 111 VAL A C   1 
ATOM   838  O O   . VAL A 1 111 ? 2.901   -5.364  7.367   1.00 35.91 ? 111 VAL A O   1 
ATOM   839  C CB  . VAL A 1 111 ? 3.907   -2.981  9.534   1.00 37.87 ? 111 VAL A CB  1 
ATOM   840  C CG1 . VAL A 1 111 ? 4.320   -2.518  8.146   1.00 35.07 ? 111 VAL A CG1 1 
ATOM   841  C CG2 . VAL A 1 111 ? 3.281   -1.847  10.354  1.00 36.26 ? 111 VAL A CG2 1 
ATOM   842  N N   . LYS A 1 112 ? 4.488   -5.942  8.845   1.00 36.84 ? 112 LYS A N   1 
ATOM   843  C CA  . LYS A 1 112 ? 5.033   -7.019  8.016   1.00 36.88 ? 112 LYS A CA  1 
ATOM   844  C C   . LYS A 1 112 ? 4.004   -8.081  7.659   1.00 35.43 ? 112 LYS A C   1 
ATOM   845  O O   . LYS A 1 112 ? 3.879   -8.440  6.493   1.00 34.23 ? 112 LYS A O   1 
ATOM   846  C CB  . LYS A 1 112 ? 6.246   -7.670  8.675   1.00 37.85 ? 112 LYS A CB  1 
ATOM   847  C CG  . LYS A 1 112 ? 7.499   -7.526  7.848   1.00 42.78 ? 112 LYS A CG  1 
ATOM   848  C CD  . LYS A 1 112 ? 8.641   -8.415  8.381   1.00 49.00 ? 112 LYS A CD  1 
ATOM   849  C CE  . LYS A 1 112 ? 8.185   -9.763  9.044   1.00 50.83 ? 112 LYS A CE  1 
ATOM   850  N NZ  . LYS A 1 112 ? 8.355   -11.052 8.263   1.00 49.86 ? 112 LYS A NZ  1 
ATOM   851  N N   . ASN A 1 113 ? 3.268   -8.560  8.664   1.00 34.10 ? 113 ASN A N   1 
ATOM   852  C CA  . ASN A 1 113 ? 2.189   -9.520  8.448   1.00 33.66 ? 113 ASN A CA  1 
ATOM   853  C C   . ASN A 1 113 ? 1.166   -8.955  7.425   1.00 31.46 ? 113 ASN A C   1 
ATOM   854  O O   . ASN A 1 113 ? 0.766   -9.668  6.505   1.00 29.50 ? 113 ASN A O   1 
ATOM   855  C CB  . ASN A 1 113 ? 1.498   -9.912  9.776   1.00 34.44 ? 113 ASN A CB  1 
ATOM   856  C CG  . ASN A 1 113 ? 2.333   -10.880 10.634  1.00 40.34 ? 113 ASN A CG  1 
ATOM   857  O OD1 . ASN A 1 113 ? 3.440   -11.262 10.257  1.00 44.06 ? 113 ASN A OD1 1 
ATOM   858  N ND2 . ASN A 1 113 ? 1.795   -11.270 11.799  1.00 43.45 ? 113 ASN A ND2 1 
ATOM   859  N N   . LYS A 1 114 ? 0.758   -7.694  7.583   1.00 29.81 ? 114 LYS A N   1 
ATOM   860  C CA  . LYS A 1 114 ? -0.213  -7.116  6.666   1.00 29.34 ? 114 LYS A CA  1 
ATOM   861  C C   . LYS A 1 114 ? 0.276   -7.087  5.225   1.00 26.95 ? 114 LYS A C   1 
ATOM   862  O O   . LYS A 1 114 ? -0.481  -7.355  4.311   1.00 25.08 ? 114 LYS A O   1 
ATOM   863  C CB  . LYS A 1 114 ? -0.621  -5.692  7.099   1.00 30.27 ? 114 LYS A CB  1 
ATOM   864  C CG  . LYS A 1 114 ? -1.960  -5.630  7.810   1.00 37.79 ? 114 LYS A CG  1 
ATOM   865  C CD  . LYS A 1 114 ? -3.063  -5.167  6.855   1.00 44.13 ? 114 LYS A CD  1 
ATOM   866  C CE  . LYS A 1 114 ? -4.441  -5.420  7.443   1.00 49.35 ? 114 LYS A CE  1 
ATOM   867  N NZ  . LYS A 1 114 ? -5.516  -4.936  6.519   1.00 50.01 ? 114 LYS A NZ  1 
ATOM   868  N N   . ILE A 1 115 ? 1.526   -6.706  5.036   1.00 25.47 ? 115 ILE A N   1 
ATOM   869  C CA  . ILE A 1 115 ? 2.112   -6.640  3.698   1.00 25.84 ? 115 ILE A CA  1 
ATOM   870  C C   . ILE A 1 115 ? 2.154   -8.001  3.010   1.00 26.09 ? 115 ILE A C   1 
ATOM   871  O O   . ILE A 1 115 ? 1.821   -8.118  1.825   1.00 25.15 ? 115 ILE A O   1 
ATOM   872  C CB  . ILE A 1 115 ? 3.512   -6.019  3.725   1.00 24.90 ? 115 ILE A CB  1 
ATOM   873  C CG1 . ILE A 1 115 ? 3.396   -4.538  4.062   1.00 26.91 ? 115 ILE A CG1 1 
ATOM   874  C CG2 . ILE A 1 115 ? 4.191   -6.164  2.374   1.00 24.61 ? 115 ILE A CG2 1 
ATOM   875  C CD1 . ILE A 1 115 ? 4.720   -3.764  4.004   1.00 28.25 ? 115 ILE A CD1 1 
ATOM   876  N N   . LEU A 1 116 ? 2.587   -9.025  3.736   1.00 26.46 ? 116 LEU A N   1 
ATOM   877  C CA  . LEU A 1 116 ? 2.594   -10.369 3.165   1.00 27.35 ? 116 LEU A CA  1 
ATOM   878  C C   . LEU A 1 116 ? 1.171   -10.869 2.877   1.00 27.13 ? 116 LEU A C   1 
ATOM   879  O O   . LEU A 1 116 ? 0.949   -11.505 1.871   1.00 27.66 ? 116 LEU A O   1 
ATOM   880  C CB  . LEU A 1 116 ? 3.349   -11.348 4.052   1.00 27.77 ? 116 LEU A CB  1 
ATOM   881  C CG  . LEU A 1 116 ? 4.749   -10.910 4.480   1.00 31.44 ? 116 LEU A CG  1 
ATOM   882  C CD1 . LEU A 1 116 ? 5.298   -11.964 5.450   1.00 36.07 ? 116 LEU A CD1 1 
ATOM   883  C CD2 . LEU A 1 116 ? 5.679   -10.778 3.299   1.00 31.15 ? 116 LEU A CD2 1 
ATOM   884  N N   . GLU A 1 117 ? 0.209   -10.584 3.744   1.00 27.13 ? 117 GLU A N   1 
ATOM   885  C CA  . GLU A 1 117 ? -1.182  -10.941 3.475   1.00 28.14 ? 117 GLU A CA  1 
ATOM   886  C C   . GLU A 1 117 ? -1.703  -10.296 2.184   1.00 26.56 ? 117 GLU A C   1 
ATOM   887  O O   . GLU A 1 117 ? -2.434  -10.915 1.424   1.00 25.79 ? 117 GLU A O   1 
ATOM   888  C CB  . GLU A 1 117 ? -2.114  -10.373 4.539   1.00 29.38 ? 117 GLU A CB  1 
ATOM   889  C CG  . GLU A 1 117 ? -2.220  -11.040 5.880   1.00 37.06 ? 117 GLU A CG  1 
ATOM   890  C CD  . GLU A 1 117 ? -3.242  -10.277 6.728   1.00 44.28 ? 117 GLU A CD  1 
ATOM   891  O OE1 . GLU A 1 117 ? -2.950  -9.916  7.896   1.00 46.53 ? 117 GLU A OE1 1 
ATOM   892  O OE2 . GLU A 1 117 ? -4.340  -10.002 6.177   1.00 46.84 ? 117 GLU A OE2 1 
ATOM   893  N N   . LEU A 1 118 ? -1.414  -9.015  1.990   1.00 24.61 ? 118 LEU A N   1 
ATOM   894  C CA  . LEU A 1 118 ? -1.925  -8.328  0.797   1.00 24.46 ? 118 LEU A CA  1 
ATOM   895  C C   . LEU A 1 118 ? -1.275  -8.889  -0.481  1.00 23.59 ? 118 LEU A C   1 
ATOM   896  O O   . LEU A 1 118 ? -1.949  -9.168  -1.472  1.00 22.67 ? 118 LEU A O   1 
ATOM   897  C CB  . LEU A 1 118 ? -1.657  -6.842  0.886   1.00 23.92 ? 118 LEU A CB  1 
ATOM   898  C CG  . LEU A 1 118 ? -2.508  -6.085  1.924   1.00 24.91 ? 118 LEU A CG  1 
ATOM   899  C CD1 . LEU A 1 118 ? -2.023  -4.634  1.899   1.00 24.51 ? 118 LEU A CD1 1 
ATOM   900  C CD2 . LEU A 1 118 ? -3.987  -6.173  1.589   1.00 25.49 ? 118 LEU A CD2 1 
ATOM   901  N N   . LEU A 1 119 ? 0.036   -9.057  -0.430  1.00 22.98 ? 119 LEU A N   1 
ATOM   902  C CA  . LEU A 1 119 ? 0.771   -9.560  -1.561  1.00 24.74 ? 119 LEU A CA  1 
ATOM   903  C C   . LEU A 1 119 ? 0.215   -10.955 -1.937  1.00 25.40 ? 119 LEU A C   1 
ATOM   904  O O   . LEU A 1 119 ? -0.053  -11.235 -3.116  1.00 24.18 ? 119 LEU A O   1 
ATOM   905  C CB  . LEU A 1 119 ? 2.255   -9.591  -1.224  1.00 25.46 ? 119 LEU A CB  1 
ATOM   906  C CG  . LEU A 1 119 ? 3.250   -8.589  -1.834  1.00 26.88 ? 119 LEU A CG  1 
ATOM   907  C CD1 . LEU A 1 119 ? 2.623   -7.429  -2.564  1.00 28.71 ? 119 LEU A CD1 1 
ATOM   908  C CD2 . LEU A 1 119 ? 4.279   -8.146  -0.853  1.00 28.32 ? 119 LEU A CD2 1 
ATOM   909  N N   . TYR A 1 120 ? 0.024   -11.808 -0.933  1.00 25.86 ? 120 TYR A N   1 
ATOM   910  C CA  . TYR A 1 120 ? -0.544  -13.134 -1.177  1.00 28.58 ? 120 TYR A CA  1 
ATOM   911  C C   . TYR A 1 120 ? -1.953  -13.044 -1.803  1.00 28.36 ? 120 TYR A C   1 
ATOM   912  O O   . TYR A 1 120 ? -2.193  -13.648 -2.845  1.00 28.87 ? 120 TYR A O   1 
ATOM   913  C CB  . TYR A 1 120 ? -0.541  -14.017 0.086   1.00 29.97 ? 120 TYR A CB  1 
ATOM   914  C CG  . TYR A 1 120 ? -1.213  -15.331 -0.223  1.00 36.26 ? 120 TYR A CG  1 
ATOM   915  C CD1 . TYR A 1 120 ? -0.538  -16.320 -0.941  1.00 41.01 ? 120 TYR A CD1 1 
ATOM   916  C CD2 . TYR A 1 120 ? -2.546  -15.550 0.105   1.00 39.27 ? 120 TYR A CD2 1 
ATOM   917  C CE1 . TYR A 1 120 ? -1.152  -17.511 -1.262  1.00 44.51 ? 120 TYR A CE1 1 
ATOM   918  C CE2 . TYR A 1 120 ? -3.166  -16.740 -0.229  1.00 44.39 ? 120 TYR A CE2 1 
ATOM   919  C CZ  . TYR A 1 120 ? -2.465  -17.707 -0.909  1.00 45.88 ? 120 TYR A CZ  1 
ATOM   920  O OH  . TYR A 1 120 ? -3.091  -18.892 -1.232  1.00 52.99 ? 120 TYR A OH  1 
ATOM   921  N N   . SER A 1 121 ? -2.869  -12.273 -1.201  1.00 27.67 ? 121 SER A N   1 
ATOM   922  C CA  . SER A 1 121 ? -4.215  -12.073 -1.783  1.00 28.44 ? 121 SER A CA  1 
ATOM   923  C C   . SER A 1 121 ? -4.202  -11.598 -3.237  1.00 26.92 ? 121 SER A C   1 
ATOM   924  O O   . SER A 1 121 ? -5.066  -11.972 -4.023  1.00 25.13 ? 121 SER A O   1 
ATOM   925  C CB  . SER A 1 121 ? -5.005  -11.011 -1.023  1.00 27.51 ? 121 SER A CB  1 
ATOM   926  O OG  . SER A 1 121 ? -4.731  -11.205 0.330   1.00 34.89 ? 121 SER A OG  1 
ATOM   927  N N   . TRP A 1 122 ? -3.273  -10.707 -3.560  1.00 25.95 ? 122 TRP A N   1 
ATOM   928  C CA  . TRP A 1 122 ? -3.213  -10.198 -4.912  1.00 26.33 ? 122 TRP A CA  1 
ATOM   929  C C   . TRP A 1 122 ? -2.681  -11.263 -5.891  1.00 26.82 ? 122 TRP A C   1 
ATOM   930  O O   . TRP A 1 122 ? -3.119  -11.323 -7.045  1.00 26.39 ? 122 TRP A O   1 
ATOM   931  C CB  . TRP A 1 122 ? -2.400  -8.904  -4.987  1.00 25.31 ? 122 TRP A CB  1 
ATOM   932  C CG  . TRP A 1 122 ? -2.983  -7.800  -4.157  1.00 25.99 ? 122 TRP A CG  1 
ATOM   933  C CD1 . TRP A 1 122 ? -4.292  -7.648  -3.772  1.00 24.94 ? 122 TRP A CD1 1 
ATOM   934  C CD2 . TRP A 1 122 ? -2.269  -6.689  -3.599  1.00 24.30 ? 122 TRP A CD2 1 
ATOM   935  N NE1 . TRP A 1 122 ? -4.422  -6.510  -3.006  1.00 26.15 ? 122 TRP A NE1 1 
ATOM   936  C CE2 . TRP A 1 122 ? -3.199  -5.902  -2.891  1.00 24.81 ? 122 TRP A CE2 1 
ATOM   937  C CE3 . TRP A 1 122 ? -0.935  -6.278  -3.635  1.00 24.98 ? 122 TRP A CE3 1 
ATOM   938  C CZ2 . TRP A 1 122 ? -2.831  -4.742  -2.202  1.00 26.66 ? 122 TRP A CZ2 1 
ATOM   939  C CZ3 . TRP A 1 122 ? -0.566  -5.095  -2.951  1.00 24.85 ? 122 TRP A CZ3 1 
ATOM   940  C CH2 . TRP A 1 122 ? -1.521  -4.355  -2.251  1.00 24.67 ? 122 TRP A CH2 1 
ATOM   941  N N   . THR A 1 123 ? -1.725  -12.052 -5.422  1.00 27.38 ? 123 THR A N   1 
ATOM   942  C CA  . THR A 1 123 ? -1.150  -13.151 -6.202  1.00 29.98 ? 123 THR A CA  1 
ATOM   943  C C   . THR A 1 123 ? -2.281  -14.097 -6.669  1.00 30.83 ? 123 THR A C   1 
ATOM   944  O O   . THR A 1 123 ? -2.305  -14.559 -7.811  1.00 29.84 ? 123 THR A O   1 
ATOM   945  C CB  . THR A 1 123 ? -0.168  -13.922 -5.298  1.00 30.22 ? 123 THR A CB  1 
ATOM   946  O OG1 . THR A 1 123 ? 1.104   -13.240 -5.310  1.00 31.56 ? 123 THR A OG1 1 
ATOM   947  C CG2 . THR A 1 123 ? 0.125   -15.304 -5.834  1.00 31.82 ? 123 THR A CG2 1 
ATOM   948  N N   . VAL A 1 124 ? -3.220  -14.338 -5.763  1.00 32.20 ? 124 VAL A N   1 
ATOM   949  C CA  . VAL A 1 124 ? -4.274  -15.307 -5.948  1.00 34.60 ? 124 VAL A CA  1 
ATOM   950  C C   . VAL A 1 124 ? -5.419  -14.647 -6.644  1.00 36.26 ? 124 VAL A C   1 
ATOM   951  O O   . VAL A 1 124 ? -6.053  -15.223 -7.532  1.00 37.19 ? 124 VAL A O   1 
ATOM   952  C CB  . VAL A 1 124 ? -4.752  -15.798 -4.562  1.00 34.95 ? 124 VAL A CB  1 
ATOM   953  C CG1 . VAL A 1 124 ? -6.233  -16.075 -4.553  1.00 36.10 ? 124 VAL A CG1 1 
ATOM   954  C CG2 . VAL A 1 124 ? -3.931  -16.983 -4.106  1.00 34.48 ? 124 VAL A CG2 1 
ATOM   955  N N   . GLY A 1 125 ? -5.685  -13.412 -6.243  1.00 36.80 ? 125 GLY A N   1 
ATOM   956  C CA  . GLY A 1 125 ? -6.808  -12.655 -6.747  1.00 37.28 ? 125 GLY A CA  1 
ATOM   957  C C   . GLY A 1 125 ? -6.630  -11.934 -8.061  1.00 38.39 ? 125 GLY A C   1 
ATOM   958  O O   . GLY A 1 125 ? -7.626  -11.604 -8.702  1.00 38.22 ? 125 GLY A O   1 
ATOM   959  N N   . LEU A 1 126 ? -5.393  -11.661 -8.468  1.00 38.55 ? 126 LEU A N   1 
ATOM   960  C CA  . LEU A 1 126 ? -5.178  -10.940 -9.722  1.00 39.89 ? 126 LEU A CA  1 
ATOM   961  C C   . LEU A 1 126 ? -4.020  -11.592 -10.487 1.00 40.31 ? 126 LEU A C   1 
ATOM   962  O O   . LEU A 1 126 ? -2.928  -11.027 -10.658 1.00 39.63 ? 126 LEU A O   1 
ATOM   963  C CB  . LEU A 1 126 ? -5.007  -9.432  -9.475  1.00 41.00 ? 126 LEU A CB  1 
ATOM   964  C CG  . LEU A 1 126 ? -6.350  -8.694  -9.180  1.00 43.27 ? 126 LEU A CG  1 
ATOM   965  C CD1 . LEU A 1 126 ? -6.137  -7.258  -8.685  1.00 45.94 ? 126 LEU A CD1 1 
ATOM   966  C CD2 . LEU A 1 126 ? -7.324  -8.708  -10.362 1.00 47.67 ? 126 LEU A CD2 1 
ATOM   967  N N   . PRO A 1 127 ? -4.333  -12.778 -11.004 1.00 40.66 ? 127 PRO A N   1 
ATOM   968  C CA  . PRO A 1 127 ? -3.356  -13.683 -11.619 1.00 41.33 ? 127 PRO A CA  1 
ATOM   969  C C   . PRO A 1 127 ? -2.664  -13.013 -12.774 1.00 41.68 ? 127 PRO A C   1 
ATOM   970  O O   . PRO A 1 127 ? -1.643  -13.498 -13.250 1.00 42.63 ? 127 PRO A O   1 
ATOM   971  C CB  . PRO A 1 127 ? -4.219  -14.830 -12.155 1.00 41.72 ? 127 PRO A CB  1 
ATOM   972  C CG  . PRO A 1 127 ? -5.551  -14.707 -11.462 1.00 41.49 ? 127 PRO A CG  1 
ATOM   973  C CD  . PRO A 1 127 ? -5.718  -13.272 -11.100 1.00 40.49 ? 127 PRO A CD  1 
ATOM   974  N N   . GLU A 1 128 ? -3.228  -11.894 -13.191 1.00 41.45 ? 128 GLU A N   1 
ATOM   975  C CA  . GLU A 1 128 ? -2.755  -11.097 -14.298 1.00 42.10 ? 128 GLU A CA  1 
ATOM   976  C C   . GLU A 1 128 ? -1.694  -10.035 -13.956 1.00 41.08 ? 128 GLU A C   1 
ATOM   977  O O   . GLU A 1 128 ? -0.938  -9.596  -14.837 1.00 41.72 ? 128 GLU A O   1 
ATOM   978  C CB  . GLU A 1 128 ? -3.974  -10.417 -14.917 1.00 42.94 ? 128 GLU A CB  1 
ATOM   979  C CG  . GLU A 1 128 ? -5.261  -11.223 -14.693 1.00 48.21 ? 128 GLU A CG  1 
ATOM   980  C CD  . GLU A 1 128 ? -6.072  -10.759 -13.480 1.00 52.34 ? 128 GLU A CD  1 
ATOM   981  O OE1 . GLU A 1 128 ? -7.257  -11.145 -13.367 1.00 56.41 ? 128 GLU A OE1 1 
ATOM   982  O OE2 . GLU A 1 128 ? -5.547  -9.988  -12.658 1.00 52.72 ? 128 GLU A OE2 1 
ATOM   983  N N   . GLU A 1 129 ? -1.648  -9.579  -12.711 1.00 38.59 ? 129 GLU A N   1 
ATOM   984  C CA  . GLU A 1 129 ? -0.607  -8.643  -12.333 1.00 36.62 ? 129 GLU A CA  1 
ATOM   985  C C   . GLU A 1 129 ? 0.583   -9.512  -11.947 1.00 35.65 ? 129 GLU A C   1 
ATOM   986  O O   . GLU A 1 129 ? 0.831   -9.812  -10.766 1.00 33.41 ? 129 GLU A O   1 
ATOM   987  C CB  . GLU A 1 129 ? -1.069  -7.760  -11.180 1.00 36.61 ? 129 GLU A CB  1 
ATOM   988  C CG  . GLU A 1 129 ? -2.336  -6.980  -11.488 1.00 36.98 ? 129 GLU A CG  1 
ATOM   989  C CD  . GLU A 1 129 ? -2.084  -5.823  -12.424 1.00 39.59 ? 129 GLU A CD  1 
ATOM   990  O OE1 . GLU A 1 129 ? -2.990  -4.970  -12.605 1.00 38.64 ? 129 GLU A OE1 1 
ATOM   991  O OE2 . GLU A 1 129 ? -0.963  -5.755  -12.963 1.00 38.89 ? 129 GLU A OE2 1 
ATOM   992  N N   . VAL A 1 130 ? 1.317   -9.925  -12.976 1.00 34.38 ? 130 VAL A N   1 
ATOM   993  C CA  . VAL A 1 130 ? 2.404   -10.892 -12.834 1.00 32.74 ? 130 VAL A CA  1 
ATOM   994  C C   . VAL A 1 130 ? 3.546   -10.384 -11.992 1.00 31.15 ? 130 VAL A C   1 
ATOM   995  O O   . VAL A 1 130 ? 4.193   -11.157 -11.304 1.00 30.26 ? 130 VAL A O   1 
ATOM   996  C CB  . VAL A 1 130 ? 2.906   -11.376 -14.236 1.00 34.22 ? 130 VAL A CB  1 
ATOM   997  C CG1 . VAL A 1 130 ? 4.392   -11.722 -14.212 1.00 35.50 ? 130 VAL A CG1 1 
ATOM   998  C CG2 . VAL A 1 130 ? 2.067   -12.565 -14.724 1.00 33.67 ? 130 VAL A CG2 1 
ATOM   999  N N   . LYS A 1 131 ? 3.793   -9.079  -12.022 1.00 29.89 ? 131 LYS A N   1 
ATOM   1000 C CA  . LYS A 1 131 ? 4.869   -8.544  -11.198 1.00 29.64 ? 131 LYS A CA  1 
ATOM   1001 C C   . LYS A 1 131 ? 4.610   -8.749  -9.684  1.00 28.47 ? 131 LYS A C   1 
ATOM   1002 O O   . LYS A 1 131 ? 5.560   -9.002  -8.929  1.00 27.56 ? 131 LYS A O   1 
ATOM   1003 C CB  . LYS A 1 131 ? 5.096   -7.088  -11.514 1.00 30.65 ? 131 LYS A CB  1 
ATOM   1004 C CG  . LYS A 1 131 ? 6.539   -6.716  -11.547 1.00 34.71 ? 131 LYS A CG  1 
ATOM   1005 C CD  . LYS A 1 131 ? 7.206   -7.310  -12.779 1.00 37.16 ? 131 LYS A CD  1 
ATOM   1006 C CE  . LYS A 1 131 ? 8.662   -6.905  -12.819 1.00 37.08 ? 131 LYS A CE  1 
ATOM   1007 N NZ  . LYS A 1 131 ? 9.472   -7.998  -13.378 1.00 39.18 ? 131 LYS A NZ  1 
ATOM   1008 N N   . ILE A 1 132 ? 3.345   -8.668  -9.252  1.00 26.47 ? 132 ILE A N   1 
ATOM   1009 C CA  . ILE A 1 132 ? 3.021   -8.938  -7.844  1.00 26.13 ? 132 ILE A CA  1 
ATOM   1010 C C   . ILE A 1 132 ? 3.422   -10.365 -7.451  1.00 25.57 ? 132 ILE A C   1 
ATOM   1011 O O   . ILE A 1 132 ? 4.016   -10.579 -6.391  1.00 24.45 ? 132 ILE A O   1 
ATOM   1012 C CB  . ILE A 1 132 ? 1.475   -8.703  -7.559  1.00 26.54 ? 132 ILE A CB  1 
ATOM   1013 C CG1 . ILE A 1 132 ? 1.066   -7.246  -7.808  1.00 26.35 ? 132 ILE A CG1 1 
ATOM   1014 C CG2 . ILE A 1 132 ? 1.093   -9.156  -6.124  1.00 23.95 ? 132 ILE A CG2 1 
ATOM   1015 C CD1 . ILE A 1 132 ? -0.442  -6.975  -7.660  1.00 27.21 ? 132 ILE A CD1 1 
ATOM   1016 N N   . ALA A 1 133 ? 3.056   -11.340 -8.282  1.00 26.45 ? 133 ALA A N   1 
ATOM   1017 C CA  . ALA A 1 133 ? 3.463   -12.726 -8.011  1.00 27.07 ? 133 ALA A CA  1 
ATOM   1018 C C   . ALA A 1 133 ? 4.966   -12.899 -8.041  1.00 26.51 ? 133 ALA A C   1 
ATOM   1019 O O   . ALA A 1 133 ? 5.480   -13.751 -7.333  1.00 27.14 ? 133 ALA A O   1 
ATOM   1020 C CB  . ALA A 1 133 ? 2.747   -13.731 -8.969  1.00 28.12 ? 133 ALA A CB  1 
ATOM   1021 N N   . GLU A 1 134 ? 5.673   -12.109 -8.847  1.00 27.31 ? 134 GLU A N   1 
ATOM   1022 C CA  . GLU A 1 134 ? 7.143   -12.216 -8.868  1.00 27.96 ? 134 GLU A CA  1 
ATOM   1023 C C   . GLU A 1 134 ? 7.698   -11.723 -7.534  1.00 27.41 ? 134 GLU A C   1 
ATOM   1024 O O   . GLU A 1 134 ? 8.649   -12.300 -6.990  1.00 26.07 ? 134 GLU A O   1 
ATOM   1025 C CB  . GLU A 1 134 ? 7.785   -11.357 -9.964  1.00 28.89 ? 134 GLU A CB  1 
ATOM   1026 C CG  . GLU A 1 134 ? 7.944   -11.972 -11.344 1.00 31.79 ? 134 GLU A CG  1 
ATOM   1027 C CD  . GLU A 1 134 ? 8.544   -10.960 -12.321 1.00 34.99 ? 134 GLU A CD  1 
ATOM   1028 O OE1 . GLU A 1 134 ? 9.566   -10.349 -11.960 1.00 35.98 ? 134 GLU A OE1 1 
ATOM   1029 O OE2 . GLU A 1 134 ? 7.959   -10.728 -13.409 1.00 37.17 ? 134 GLU A OE2 1 
ATOM   1030 N N   . ALA A 1 135 ? 7.108   -10.636 -7.023  1.00 26.40 ? 135 ALA A N   1 
ATOM   1031 C CA  . ALA A 1 135 ? 7.574   -10.073 -5.756  1.00 26.66 ? 135 ALA A CA  1 
ATOM   1032 C C   . ALA A 1 135 ? 7.347   -11.098 -4.653  1.00 27.55 ? 135 ALA A C   1 
ATOM   1033 O O   . ALA A 1 135 ? 8.267   -11.342 -3.816  1.00 26.98 ? 135 ALA A O   1 
ATOM   1034 C CB  . ALA A 1 135 ? 6.833   -8.734  -5.422  1.00 25.62 ? 135 ALA A CB  1 
ATOM   1035 N N   . TYR A 1 136 ? 6.145   -11.690 -4.659  1.00 27.54 ? 136 TYR A N   1 
ATOM   1036 C CA  . TYR A 1 136 ? 5.780   -12.646 -3.628  1.00 29.61 ? 136 TYR A CA  1 
ATOM   1037 C C   . TYR A 1 136 ? 6.736   -13.855 -3.603  1.00 30.86 ? 136 TYR A C   1 
ATOM   1038 O O   . TYR A 1 136 ? 7.271   -14.197 -2.561  1.00 29.71 ? 136 TYR A O   1 
ATOM   1039 C CB  . TYR A 1 136 ? 4.341   -13.120 -3.793  1.00 29.14 ? 136 TYR A CB  1 
ATOM   1040 C CG  . TYR A 1 136 ? 3.894   -14.011 -2.646  1.00 32.43 ? 136 TYR A CG  1 
ATOM   1041 C CD1 . TYR A 1 136 ? 3.567   -13.465 -1.424  1.00 34.39 ? 136 TYR A CD1 1 
ATOM   1042 C CD2 . TYR A 1 136 ? 3.811   -15.399 -2.796  1.00 35.36 ? 136 TYR A CD2 1 
ATOM   1043 C CE1 . TYR A 1 136 ? 3.155   -14.251 -0.366  1.00 39.72 ? 136 TYR A CE1 1 
ATOM   1044 C CE2 . TYR A 1 136 ? 3.397   -16.207 -1.746  1.00 38.75 ? 136 TYR A CE2 1 
ATOM   1045 C CZ  . TYR A 1 136 ? 3.077   -15.622 -0.528  1.00 41.02 ? 136 TYR A CZ  1 
ATOM   1046 O OH  . TYR A 1 136 ? 2.660   -16.378 0.535   1.00 44.53 ? 136 TYR A OH  1 
ATOM   1047 N N   . GLN A 1 137 ? 6.925   -14.505 -4.751  1.00 32.59 ? 137 GLN A N   1 
ATOM   1048 C CA  . GLN A 1 137 ? 7.909   -15.607 -4.835  1.00 35.77 ? 137 GLN A CA  1 
ATOM   1049 C C   . GLN A 1 137 ? 9.306   -15.205 -4.330  1.00 35.43 ? 137 GLN A C   1 
ATOM   1050 O O   . GLN A 1 137 ? 9.919   -15.951 -3.617  1.00 36.44 ? 137 GLN A O   1 
ATOM   1051 C CB  . GLN A 1 137 ? 7.997   -16.175 -6.251  1.00 36.20 ? 137 GLN A CB  1 
ATOM   1052 C CG  . GLN A 1 137 ? 6.743   -16.935 -6.673  1.00 42.33 ? 137 GLN A CG  1 
ATOM   1053 C CD  . GLN A 1 137 ? 6.660   -18.309 -6.020  1.00 47.58 ? 137 GLN A CD  1 
ATOM   1054 O OE1 . GLN A 1 137 ? 7.704   -18.909 -5.638  1.00 49.25 ? 137 GLN A OE1 1 
ATOM   1055 N NE2 . GLN A 1 137 ? 5.429   -18.821 -5.887  1.00 51.04 ? 137 GLN A NE2 1 
ATOM   1056 N N   . MET A 1 138 ? 9.779   -14.011 -4.661  1.00 35.16 ? 138 MET A N   1 
ATOM   1057 C CA  . MET A 1 138 ? 11.070  -13.601 -4.156  1.00 36.13 ? 138 MET A CA  1 
ATOM   1058 C C   . MET A 1 138 ? 11.173  -13.602 -2.622  1.00 36.26 ? 138 MET A C   1 
ATOM   1059 O O   . MET A 1 138 ? 12.157  -14.067 -2.054  1.00 34.37 ? 138 MET A O   1 
ATOM   1060 C CB  . MET A 1 138 ? 11.521  -12.263 -4.702  1.00 36.65 ? 138 MET A CB  1 
ATOM   1061 C CG  . MET A 1 138 ? 12.989  -12.099 -4.483  1.00 40.19 ? 138 MET A CG  1 
ATOM   1062 S SD  . MET A 1 138 ? 13.425  -10.491 -3.924  1.00 50.53 ? 138 MET A SD  1 
ATOM   1063 C CE  . MET A 1 138 ? 12.042  -10.099 -2.868  1.00 45.20 ? 138 MET A CE  1 
ATOM   1064 N N   . LEU A 1 139 ? 10.159  -13.054 -1.966  1.00 36.89 ? 139 LEU A N   1 
ATOM   1065 C CA  . LEU A 1 139 ? 10.102  -13.055 -0.514  1.00 38.82 ? 139 LEU A CA  1 
ATOM   1066 C C   . LEU A 1 139 ? 10.068  -14.503 0.041   1.00 40.11 ? 139 LEU A C   1 
ATOM   1067 O O   . LEU A 1 139 ? 10.685  -14.812 1.060   1.00 40.16 ? 139 LEU A O   1 
ATOM   1068 C CB  . LEU A 1 139 ? 8.872   -12.285 -0.047  1.00 38.26 ? 139 LEU A CB  1 
ATOM   1069 C CG  . LEU A 1 139 ? 9.027   -10.780 0.209   1.00 40.29 ? 139 LEU A CG  1 
ATOM   1070 C CD1 . LEU A 1 139 ? 10.330  -10.174 -0.346  1.00 39.23 ? 139 LEU A CD1 1 
ATOM   1071 C CD2 . LEU A 1 139 ? 7.824   -9.980  -0.246  1.00 39.17 ? 139 LEU A CD2 1 
ATOM   1072 N N   . LYS A 1 140 ? 9.326   -15.360 -0.639  1.00 42.00 ? 140 LYS A N   1 
ATOM   1073 C CA  . LYS A 1 140 ? 9.206   -16.761 -0.292  1.00 44.97 ? 140 LYS A CA  1 
ATOM   1074 C C   . LYS A 1 140 ? 10.594  -17.403 -0.442  1.00 46.10 ? 140 LYS A C   1 
ATOM   1075 O O   . LYS A 1 140 ? 11.065  -18.108 0.453   1.00 46.21 ? 140 LYS A O   1 
ATOM   1076 C CB  . LYS A 1 140 ? 8.214   -17.405 -1.258  1.00 45.03 ? 140 LYS A CB  1 
ATOM   1077 C CG  . LYS A 1 140 ? 7.198   -18.366 -0.682  1.00 46.81 ? 140 LYS A CG  1 
ATOM   1078 C CD  . LYS A 1 140 ? 6.189   -18.719 -1.781  1.00 49.97 ? 140 LYS A CD  1 
ATOM   1079 C CE  . LYS A 1 140 ? 5.347   -19.946 -1.453  1.00 52.06 ? 140 LYS A CE  1 
ATOM   1080 N NZ  . LYS A 1 140 ? 6.132   -21.222 -1.534  1.00 52.48 ? 140 LYS A NZ  1 
ATOM   1081 N N   . LYS A 1 141 ? 11.264  -17.098 -1.549  1.00 47.14 ? 141 LYS A N   1 
ATOM   1082 C CA  . LYS A 1 141 ? 12.609  -17.609 -1.821  1.00 48.68 ? 141 LYS A CA  1 
ATOM   1083 C C   . LYS A 1 141 ? 13.669  -17.106 -0.865  1.00 49.04 ? 141 LYS A C   1 
ATOM   1084 O O   . LYS A 1 141 ? 14.746  -17.665 -0.784  1.00 50.01 ? 141 LYS A O   1 
ATOM   1085 C CB  . LYS A 1 141 ? 13.045  -17.274 -3.251  1.00 49.00 ? 141 LYS A CB  1 
ATOM   1086 C CG  . LYS A 1 141 ? 13.120  -18.471 -4.194  1.00 51.27 ? 141 LYS A CG  1 
ATOM   1087 C CD  . LYS A 1 141 ? 13.732  -18.075 -5.531  1.00 54.67 ? 141 LYS A CD  1 
ATOM   1088 C CE  . LYS A 1 141 ? 13.267  -18.990 -6.659  1.00 56.73 ? 141 LYS A CE  1 
ATOM   1089 N NZ  . LYS A 1 141 ? 13.499  -18.348 -7.992  1.00 60.53 ? 141 LYS A NZ  1 
ATOM   1090 N N   . GLN A 1 142 ? 13.388  -16.028 -0.162  1.00 49.13 ? 142 GLN A N   1 
ATOM   1091 C CA  . GLN A 1 142 ? 14.356  -15.493 0.764   1.00 48.92 ? 142 GLN A CA  1 
ATOM   1092 C C   . GLN A 1 142 ? 13.926  -15.910 2.148   1.00 48.52 ? 142 GLN A C   1 
ATOM   1093 O O   . GLN A 1 142 ? 14.595  -15.620 3.118   1.00 48.58 ? 142 GLN A O   1 
ATOM   1094 C CB  . GLN A 1 142 ? 14.395  -13.964 0.692   1.00 49.52 ? 142 GLN A CB  1 
ATOM   1095 C CG  . GLN A 1 142 ? 15.082  -13.375 -0.536  1.00 51.07 ? 142 GLN A CG  1 
ATOM   1096 C CD  . GLN A 1 142 ? 14.935  -11.842 -0.607  1.00 53.10 ? 142 GLN A CD  1 
ATOM   1097 O OE1 . GLN A 1 142 ? 14.269  -11.319 -1.498  1.00 54.17 ? 142 GLN A OE1 1 
ATOM   1098 N NE2 . GLN A 1 142 ? 15.550  -11.138 0.335   1.00 54.75 ? 142 GLN A NE2 1 
ATOM   1099 N N   . GLY A 1 143 ? 12.786  -16.568 2.247   1.00 48.16 ? 143 GLY A N   1 
ATOM   1100 C CA  . GLY A 1 143 ? 12.311  -17.002 3.539   1.00 48.46 ? 143 GLY A CA  1 
ATOM   1101 C C   . GLY A 1 143 ? 11.518  -15.971 4.323   1.00 48.98 ? 143 GLY A C   1 
ATOM   1102 O O   . GLY A 1 143 ? 11.102  -16.226 5.457   1.00 49.02 ? 143 GLY A O   1 
ATOM   1103 N N   . ILE A 1 144 ? 11.287  -14.800 3.741   1.00 48.91 ? 144 ILE A N   1 
ATOM   1104 C CA  . ILE A 1 144 ? 10.542  -13.798 4.471   1.00 48.76 ? 144 ILE A CA  1 
ATOM   1105 C C   . ILE A 1 144 ? 9.111   -14.247 4.738   1.00 49.52 ? 144 ILE A C   1 
ATOM   1106 O O   . ILE A 1 144 ? 8.593   -14.090 5.832   1.00 49.55 ? 144 ILE A O   1 
ATOM   1107 C CB  . ILE A 1 144 ? 10.609  -12.452 3.766   1.00 48.04 ? 144 ILE A CB  1 
ATOM   1108 C CG1 . ILE A 1 144 ? 11.989  -11.829 3.990   1.00 47.42 ? 144 ILE A CG1 1 
ATOM   1109 C CG2 . ILE A 1 144 ? 9.561   -11.544 4.321   1.00 48.42 ? 144 ILE A CG2 1 
ATOM   1110 C CD1 . ILE A 1 144 ? 12.487  -10.943 2.847   1.00 46.60 ? 144 ILE A CD1 1 
ATOM   1111 N N   . VAL A 1 145 ? 8.464   -14.847 3.762   1.00 50.90 ? 145 VAL A N   1 
ATOM   1112 C CA  . VAL A 1 145 ? 7.095   -15.245 4.014   1.00 52.35 ? 145 VAL A CA  1 
ATOM   1113 C C   . VAL A 1 145 ? 7.050   -16.576 4.759   1.00 53.07 ? 145 VAL A C   1 
ATOM   1114 O O   . VAL A 1 145 ? 6.832   -17.623 4.149   1.00 54.30 ? 145 VAL A O   1 
ATOM   1115 C CB  . VAL A 1 145 ? 6.263   -15.332 2.720   1.00 52.50 ? 145 VAL A CB  1 
ATOM   1116 C CG1 . VAL A 1 145 ? 4.954   -14.597 2.917   1.00 53.14 ? 145 VAL A CG1 1 
ATOM   1117 C CG2 . VAL A 1 145 ? 7.004   -14.717 1.581   1.00 51.97 ? 145 VAL A CG2 1 
HETATM 1118 O O   . HOH B 2 .   ? -7.575  5.857   9.066   1.00 25.30 ? 148 HOH A O   1 
HETATM 1119 O O   . HOH B 2 .   ? -11.155 -2.164  2.928   1.00 37.16 ? 149 HOH A O   1 
HETATM 1120 O O   . HOH B 2 .   ? -14.916 0.538   0.872   0.50 30.07 ? 150 HOH A O   1 
HETATM 1121 O O   . HOH B 2 .   ? -13.779 -0.817  -0.903  1.00 43.96 ? 151 HOH A O   1 
HETATM 1122 O O   . HOH B 2 .   ? 0.105   11.163  7.682   1.00 33.52 ? 152 HOH A O   1 
HETATM 1123 O O   . HOH B 2 .   ? -6.950  -5.389  -1.677  1.00 30.19 ? 153 HOH A O   1 
HETATM 1124 O O   . HOH B 2 .   ? 6.912   1.002   8.049   1.00 22.43 ? 154 HOH A O   1 
HETATM 1125 O O   . HOH B 2 .   ? 11.230  1.779   -6.113  1.00 41.00 ? 155 HOH A O   1 
HETATM 1126 O O   . HOH B 2 .   ? -17.782 9.980   -14.087 1.00 36.62 ? 156 HOH A O   1 
HETATM 1127 O O   . HOH B 2 .   ? -9.246  4.548   -10.433 1.00 35.82 ? 157 HOH A O   1 
HETATM 1128 O O   . HOH B 2 .   ? 3.335   2.948   -9.698  1.00 37.48 ? 158 HOH A O   1 
HETATM 1129 O O   . HOH B 2 .   ? -3.090  3.423   -14.249 1.00 49.93 ? 159 HOH A O   1 
HETATM 1130 O O   . HOH B 2 .   ? -13.326 3.016   -1.455  1.00 39.72 ? 160 HOH A O   1 
HETATM 1131 O O   . HOH B 2 .   ? -4.285  16.883  -5.740  1.00 49.63 ? 161 HOH A O   1 
HETATM 1132 O O   . HOH B 2 .   ? 2.421   -6.414  -12.476 1.00 44.94 ? 162 HOH A O   1 
HETATM 1133 O O   . HOH B 2 .   ? -13.174 12.064  -2.512  1.00 44.07 ? 163 HOH A O   1 
HETATM 1134 O O   . HOH B 2 .   ? -0.042  -15.554 -11.933 1.00 39.47 ? 164 HOH A O   1 
HETATM 1135 O O   . HOH B 2 .   ? -11.060 13.363  -8.510  1.00 49.73 ? 165 HOH A O   1 
HETATM 1136 O O   . HOH B 2 .   ? 11.819  -10.758 -13.849 1.00 47.65 ? 166 HOH A O   1 
HETATM 1137 O O   . HOH B 2 .   ? -15.850 1.075   -8.184  1.00 49.30 ? 167 HOH A O   1 
HETATM 1138 O O   . HOH B 2 .   ? -0.617  -11.186 -8.864  1.00 49.05 ? 168 HOH A O   1 
HETATM 1139 O O   . HOH B 2 .   ? 10.809  -14.053 -8.225  1.00 46.19 ? 169 HOH A O   1 
HETATM 1140 O O   . HOH B 2 .   ? 11.159  5.024   6.441   1.00 61.15 ? 170 HOH A O   1 
HETATM 1141 O O   . HOH B 2 .   ? 8.917   -6.523  -16.022 1.00 67.13 ? 171 HOH A O   1 
HETATM 1142 O O   . HOH B 2 .   ? -7.531  5.452   -17.353 1.00 52.27 ? 172 HOH A O   1 
HETATM 1143 O O   . HOH B 2 .   ? -13.892 13.633  -4.663  1.00 65.55 ? 173 HOH A O   1 
HETATM 1144 O O   . HOH B 2 .   ? -4.701  16.797  6.096   1.00 50.14 ? 174 HOH A O   1 
HETATM 1145 O O   . HOH B 2 .   ? 0.607   -19.913 -2.625  1.00 58.62 ? 175 HOH A O   1 
HETATM 1146 O O   . HOH B 2 .   ? -13.126 1.735   -10.137 1.00 60.38 ? 176 HOH A O   1 
HETATM 1147 O O   . HOH B 2 .   ? 15.218  -8.863  0.222   1.00 60.20 ? 177 HOH A O   1 
HETATM 1148 O O   . HOH B 2 .   ? -0.924  13.591  8.954   1.00 57.21 ? 178 HOH A O   1 
HETATM 1149 O O   . HOH B 2 .   ? -0.436  -14.519 -9.618  1.00 54.68 ? 179 HOH A O   1 
HETATM 1150 O O   . HOH B 2 .   ? 2.137   13.196  2.653   1.00 57.06 ? 180 HOH A O   1 
HETATM 1151 O O   . HOH B 2 .   ? -16.295 9.456   2.196   1.00 58.81 ? 181 HOH A O   1 
# 
